data_3TOY
#
_entry.id   3TOY
#
_cell.length_a   118.389
_cell.length_b   131.838
_cell.length_c   108.825
_cell.angle_alpha   90.00
_cell.angle_beta   90.00
_cell.angle_gamma   90.00
#
_symmetry.space_group_name_H-M   'P 21 21 2'
#
loop_
_entity.id
_entity.type
_entity.pdbx_description
1 polymer 'Mandelate racemase/muconate lactonizing enzyme family protein'
2 non-polymer 'CALCIUM ION'
3 non-polymer 'ACETATE ION'
4 non-polymer 'NICKEL (II) ION'
5 non-polymer 'O-ACETALDEHYDYL-HEXAETHYLENE GLYCOL'
6 water water
#
_entity_poly.entity_id   1
_entity_poly.type   'polypeptide(L)'
_entity_poly.pdbx_seq_one_letter_code
;MHHHHHHSSGVDLGTENLYFQSMMTTAAITGVTARAVITPMKRPLRNAFGVIDSGPLVLIDVTTDQGVTGHSYLFAYTRL
ALKPLVHLVEDIGRELAGKALVPVDLMKAMDAKFRLLGWQGLVGMAVSGLDMAFWDALGQLAGKPVVELLGGSARPIPAY
DSYGVLDARDDERTLRTACDEHGFRAIKSKGGHGDLATDEAMIKGLRALLGPDIALMLDFNQSLDPAEATRRIARLADYD
LTWIEEPVPQENLSGHAAVRERSEIPIQAGENWWFPRGFAEAIAAGASDFIMPDLMKVGGITGWLNVAGQADAASIPMSS
HILPEASAHVLPVTPTAHFLEVLDFAGAILTEPLRVIDGKVTAKGPGLGLAWNESAVAKYQVT
;
_entity_poly.pdbx_strand_id   A,B,C,D
#
# COMPACT_ATOMS: atom_id res chain seq x y z
N THR A 25 -32.80 29.41 2.75
CA THR A 25 -33.71 28.34 3.25
C THR A 25 -33.97 27.22 2.23
N THR A 26 -34.03 25.98 2.71
CA THR A 26 -34.14 24.80 1.85
C THR A 26 -35.58 24.47 1.44
N ALA A 27 -35.77 24.10 0.18
CA ALA A 27 -37.11 23.73 -0.29
C ALA A 27 -37.71 22.57 0.50
N ALA A 28 -39.04 22.59 0.64
CA ALA A 28 -39.77 21.45 1.19
C ALA A 28 -40.64 20.84 0.13
N ILE A 29 -40.89 19.54 0.28
CA ILE A 29 -41.76 18.82 -0.61
C ILE A 29 -43.19 19.15 -0.22
N THR A 30 -44.05 19.38 -1.21
CA THR A 30 -45.47 19.66 -0.96
C THR A 30 -46.34 18.49 -1.43
N GLY A 31 -45.91 17.77 -2.45
CA GLY A 31 -46.68 16.64 -2.90
C GLY A 31 -45.95 15.79 -3.93
N VAL A 32 -46.52 14.63 -4.19
CA VAL A 32 -45.96 13.70 -5.15
C VAL A 32 -47.09 13.08 -5.96
N THR A 33 -46.99 13.13 -7.28
CA THR A 33 -47.97 12.44 -8.09
C THR A 33 -47.23 11.57 -9.10
N ALA A 34 -47.87 10.48 -9.51
CA ALA A 34 -47.29 9.59 -10.49
C ALA A 34 -48.31 9.27 -11.55
N ARG A 35 -47.86 9.22 -12.80
CA ARG A 35 -48.74 8.80 -13.88
C ARG A 35 -48.13 7.67 -14.69
N ALA A 36 -48.98 6.76 -15.15
CA ALA A 36 -48.56 5.65 -15.99
C ALA A 36 -48.80 5.96 -17.47
N VAL A 37 -47.81 5.66 -18.31
CA VAL A 37 -47.98 5.77 -19.76
C VAL A 37 -47.45 4.52 -20.44
N ILE A 38 -47.95 4.24 -21.62
CA ILE A 38 -47.35 3.22 -22.46
C ILE A 38 -46.97 3.85 -23.80
N THR A 39 -45.69 4.06 -23.99
CA THR A 39 -45.18 4.70 -25.20
C THR A 39 -44.99 3.70 -26.31
N PRO A 40 -45.13 4.15 -27.57
CA PRO A 40 -44.90 3.25 -28.69
C PRO A 40 -43.41 3.05 -28.94
N MET A 41 -43.06 1.89 -29.48
CA MET A 41 -41.67 1.58 -29.86
CA MET A 41 -41.67 1.66 -29.87
C MET A 41 -41.59 1.28 -31.35
N LYS A 42 -40.67 1.93 -32.05
CA LYS A 42 -40.50 1.71 -33.49
C LYS A 42 -40.25 0.23 -33.78
N ARG A 43 -39.27 -0.34 -33.09
CA ARG A 43 -38.85 -1.71 -33.31
C ARG A 43 -39.00 -2.55 -32.05
N PRO A 44 -39.74 -3.66 -32.17
CA PRO A 44 -39.89 -4.60 -31.05
C PRO A 44 -38.53 -5.15 -30.62
N LEU A 45 -38.33 -5.27 -29.32
CA LEU A 45 -37.08 -5.80 -28.77
C LEU A 45 -37.29 -7.21 -28.24
N ARG A 46 -36.95 -8.20 -29.06
CA ARG A 46 -37.11 -9.58 -28.64
CA ARG A 46 -37.11 -9.58 -28.65
C ARG A 46 -35.94 -10.00 -27.75
N ASN A 47 -36.26 -10.64 -26.63
CA ASN A 47 -35.23 -11.19 -25.74
C ASN A 47 -35.47 -12.67 -25.44
N ALA A 48 -34.62 -13.27 -24.63
CA ALA A 48 -34.74 -14.71 -24.34
C ALA A 48 -36.02 -15.06 -23.59
N PHE A 49 -36.62 -14.10 -22.91
CA PHE A 49 -37.81 -14.38 -22.09
C PHE A 49 -39.15 -13.88 -22.66
N GLY A 50 -39.08 -13.14 -23.76
CA GLY A 50 -40.28 -12.58 -24.35
C GLY A 50 -39.95 -11.42 -25.25
N VAL A 51 -40.90 -10.50 -25.38
CA VAL A 51 -40.69 -9.38 -26.27
C VAL A 51 -41.14 -8.12 -25.54
N ILE A 52 -40.33 -7.08 -25.61
CA ILE A 52 -40.74 -5.77 -25.14
C ILE A 52 -41.09 -5.00 -26.42
N ASP A 53 -42.37 -4.71 -26.60
CA ASP A 53 -42.83 -4.06 -27.84
C ASP A 53 -43.46 -2.70 -27.59
N SER A 54 -43.34 -2.21 -26.35
CA SER A 54 -43.87 -0.90 -25.99
C SER A 54 -43.09 -0.45 -24.77
N GLY A 55 -43.36 0.77 -24.31
CA GLY A 55 -42.66 1.30 -23.14
C GLY A 55 -43.60 1.65 -21.99
N PRO A 56 -43.83 0.69 -21.09
CA PRO A 56 -44.60 1.03 -19.88
C PRO A 56 -43.74 1.85 -18.93
N LEU A 57 -44.11 3.12 -18.73
CA LEU A 57 -43.33 4.04 -17.89
C LEU A 57 -44.19 4.60 -16.76
N VAL A 58 -43.54 4.97 -15.66
CA VAL A 58 -44.18 5.72 -14.59
C VAL A 58 -43.49 7.07 -14.50
N LEU A 59 -44.26 8.15 -14.67
CA LEU A 59 -43.70 9.50 -14.67
C LEU A 59 -43.98 10.13 -13.33
N ILE A 60 -42.93 10.63 -12.69
CA ILE A 60 -42.98 11.01 -11.29
C ILE A 60 -42.76 12.50 -11.20
N ASP A 61 -43.64 13.16 -10.44
CA ASP A 61 -43.53 14.60 -10.20
C ASP A 61 -43.48 14.86 -8.71
N VAL A 62 -42.48 15.58 -8.28
CA VAL A 62 -42.37 15.93 -6.88
C VAL A 62 -42.47 17.44 -6.75
N THR A 63 -43.61 17.92 -6.26
CA THR A 63 -43.82 19.37 -6.17
C THR A 63 -43.16 19.86 -4.90
N THR A 64 -42.61 21.07 -4.98
CA THR A 64 -41.97 21.71 -3.84
C THR A 64 -42.64 23.06 -3.57
N ASP A 65 -42.19 23.72 -2.51
CA ASP A 65 -42.73 25.03 -2.14
C ASP A 65 -41.87 26.19 -2.68
N GLN A 66 -41.06 25.92 -3.70
CA GLN A 66 -40.21 26.97 -4.27
C GLN A 66 -40.35 27.09 -5.78
N GLY A 67 -41.54 26.75 -6.28
CA GLY A 67 -41.88 27.00 -7.68
C GLY A 67 -41.26 26.00 -8.63
N VAL A 68 -40.75 24.89 -8.09
CA VAL A 68 -40.16 23.84 -8.93
C VAL A 68 -40.79 22.49 -8.65
N THR A 69 -40.99 21.73 -9.71
CA THR A 69 -41.43 20.34 -9.61
C THR A 69 -40.36 19.41 -10.19
N GLY A 70 -39.82 18.53 -9.33
CA GLY A 70 -38.83 17.54 -9.77
C GLY A 70 -39.49 16.44 -10.56
N HIS A 71 -38.81 15.96 -11.60
CA HIS A 71 -39.34 14.92 -12.43
C HIS A 71 -38.35 13.74 -12.51
N SER A 72 -38.88 12.55 -12.71
CA SER A 72 -38.08 11.39 -13.07
C SER A 72 -39.03 10.39 -13.68
N TYR A 73 -38.52 9.35 -14.32
CA TYR A 73 -39.41 8.26 -14.74
C TYR A 73 -38.78 6.88 -14.48
N LEU A 74 -39.66 5.89 -14.39
CA LEU A 74 -39.31 4.49 -14.27
C LEU A 74 -39.76 3.75 -15.52
N PHE A 75 -38.89 2.88 -16.05
CA PHE A 75 -39.32 1.85 -17.00
C PHE A 75 -39.84 0.71 -16.16
N ALA A 76 -41.05 0.26 -16.45
CA ALA A 76 -41.74 -0.66 -15.55
C ALA A 76 -41.71 -2.10 -16.02
N TYR A 77 -41.06 -2.35 -17.16
CA TYR A 77 -40.96 -3.70 -17.73
C TYR A 77 -42.25 -4.27 -18.30
N THR A 78 -43.31 -4.25 -17.50
CA THR A 78 -44.60 -4.86 -17.87
C THR A 78 -45.76 -3.98 -17.38
N ARG A 79 -46.89 -3.98 -18.09
CA ARG A 79 -48.00 -3.09 -17.69
C ARG A 79 -48.53 -3.51 -16.33
N LEU A 80 -48.37 -4.79 -16.01
CA LEU A 80 -48.75 -5.30 -14.70
C LEU A 80 -48.14 -4.50 -13.54
N ALA A 81 -46.96 -3.93 -13.73
CA ALA A 81 -46.29 -3.22 -12.64
C ALA A 81 -46.74 -1.75 -12.51
N LEU A 82 -47.46 -1.24 -13.49
CA LEU A 82 -47.77 0.20 -13.52
C LEU A 82 -48.61 0.63 -12.33
N LYS A 83 -49.76 -0.02 -12.13
CA LYS A 83 -50.65 0.42 -11.06
C LYS A 83 -49.99 0.34 -9.69
N PRO A 84 -49.40 -0.81 -9.36
CA PRO A 84 -48.67 -0.97 -8.09
C PRO A 84 -47.62 0.15 -7.90
N LEU A 85 -46.83 0.43 -8.95
CA LEU A 85 -45.77 1.46 -8.86
C LEU A 85 -46.36 2.85 -8.63
N VAL A 86 -47.44 3.15 -9.35
CA VAL A 86 -48.11 4.45 -9.14
C VAL A 86 -48.56 4.62 -7.68
N HIS A 87 -49.18 3.60 -7.15
CA HIS A 87 -49.61 3.56 -5.78
C HIS A 87 -48.47 3.76 -4.82
N LEU A 88 -47.41 3.00 -5.00
CA LEU A 88 -46.28 3.06 -4.09
C LEU A 88 -45.66 4.44 -4.07
N VAL A 89 -45.43 5.01 -5.24
CA VAL A 89 -44.82 6.32 -5.33
C VAL A 89 -45.71 7.36 -4.63
N GLU A 90 -47.02 7.27 -4.87
CA GLU A 90 -47.94 8.25 -4.30
C GLU A 90 -48.08 8.07 -2.81
N ASP A 91 -48.16 6.82 -2.38
CA ASP A 91 -48.26 6.49 -0.96
C ASP A 91 -47.01 6.97 -0.21
N ILE A 92 -45.84 6.64 -0.73
CA ILE A 92 -44.58 7.04 -0.09
C ILE A 92 -44.45 8.55 -0.14
N GLY A 93 -44.75 9.12 -1.30
CA GLY A 93 -44.64 10.56 -1.50
C GLY A 93 -45.53 11.31 -0.55
N ARG A 94 -46.71 10.80 -0.33
CA ARG A 94 -47.63 11.46 0.55
C ARG A 94 -47.03 11.59 1.92
N GLU A 95 -46.31 10.57 2.38
CA GLU A 95 -45.71 10.61 3.70
C GLU A 95 -44.51 11.54 3.81
N LEU A 96 -44.03 12.05 2.67
CA LEU A 96 -42.89 12.94 2.68
C LEU A 96 -43.30 14.40 2.63
N ALA A 97 -44.59 14.68 2.62
CA ALA A 97 -45.06 16.06 2.56
C ALA A 97 -44.49 16.86 3.73
N GLY A 98 -44.04 18.08 3.47
CA GLY A 98 -43.46 18.92 4.51
C GLY A 98 -41.97 18.72 4.79
N LYS A 99 -41.42 17.59 4.35
CA LYS A 99 -40.00 17.29 4.57
C LYS A 99 -39.08 18.13 3.69
N ALA A 100 -37.92 18.47 4.25
CA ALA A 100 -36.88 19.20 3.52
C ALA A 100 -36.32 18.35 2.37
N LEU A 101 -36.05 19.01 1.26
CA LEU A 101 -35.59 18.36 0.04
C LEU A 101 -34.09 18.11 0.20
N VAL A 102 -33.77 17.01 0.86
CA VAL A 102 -32.40 16.66 1.21
C VAL A 102 -32.24 15.19 0.86
N PRO A 103 -31.72 14.89 -0.36
CA PRO A 103 -31.73 13.52 -0.90
C PRO A 103 -31.14 12.47 0.04
N VAL A 104 -29.99 12.74 0.62
CA VAL A 104 -29.33 11.77 1.51
C VAL A 104 -30.18 11.46 2.72
N ASP A 105 -30.75 12.51 3.32
CA ASP A 105 -31.61 12.32 4.48
C ASP A 105 -32.91 11.62 4.14
N LEU A 106 -33.49 11.94 2.98
CA LEU A 106 -34.73 11.29 2.53
C LEU A 106 -34.49 9.80 2.23
N MET A 107 -33.34 9.50 1.65
CA MET A 107 -33.02 8.11 1.37
C MET A 107 -32.89 7.34 2.69
N LYS A 108 -32.22 7.93 3.68
CA LYS A 108 -32.09 7.26 4.96
C LYS A 108 -33.46 7.00 5.61
N ALA A 109 -34.39 7.95 5.46
CA ALA A 109 -35.73 7.80 6.00
C ALA A 109 -36.52 6.70 5.28
N MET A 110 -36.38 6.62 3.96
CA MET A 110 -37.05 5.57 3.19
C MET A 110 -36.44 4.21 3.54
N ASP A 111 -35.13 4.20 3.81
CA ASP A 111 -34.49 2.95 4.22
C ASP A 111 -35.14 2.43 5.50
N ALA A 112 -35.23 3.28 6.52
CA ALA A 112 -35.80 2.86 7.80
C ALA A 112 -37.26 2.46 7.65
N LYS A 113 -37.96 3.16 6.79
CA LYS A 113 -39.40 2.93 6.61
C LYS A 113 -39.70 1.54 6.07
N PHE A 114 -38.85 1.05 5.17
CA PHE A 114 -39.10 -0.22 4.52
C PHE A 114 -38.16 -1.33 4.98
N ARG A 115 -37.48 -1.11 6.09
CA ARG A 115 -36.47 -2.09 6.54
C ARG A 115 -37.08 -3.47 6.77
N LEU A 116 -38.26 -3.52 7.40
CA LEU A 116 -38.87 -4.81 7.69
C LEU A 116 -39.57 -5.41 6.49
N LEU A 117 -40.47 -4.65 5.85
CA LEU A 117 -41.16 -5.18 4.67
C LEU A 117 -40.14 -5.61 3.60
N GLY A 118 -39.12 -4.78 3.40
CA GLY A 118 -38.10 -5.00 2.34
C GLY A 118 -38.20 -3.96 1.23
N TRP A 119 -37.08 -3.40 0.78
CA TRP A 119 -37.15 -2.48 -0.35
C TRP A 119 -36.63 -3.02 -1.68
N GLN A 120 -36.31 -4.30 -1.74
CA GLN A 120 -36.08 -4.89 -3.06
C GLN A 120 -37.39 -4.93 -3.84
N GLY A 121 -37.30 -4.85 -5.17
CA GLY A 121 -38.47 -5.04 -6.03
C GLY A 121 -39.21 -3.71 -6.23
N LEU A 122 -40.53 -3.78 -6.40
CA LEU A 122 -41.30 -2.58 -6.77
C LEU A 122 -41.07 -1.41 -5.81
N VAL A 123 -41.01 -1.70 -4.51
CA VAL A 123 -40.77 -0.65 -3.52
C VAL A 123 -39.45 0.06 -3.81
N GLY A 124 -38.42 -0.72 -4.12
CA GLY A 124 -37.12 -0.13 -4.44
C GLY A 124 -37.14 0.78 -5.66
N MET A 125 -37.93 0.41 -6.67
CA MET A 125 -38.05 1.22 -7.88
C MET A 125 -38.74 2.56 -7.58
N ALA A 126 -39.79 2.49 -6.76
CA ALA A 126 -40.45 3.70 -6.24
C ALA A 126 -39.47 4.60 -5.53
N VAL A 127 -38.75 4.04 -4.57
CA VAL A 127 -37.73 4.76 -3.80
C VAL A 127 -36.66 5.41 -4.70
N SER A 128 -36.18 4.65 -5.68
CA SER A 128 -35.11 5.17 -6.54
C SER A 128 -35.69 6.25 -7.44
N GLY A 129 -36.95 6.05 -7.85
CA GLY A 129 -37.62 7.03 -8.73
C GLY A 129 -37.75 8.37 -8.00
N LEU A 130 -38.13 8.31 -6.73
CA LEU A 130 -38.24 9.50 -5.89
C LEU A 130 -36.90 10.18 -5.75
N ASP A 131 -35.86 9.40 -5.45
CA ASP A 131 -34.54 9.98 -5.31
C ASP A 131 -34.12 10.77 -6.55
N MET A 132 -34.34 10.22 -7.73
CA MET A 132 -33.95 10.91 -8.97
C MET A 132 -34.72 12.24 -9.10
N ALA A 133 -36.02 12.20 -8.81
CA ALA A 133 -36.84 13.40 -8.88
C ALA A 133 -36.38 14.45 -7.86
N PHE A 134 -35.92 14.01 -6.68
CA PHE A 134 -35.39 15.00 -5.72
C PHE A 134 -34.17 15.73 -6.26
N TRP A 135 -33.23 14.98 -6.82
CA TRP A 135 -32.03 15.62 -7.35
C TRP A 135 -32.38 16.50 -8.53
N ASP A 136 -33.34 16.05 -9.33
CA ASP A 136 -33.77 16.83 -10.48
C ASP A 136 -34.26 18.20 -10.00
N ALA A 137 -35.03 18.18 -8.92
CA ALA A 137 -35.57 19.41 -8.34
C ALA A 137 -34.45 20.29 -7.84
N LEU A 138 -33.47 19.72 -7.15
CA LEU A 138 -32.34 20.51 -6.68
C LEU A 138 -31.64 21.20 -7.85
N GLY A 139 -31.49 20.47 -8.95
CA GLY A 139 -30.84 21.02 -10.13
C GLY A 139 -31.67 22.16 -10.72
N GLN A 140 -32.97 21.95 -10.84
CA GLN A 140 -33.86 22.99 -11.36
C GLN A 140 -33.77 24.22 -10.47
N LEU A 141 -33.81 24.01 -9.16
CA LEU A 141 -33.76 25.12 -8.22
C LEU A 141 -32.46 25.90 -8.32
N ALA A 142 -31.38 25.22 -8.69
CA ALA A 142 -30.09 25.88 -8.90
C ALA A 142 -29.90 26.40 -10.33
N GLY A 143 -30.78 25.98 -11.23
CA GLY A 143 -30.62 26.31 -12.64
C GLY A 143 -29.40 25.64 -13.26
N LYS A 144 -29.09 24.43 -12.80
CA LYS A 144 -27.91 23.70 -13.25
C LYS A 144 -28.28 22.26 -13.52
N PRO A 145 -27.55 21.62 -14.44
CA PRO A 145 -27.72 20.17 -14.62
C PRO A 145 -27.26 19.44 -13.35
N VAL A 146 -27.89 18.32 -13.05
CA VAL A 146 -27.45 17.55 -11.87
C VAL A 146 -25.95 17.25 -11.90
N VAL A 147 -25.40 16.93 -13.07
CA VAL A 147 -23.96 16.61 -13.15
C VAL A 147 -23.08 17.71 -12.56
N GLU A 148 -23.41 18.98 -12.80
CA GLU A 148 -22.65 20.07 -12.15
C GLU A 148 -22.85 20.15 -10.65
N LEU A 149 -24.03 19.81 -10.17
CA LEU A 149 -24.24 19.78 -8.73
C LEU A 149 -23.30 18.75 -8.10
N LEU A 150 -23.05 17.67 -8.83
CA LEU A 150 -22.22 16.55 -8.35
C LEU A 150 -20.71 16.79 -8.47
N GLY A 151 -20.32 17.99 -8.92
CA GLY A 151 -18.91 18.38 -8.97
C GLY A 151 -18.26 17.99 -10.27
N GLY A 152 -19.06 17.56 -11.25
CA GLY A 152 -18.54 17.19 -12.56
C GLY A 152 -18.99 18.16 -13.64
N SER A 153 -18.80 17.76 -14.90
CA SER A 153 -19.23 18.57 -16.05
C SER A 153 -20.00 17.73 -17.07
N ALA A 154 -20.87 18.37 -17.83
CA ALA A 154 -21.65 17.67 -18.83
C ALA A 154 -20.80 17.51 -20.06
N ARG A 155 -20.37 16.28 -20.28
CA ARG A 155 -19.51 15.99 -21.41
C ARG A 155 -19.90 14.68 -22.07
N PRO A 156 -19.44 14.50 -23.31
CA PRO A 156 -19.83 13.37 -24.13
C PRO A 156 -19.36 12.07 -23.51
N ILE A 157 -20.30 11.15 -23.29
CA ILE A 157 -20.00 9.81 -22.77
C ILE A 157 -20.19 8.77 -23.89
N PRO A 158 -19.20 7.86 -24.06
CA PRO A 158 -19.39 6.87 -25.12
C PRO A 158 -20.67 6.07 -24.90
N ALA A 159 -21.39 5.82 -25.99
CA ALA A 159 -22.65 5.14 -25.93
C ALA A 159 -22.69 3.93 -26.85
N TYR A 160 -23.58 3.00 -26.54
CA TYR A 160 -23.86 1.94 -27.48
C TYR A 160 -25.34 1.83 -27.71
N ASP A 161 -25.68 1.32 -28.88
CA ASP A 161 -27.08 1.21 -29.30
C ASP A 161 -27.61 -0.18 -28.95
N SER A 162 -28.68 -0.20 -28.18
CA SER A 162 -29.12 -1.42 -27.55
C SER A 162 -30.33 -2.00 -28.26
N TYR A 163 -30.16 -3.17 -28.85
CA TYR A 163 -31.21 -3.83 -29.61
C TYR A 163 -31.69 -5.15 -28.99
N GLY A 164 -32.81 -5.65 -29.49
CA GLY A 164 -33.24 -7.00 -29.17
C GLY A 164 -32.47 -7.93 -30.07
N VAL A 165 -33.00 -9.11 -30.33
CA VAL A 165 -32.37 -10.02 -31.29
C VAL A 165 -32.26 -9.32 -32.64
N LEU A 166 -31.06 -9.34 -33.22
CA LEU A 166 -30.84 -8.77 -34.54
C LEU A 166 -30.68 -9.83 -35.61
N ASP A 167 -30.91 -9.42 -36.85
CA ASP A 167 -30.58 -10.22 -38.02
C ASP A 167 -29.81 -9.31 -38.97
N ALA A 168 -28.56 -9.64 -39.27
CA ALA A 168 -27.77 -8.80 -40.15
C ALA A 168 -28.47 -8.48 -41.49
N ARG A 169 -29.10 -9.47 -42.09
CA ARG A 169 -29.81 -9.23 -43.35
C ARG A 169 -30.99 -8.25 -43.14
N ASP A 170 -31.95 -8.66 -42.32
CA ASP A 170 -33.17 -7.88 -42.11
C ASP A 170 -32.96 -6.51 -41.43
N ASP A 171 -31.85 -6.33 -40.72
CA ASP A 171 -31.68 -5.15 -39.89
C ASP A 171 -30.57 -4.23 -40.35
N GLU A 172 -30.02 -4.52 -41.53
CA GLU A 172 -28.95 -3.72 -42.09
C GLU A 172 -29.24 -2.22 -42.13
N ARG A 173 -30.43 -1.84 -42.60
CA ARG A 173 -30.75 -0.42 -42.75
C ARG A 173 -30.67 0.28 -41.40
N THR A 174 -31.25 -0.35 -40.38
CA THR A 174 -31.24 0.23 -39.04
C THR A 174 -29.81 0.38 -38.50
N LEU A 175 -28.96 -0.60 -38.80
CA LEU A 175 -27.60 -0.60 -38.24
C LEU A 175 -26.70 0.38 -38.96
N ARG A 176 -26.88 0.49 -40.28
CA ARG A 176 -26.21 1.53 -41.06
C ARG A 176 -26.57 2.92 -40.56
N THR A 177 -27.85 3.15 -40.34
CA THR A 177 -28.28 4.42 -39.79
C THR A 177 -27.62 4.67 -38.42
N ALA A 178 -27.65 3.65 -37.57
CA ALA A 178 -27.06 3.78 -36.25
C ALA A 178 -25.58 4.17 -36.32
N CYS A 179 -24.82 3.47 -37.15
CA CYS A 179 -23.37 3.67 -37.21
C CYS A 179 -22.95 4.87 -38.05
N ASP A 180 -23.61 5.04 -39.18
CA ASP A 180 -23.19 6.05 -40.16
C ASP A 180 -23.75 7.42 -39.81
N GLU A 181 -25.03 7.46 -39.44
CA GLU A 181 -25.67 8.71 -39.10
C GLU A 181 -25.46 9.16 -37.65
N HIS A 182 -25.78 8.29 -36.70
CA HIS A 182 -25.65 8.64 -35.28
C HIS A 182 -24.24 8.45 -34.73
N GLY A 183 -23.36 7.84 -35.52
CA GLY A 183 -21.96 7.71 -35.16
C GLY A 183 -21.67 6.66 -34.08
N PHE A 184 -22.63 5.77 -33.82
CA PHE A 184 -22.40 4.66 -32.86
C PHE A 184 -21.20 3.81 -33.26
N ARG A 185 -20.36 3.48 -32.30
CA ARG A 185 -19.22 2.62 -32.54
C ARG A 185 -19.33 1.34 -31.71
N ALA A 186 -20.52 1.08 -31.19
CA ALA A 186 -20.78 -0.10 -30.36
C ALA A 186 -22.26 -0.44 -30.43
N ILE A 187 -22.57 -1.73 -30.59
CA ILE A 187 -23.92 -2.27 -30.74
C ILE A 187 -24.12 -3.46 -29.79
N LYS A 188 -25.25 -3.51 -29.11
CA LYS A 188 -25.58 -4.69 -28.28
C LYS A 188 -26.79 -5.41 -28.86
N SER A 189 -26.72 -6.73 -28.90
CA SER A 189 -27.88 -7.53 -29.27
C SER A 189 -28.15 -8.63 -28.23
N LYS A 190 -29.19 -9.44 -28.47
CA LYS A 190 -29.64 -10.43 -27.49
C LYS A 190 -29.40 -11.86 -27.92
N GLY A 191 -29.16 -12.72 -26.94
CA GLY A 191 -29.04 -14.14 -27.20
C GLY A 191 -29.76 -15.02 -26.20
N GLY A 192 -29.66 -16.32 -26.42
CA GLY A 192 -30.28 -17.30 -25.51
C GLY A 192 -31.71 -17.64 -25.85
N HIS A 193 -32.26 -17.04 -26.89
CA HIS A 193 -33.65 -17.34 -27.26
C HIS A 193 -33.76 -18.75 -27.81
N GLY A 194 -32.71 -19.20 -28.50
CA GLY A 194 -32.65 -20.55 -29.06
C GLY A 194 -31.39 -21.28 -28.63
N ASP A 195 -30.86 -22.12 -29.52
CA ASP A 195 -29.65 -22.87 -29.22
C ASP A 195 -28.38 -22.08 -29.53
N LEU A 196 -27.21 -22.65 -29.24
CA LEU A 196 -25.95 -21.97 -29.50
C LEU A 196 -25.77 -21.63 -30.99
N ALA A 197 -26.18 -22.55 -31.87
CA ALA A 197 -26.04 -22.31 -33.30
C ALA A 197 -26.72 -21.00 -33.67
N THR A 198 -27.90 -20.77 -33.10
CA THR A 198 -28.62 -19.52 -33.36
C THR A 198 -27.84 -18.28 -32.92
N ASP A 199 -27.24 -18.35 -31.73
CA ASP A 199 -26.46 -17.23 -31.24
C ASP A 199 -25.26 -17.01 -32.14
N GLU A 200 -24.62 -18.11 -32.53
CA GLU A 200 -23.39 -17.96 -33.29
C GLU A 200 -23.70 -17.43 -34.70
N ALA A 201 -24.77 -17.93 -35.32
CA ALA A 201 -25.19 -17.42 -36.62
C ALA A 201 -25.41 -15.92 -36.55
N MET A 202 -26.15 -15.49 -35.53
CA MET A 202 -26.45 -14.06 -35.36
C MET A 202 -25.19 -13.21 -35.24
N ILE A 203 -24.29 -13.62 -34.35
CA ILE A 203 -23.09 -12.84 -34.06
C ILE A 203 -22.16 -12.84 -35.26
N LYS A 204 -22.00 -14.00 -35.88
CA LYS A 204 -21.16 -14.10 -37.05
C LYS A 204 -21.65 -13.16 -38.15
N GLY A 205 -22.98 -13.13 -38.32
CA GLY A 205 -23.60 -12.26 -39.31
C GLY A 205 -23.36 -10.80 -38.98
N LEU A 206 -23.56 -10.45 -37.72
CA LEU A 206 -23.35 -9.06 -37.31
C LEU A 206 -21.91 -8.62 -37.48
N ARG A 207 -20.96 -9.47 -37.10
CA ARG A 207 -19.53 -9.14 -37.18
C ARG A 207 -19.08 -9.00 -38.63
N ALA A 208 -19.70 -9.79 -39.52
CA ALA A 208 -19.38 -9.73 -40.94
C ALA A 208 -19.93 -8.44 -41.56
N LEU A 209 -21.12 -8.04 -41.12
CA LEU A 209 -21.75 -6.83 -41.62
C LEU A 209 -21.07 -5.55 -41.15
N LEU A 210 -20.79 -5.49 -39.84
CA LEU A 210 -20.30 -4.27 -39.19
C LEU A 210 -18.79 -4.12 -39.26
N GLY A 211 -18.10 -5.22 -39.51
CA GLY A 211 -16.64 -5.23 -39.56
C GLY A 211 -15.96 -5.23 -38.20
N PRO A 212 -14.62 -5.22 -38.18
CA PRO A 212 -13.85 -5.35 -36.94
C PRO A 212 -13.85 -4.12 -36.03
N ASP A 213 -14.23 -2.95 -36.53
CA ASP A 213 -14.07 -1.72 -35.75
C ASP A 213 -15.32 -1.24 -35.02
N ILE A 214 -16.34 -2.08 -34.97
CA ILE A 214 -17.52 -1.75 -34.18
C ILE A 214 -17.54 -2.72 -32.99
N ALA A 215 -17.73 -2.20 -31.78
CA ALA A 215 -17.83 -3.07 -30.61
C ALA A 215 -19.20 -3.78 -30.65
N LEU A 216 -19.21 -5.07 -30.29
CA LEU A 216 -20.44 -5.85 -30.22
C LEU A 216 -20.56 -6.43 -28.81
N MET A 217 -21.70 -6.24 -28.18
CA MET A 217 -22.00 -6.85 -26.89
C MET A 217 -23.11 -7.84 -27.06
N LEU A 218 -23.13 -8.88 -26.23
CA LEU A 218 -24.20 -9.89 -26.29
C LEU A 218 -24.88 -10.07 -24.95
N ASP A 219 -26.21 -9.90 -24.92
CA ASP A 219 -26.99 -9.98 -23.70
C ASP A 219 -27.85 -11.24 -23.69
N PHE A 220 -27.58 -12.14 -22.74
CA PHE A 220 -28.34 -13.38 -22.59
C PHE A 220 -29.59 -13.23 -21.75
N ASN A 221 -29.76 -12.07 -21.12
CA ASN A 221 -30.94 -11.83 -20.27
C ASN A 221 -31.23 -12.97 -19.30
N GLN A 222 -30.19 -13.47 -18.63
CA GLN A 222 -30.38 -14.46 -17.54
C GLN A 222 -30.86 -15.82 -18.00
N SER A 223 -30.72 -16.11 -19.29
CA SER A 223 -31.43 -17.25 -19.87
C SER A 223 -30.67 -18.59 -19.76
N LEU A 224 -29.41 -18.56 -19.34
CA LEU A 224 -28.63 -19.80 -19.28
C LEU A 224 -28.33 -20.21 -17.85
N ASP A 225 -27.86 -21.46 -17.66
CA ASP A 225 -27.24 -21.88 -16.41
C ASP A 225 -25.72 -21.75 -16.54
N PRO A 226 -25.00 -21.84 -15.42
CA PRO A 226 -23.57 -21.60 -15.54
C PRO A 226 -22.83 -22.54 -16.50
N ALA A 227 -23.14 -23.83 -16.48
CA ALA A 227 -22.41 -24.73 -17.39
C ALA A 227 -22.69 -24.37 -18.86
N GLU A 228 -23.95 -24.08 -19.18
CA GLU A 228 -24.27 -23.75 -20.57
C GLU A 228 -23.68 -22.40 -20.98
N ALA A 229 -23.70 -21.44 -20.06
CA ALA A 229 -23.11 -20.14 -20.36
C ALA A 229 -21.62 -20.33 -20.67
N THR A 230 -20.94 -21.08 -19.83
CA THR A 230 -19.53 -21.35 -20.09
C THR A 230 -19.27 -21.98 -21.47
N ARG A 231 -20.09 -22.96 -21.82
CA ARG A 231 -19.99 -23.65 -23.10
C ARG A 231 -20.22 -22.67 -24.27
N ARG A 232 -21.27 -21.88 -24.20
CA ARG A 232 -21.55 -20.95 -25.31
C ARG A 232 -20.49 -19.87 -25.42
N ILE A 233 -20.08 -19.32 -24.28
CA ILE A 233 -19.07 -18.25 -24.30
C ILE A 233 -17.77 -18.70 -24.96
N ALA A 234 -17.32 -19.92 -24.68
CA ALA A 234 -16.08 -20.39 -25.29
C ALA A 234 -16.20 -20.46 -26.82
N ARG A 235 -17.39 -20.79 -27.28
CA ARG A 235 -17.59 -20.98 -28.71
C ARG A 235 -17.76 -19.64 -29.41
N LEU A 236 -18.06 -18.60 -28.64
CA LEU A 236 -18.25 -17.25 -29.20
C LEU A 236 -17.02 -16.36 -29.09
N ALA A 237 -15.97 -16.87 -28.45
CA ALA A 237 -14.80 -16.01 -28.18
C ALA A 237 -14.05 -15.56 -29.45
N ASP A 238 -14.31 -16.18 -30.59
CA ASP A 238 -13.65 -15.81 -31.85
C ASP A 238 -14.21 -14.56 -32.51
N TYR A 239 -15.28 -13.99 -31.96
CA TYR A 239 -15.94 -12.86 -32.60
C TYR A 239 -15.60 -11.52 -31.98
N ASP A 240 -14.68 -11.52 -31.02
CA ASP A 240 -14.18 -10.29 -30.45
C ASP A 240 -15.31 -9.47 -29.77
N LEU A 241 -16.10 -10.15 -28.94
CA LEU A 241 -17.16 -9.46 -28.19
C LEU A 241 -16.59 -8.63 -27.04
N THR A 242 -17.22 -7.49 -26.75
CA THR A 242 -16.76 -6.63 -25.68
C THR A 242 -17.18 -7.17 -24.32
N TRP A 243 -18.37 -7.73 -24.26
CA TRP A 243 -18.85 -8.35 -23.00
C TRP A 243 -20.02 -9.29 -23.22
N ILE A 244 -20.19 -10.22 -22.27
CA ILE A 244 -21.36 -11.09 -22.21
C ILE A 244 -22.16 -10.65 -21.02
N GLU A 245 -23.45 -10.35 -21.23
CA GLU A 245 -24.24 -9.68 -20.19
C GLU A 245 -25.27 -10.65 -19.60
N GLU A 246 -25.37 -10.66 -18.25
CA GLU A 246 -26.29 -11.53 -17.50
C GLU A 246 -26.44 -12.92 -18.10
N PRO A 247 -25.35 -13.71 -18.12
CA PRO A 247 -25.44 -15.06 -18.69
C PRO A 247 -26.41 -15.94 -17.91
N VAL A 248 -26.57 -15.69 -16.61
CA VAL A 248 -27.40 -16.54 -15.77
C VAL A 248 -28.29 -15.67 -14.90
N PRO A 249 -29.22 -16.26 -14.12
CA PRO A 249 -30.09 -15.42 -13.31
C PRO A 249 -29.33 -14.39 -12.47
N GLN A 250 -29.87 -13.17 -12.42
CA GLN A 250 -29.22 -12.07 -11.72
C GLN A 250 -28.98 -12.37 -10.23
N GLU A 251 -29.86 -13.16 -9.60
CA GLU A 251 -29.71 -13.46 -8.17
C GLU A 251 -28.58 -14.45 -7.94
N ASN A 252 -28.15 -15.11 -9.00
CA ASN A 252 -27.19 -16.20 -8.89
C ASN A 252 -25.77 -15.61 -8.97
N LEU A 253 -25.33 -15.01 -7.87
CA LEU A 253 -24.04 -14.34 -7.85
C LEU A 253 -22.91 -15.39 -7.95
N SER A 254 -23.07 -16.48 -7.21
CA SER A 254 -22.09 -17.60 -7.27
C SER A 254 -21.97 -18.18 -8.66
N GLY A 255 -23.10 -18.35 -9.33
CA GLY A 255 -23.08 -18.84 -10.72
C GLY A 255 -22.40 -17.86 -11.67
N HIS A 256 -22.73 -16.57 -11.54
CA HIS A 256 -22.01 -15.56 -12.31
C HIS A 256 -20.49 -15.67 -12.07
N ALA A 257 -20.09 -15.79 -10.80
CA ALA A 257 -18.67 -15.85 -10.49
C ALA A 257 -18.01 -17.08 -11.14
N ALA A 258 -18.72 -18.19 -11.15
CA ALA A 258 -18.16 -19.39 -11.76
C ALA A 258 -18.01 -19.22 -13.29
N VAL A 259 -19.00 -18.59 -13.92
CA VAL A 259 -18.86 -18.27 -15.35
C VAL A 259 -17.70 -17.32 -15.56
N ARG A 260 -17.64 -16.27 -14.74
CA ARG A 260 -16.57 -15.30 -14.90
C ARG A 260 -15.20 -15.95 -14.81
N GLU A 261 -15.03 -16.84 -13.83
CA GLU A 261 -13.73 -17.52 -13.64
C GLU A 261 -13.25 -18.29 -14.88
N ARG A 262 -14.18 -18.86 -15.62
CA ARG A 262 -13.84 -19.67 -16.79
C ARG A 262 -13.93 -18.89 -18.10
N SER A 263 -14.54 -17.71 -18.07
CA SER A 263 -14.78 -16.96 -19.34
C SER A 263 -13.57 -16.20 -19.85
N GLU A 264 -13.32 -16.26 -21.16
CA GLU A 264 -12.32 -15.42 -21.78
C GLU A 264 -12.92 -14.09 -22.27
N ILE A 265 -14.22 -13.92 -22.10
CA ILE A 265 -14.90 -12.66 -22.45
C ILE A 265 -15.39 -12.02 -21.17
N PRO A 266 -15.22 -10.69 -21.03
CA PRO A 266 -15.64 -10.05 -19.80
C PRO A 266 -17.12 -10.28 -19.54
N ILE A 267 -17.46 -10.49 -18.27
CA ILE A 267 -18.84 -10.72 -17.87
C ILE A 267 -19.41 -9.42 -17.32
N GLN A 268 -20.55 -9.00 -17.87
CA GLN A 268 -21.26 -7.78 -17.47
C GLN A 268 -22.56 -8.18 -16.74
N ALA A 269 -22.89 -7.46 -15.68
CA ALA A 269 -24.11 -7.74 -14.91
C ALA A 269 -24.46 -6.54 -14.08
N GLY A 270 -25.55 -6.61 -13.34
CA GLY A 270 -25.83 -5.53 -12.37
C GLY A 270 -27.12 -4.76 -12.58
N GLU A 271 -27.73 -4.88 -13.74
CA GLU A 271 -28.92 -4.05 -14.01
C GLU A 271 -30.10 -4.48 -13.15
N ASN A 272 -30.02 -5.65 -12.54
CA ASN A 272 -31.10 -6.12 -11.70
C ASN A 272 -30.79 -6.25 -10.20
N TRP A 273 -29.61 -5.81 -9.78
CA TRP A 273 -29.23 -5.87 -8.38
C TRP A 273 -29.76 -4.66 -7.60
N TRP A 274 -30.00 -4.85 -6.32
CA TRP A 274 -30.73 -3.88 -5.50
C TRP A 274 -29.81 -3.10 -4.56
N PHE A 275 -29.71 -1.78 -4.81
CA PHE A 275 -29.11 -0.84 -3.86
C PHE A 275 -27.61 -1.05 -3.65
N PRO A 276 -26.96 -0.12 -2.94
CA PRO A 276 -25.52 -0.29 -2.78
C PRO A 276 -25.15 -1.62 -2.15
N ARG A 277 -25.98 -2.12 -1.23
CA ARG A 277 -25.63 -3.42 -0.60
C ARG A 277 -25.66 -4.57 -1.58
N GLY A 278 -26.62 -4.55 -2.50
CA GLY A 278 -26.72 -5.59 -3.53
C GLY A 278 -25.45 -5.63 -4.36
N PHE A 279 -24.90 -4.46 -4.67
CA PHE A 279 -23.63 -4.40 -5.37
C PHE A 279 -22.47 -4.86 -4.50
N ALA A 280 -22.47 -4.47 -3.23
CA ALA A 280 -21.38 -4.90 -2.34
C ALA A 280 -21.29 -6.43 -2.24
N GLU A 281 -22.42 -7.10 -2.10
CA GLU A 281 -22.41 -8.58 -2.09
C GLU A 281 -21.99 -9.21 -3.43
N ALA A 282 -22.47 -8.65 -4.54
CA ALA A 282 -22.03 -9.13 -5.85
C ALA A 282 -20.52 -9.00 -6.06
N ILE A 283 -19.97 -7.89 -5.61
CA ILE A 283 -18.53 -7.63 -5.76
C ILE A 283 -17.75 -8.55 -4.83
N ALA A 284 -18.28 -8.76 -3.63
CA ALA A 284 -17.65 -9.65 -2.67
C ALA A 284 -17.63 -11.07 -3.22
N ALA A 285 -18.67 -11.48 -3.94
CA ALA A 285 -18.69 -12.79 -4.56
C ALA A 285 -17.85 -12.87 -5.85
N GLY A 286 -17.39 -11.74 -6.36
CA GLY A 286 -16.67 -11.68 -7.65
C GLY A 286 -17.57 -12.08 -8.82
N ALA A 287 -18.81 -11.65 -8.79
CA ALA A 287 -19.79 -12.03 -9.82
C ALA A 287 -19.42 -11.60 -11.27
N SER A 288 -18.83 -10.42 -11.45
CA SER A 288 -18.62 -9.90 -12.80
C SER A 288 -17.36 -9.06 -12.97
N ASP A 289 -16.94 -8.88 -14.24
CA ASP A 289 -15.81 -8.04 -14.57
C ASP A 289 -16.21 -6.62 -14.71
N PHE A 290 -17.43 -6.40 -15.24
CA PHE A 290 -17.98 -5.07 -15.46
C PHE A 290 -19.31 -5.03 -14.68
N ILE A 291 -19.81 -3.83 -14.37
CA ILE A 291 -21.16 -3.72 -13.83
C ILE A 291 -21.90 -2.62 -14.60
N MET A 292 -23.22 -2.71 -14.59
CA MET A 292 -24.09 -1.68 -15.18
C MET A 292 -25.34 -1.49 -14.32
N PRO A 293 -25.22 -0.72 -13.22
CA PRO A 293 -26.39 -0.51 -12.38
C PRO A 293 -27.51 0.20 -13.17
N ASP A 294 -28.75 -0.05 -12.74
CA ASP A 294 -29.95 0.64 -13.22
C ASP A 294 -30.30 1.67 -12.15
N LEU A 295 -30.42 2.93 -12.53
CA LEU A 295 -30.77 3.95 -11.56
C LEU A 295 -32.07 3.63 -10.83
N MET A 296 -32.96 2.84 -11.44
CA MET A 296 -34.23 2.49 -10.79
C MET A 296 -34.06 1.46 -9.68
N LYS A 297 -32.94 0.74 -9.68
CA LYS A 297 -32.80 -0.40 -8.72
C LYS A 297 -31.60 -0.21 -7.79
N VAL A 298 -30.66 0.61 -8.22
CA VAL A 298 -29.48 0.94 -7.41
C VAL A 298 -29.71 1.98 -6.29
N GLY A 299 -30.92 2.57 -6.21
CA GLY A 299 -31.16 3.64 -5.23
C GLY A 299 -31.02 5.06 -5.79
N GLY A 300 -31.33 5.21 -7.08
CA GLY A 300 -31.29 6.50 -7.76
C GLY A 300 -29.89 7.07 -7.84
N ILE A 301 -29.80 8.39 -7.95
CA ILE A 301 -28.54 9.10 -7.98
C ILE A 301 -27.74 8.83 -6.70
N THR A 302 -28.42 8.88 -5.55
CA THR A 302 -27.77 8.77 -4.27
C THR A 302 -27.08 7.39 -4.14
N GLY A 303 -27.82 6.34 -4.48
CA GLY A 303 -27.31 4.95 -4.47
C GLY A 303 -26.20 4.75 -5.51
N TRP A 304 -26.38 5.32 -6.70
CA TRP A 304 -25.36 5.24 -7.77
C TRP A 304 -24.00 5.73 -7.29
N LEU A 305 -23.99 6.89 -6.63
CA LEU A 305 -22.72 7.48 -6.18
C LEU A 305 -21.98 6.59 -5.18
N ASN A 306 -22.70 5.91 -4.29
CA ASN A 306 -22.11 4.94 -3.38
CA ASN A 306 -22.07 4.98 -3.38
C ASN A 306 -21.45 3.83 -4.19
N VAL A 307 -22.21 3.26 -5.12
CA VAL A 307 -21.71 2.17 -5.97
C VAL A 307 -20.51 2.62 -6.84
N ALA A 308 -20.46 3.88 -7.25
CA ALA A 308 -19.33 4.36 -8.02
C ALA A 308 -18.04 4.23 -7.20
N GLY A 309 -18.13 4.48 -5.89
CA GLY A 309 -16.94 4.36 -5.00
C GLY A 309 -16.51 2.90 -4.89
N GLN A 310 -17.48 2.01 -4.75
CA GLN A 310 -17.23 0.58 -4.69
C GLN A 310 -16.58 0.10 -5.97
N ALA A 311 -17.09 0.55 -7.11
CA ALA A 311 -16.53 0.11 -8.40
C ALA A 311 -15.11 0.58 -8.61
N ASP A 312 -14.82 1.81 -8.18
CA ASP A 312 -13.46 2.30 -8.23
C ASP A 312 -12.57 1.41 -7.38
N ALA A 313 -12.99 1.09 -6.16
CA ALA A 313 -12.15 0.27 -5.29
C ALA A 313 -11.92 -1.14 -5.89
N ALA A 314 -12.93 -1.70 -6.53
CA ALA A 314 -12.83 -3.04 -7.09
C ALA A 314 -12.21 -3.06 -8.49
N SER A 315 -11.93 -1.89 -9.04
CA SER A 315 -11.46 -1.70 -10.44
C SER A 315 -12.41 -2.33 -11.46
N ILE A 316 -13.69 -1.98 -11.34
CA ILE A 316 -14.73 -2.54 -12.19
C ILE A 316 -15.30 -1.42 -13.07
N PRO A 317 -15.06 -1.51 -14.38
CA PRO A 317 -15.67 -0.52 -15.27
C PRO A 317 -17.18 -0.52 -15.08
N MET A 318 -17.75 0.68 -14.96
CA MET A 318 -19.17 0.83 -14.61
C MET A 318 -19.92 1.54 -15.73
N SER A 319 -20.94 0.87 -16.26
CA SER A 319 -21.81 1.38 -17.31
C SER A 319 -23.21 1.62 -16.72
N SER A 320 -24.15 2.09 -17.55
CA SER A 320 -25.51 2.26 -17.10
C SER A 320 -26.46 1.28 -17.77
N HIS A 321 -27.58 1.02 -17.09
CA HIS A 321 -28.67 0.29 -17.71
C HIS A 321 -29.85 1.24 -17.97
N ILE A 322 -30.16 1.42 -19.26
CA ILE A 322 -31.23 2.30 -19.74
C ILE A 322 -31.30 3.64 -18.98
N LEU A 323 -32.50 4.23 -18.90
CA LEU A 323 -32.58 5.60 -18.34
C LEU A 323 -31.39 6.48 -18.77
N PRO A 324 -31.20 6.61 -20.09
CA PRO A 324 -30.02 7.32 -20.61
C PRO A 324 -29.97 8.78 -20.21
N GLU A 325 -31.12 9.40 -20.01
CA GLU A 325 -31.10 10.83 -19.68
C GLU A 325 -30.44 11.12 -18.33
N ALA A 326 -30.86 10.36 -17.32
CA ALA A 326 -30.34 10.55 -15.98
C ALA A 326 -28.94 9.92 -15.90
N SER A 327 -28.73 8.83 -16.62
CA SER A 327 -27.41 8.18 -16.61
C SER A 327 -26.31 9.12 -17.07
N ALA A 328 -26.64 9.98 -18.03
CA ALA A 328 -25.67 10.92 -18.55
C ALA A 328 -25.19 11.89 -17.49
N HIS A 329 -25.98 12.08 -16.44
CA HIS A 329 -25.60 13.00 -15.38
C HIS A 329 -24.70 12.37 -14.31
N VAL A 330 -24.71 11.04 -14.18
CA VAL A 330 -23.87 10.40 -13.16
C VAL A 330 -22.59 9.76 -13.72
N LEU A 331 -22.61 9.30 -14.97
CA LEU A 331 -21.38 8.73 -15.55
C LEU A 331 -20.17 9.68 -15.53
N PRO A 332 -20.39 11.00 -15.75
CA PRO A 332 -19.24 11.90 -15.71
C PRO A 332 -18.54 12.01 -14.37
N VAL A 333 -19.18 11.59 -13.27
CA VAL A 333 -18.53 11.65 -11.96
C VAL A 333 -18.23 10.25 -11.40
N THR A 334 -18.28 9.27 -12.28
CA THR A 334 -18.08 7.85 -11.91
C THR A 334 -16.63 7.53 -12.30
N PRO A 335 -15.78 7.23 -11.30
CA PRO A 335 -14.37 7.06 -11.61
C PRO A 335 -14.11 6.05 -12.70
N THR A 336 -14.84 4.95 -12.71
CA THR A 336 -14.59 3.90 -13.71
C THR A 336 -15.61 3.91 -14.85
N ALA A 337 -16.18 5.07 -15.13
CA ALA A 337 -17.18 5.17 -16.19
C ALA A 337 -16.77 4.45 -17.48
N HIS A 338 -17.71 3.72 -18.06
CA HIS A 338 -17.43 2.88 -19.21
C HIS A 338 -18.39 3.30 -20.34
N PHE A 339 -19.54 2.66 -20.45
CA PHE A 339 -20.53 3.00 -21.52
C PHE A 339 -21.86 3.51 -20.97
N LEU A 340 -22.52 4.36 -21.75
CA LEU A 340 -23.92 4.71 -21.53
C LEU A 340 -24.77 3.89 -22.51
N GLU A 341 -25.77 3.15 -21.99
CA GLU A 341 -26.66 2.35 -22.82
C GLU A 341 -27.78 3.21 -23.43
N VAL A 342 -27.86 3.21 -24.75
CA VAL A 342 -28.95 3.97 -25.39
C VAL A 342 -30.06 3.03 -25.79
N LEU A 343 -31.14 3.07 -25.02
CA LEU A 343 -32.41 2.44 -25.37
C LEU A 343 -33.46 3.47 -24.97
N ASP A 344 -34.15 4.03 -25.97
CA ASP A 344 -34.96 5.23 -25.73
C ASP A 344 -36.45 4.90 -25.56
N PHE A 345 -36.87 4.64 -24.33
CA PHE A 345 -38.28 4.37 -24.05
C PHE A 345 -39.09 5.65 -23.85
N ALA A 346 -38.44 6.69 -23.38
CA ALA A 346 -39.15 7.89 -22.93
C ALA A 346 -39.20 9.05 -23.91
N GLY A 347 -38.53 8.94 -25.06
CA GLY A 347 -38.38 10.09 -25.95
C GLY A 347 -39.74 10.67 -26.32
N ALA A 348 -40.70 9.79 -26.56
CA ALA A 348 -42.02 10.19 -27.02
C ALA A 348 -42.73 11.12 -26.03
N ILE A 349 -42.41 11.00 -24.74
CA ILE A 349 -43.09 11.82 -23.73
C ILE A 349 -42.24 12.90 -23.07
N LEU A 350 -41.06 13.17 -23.63
CA LEU A 350 -40.17 14.21 -23.12
C LEU A 350 -40.18 15.49 -23.97
N THR A 351 -40.12 16.66 -23.33
CA THR A 351 -40.00 17.93 -24.08
C THR A 351 -38.67 18.00 -24.84
N GLU A 352 -37.65 17.35 -24.31
CA GLU A 352 -36.35 17.32 -24.96
C GLU A 352 -35.77 15.92 -24.97
N PRO A 353 -36.12 15.13 -26.00
CA PRO A 353 -35.70 13.75 -26.13
C PRO A 353 -34.18 13.61 -26.18
N LEU A 354 -33.69 12.43 -25.80
CA LEU A 354 -32.28 12.13 -25.85
C LEU A 354 -31.69 12.39 -27.22
N ARG A 355 -30.51 12.99 -27.26
CA ARG A 355 -29.77 13.14 -28.51
C ARG A 355 -28.44 12.39 -28.47
N VAL A 356 -28.13 11.67 -29.55
CA VAL A 356 -26.85 10.99 -29.72
C VAL A 356 -26.04 11.66 -30.81
N ILE A 357 -24.85 12.13 -30.46
CA ILE A 357 -23.96 12.79 -31.42
C ILE A 357 -22.60 12.10 -31.51
N ASP A 358 -22.26 11.59 -32.70
CA ASP A 358 -20.97 10.92 -32.89
CA ASP A 358 -20.98 10.92 -32.89
C ASP A 358 -20.84 9.78 -31.88
N GLY A 359 -21.92 9.01 -31.71
CA GLY A 359 -21.91 7.86 -30.81
C GLY A 359 -21.69 8.19 -29.34
N LYS A 360 -21.94 9.43 -28.94
CA LYS A 360 -21.79 9.79 -27.54
C LYS A 360 -23.01 10.56 -27.05
N VAL A 361 -23.19 10.58 -25.73
CA VAL A 361 -24.35 11.26 -25.15
C VAL A 361 -23.88 12.27 -24.11
N THR A 362 -24.43 13.48 -24.17
CA THR A 362 -24.06 14.54 -23.21
C THR A 362 -25.24 14.91 -22.32
N ALA A 363 -25.00 15.05 -21.01
CA ALA A 363 -26.07 15.39 -20.06
C ALA A 363 -26.71 16.72 -20.44
N LYS A 364 -28.02 16.80 -20.29
CA LYS A 364 -28.82 18.01 -20.54
C LYS A 364 -29.50 18.40 -19.26
N GLY A 365 -29.41 19.68 -18.90
CA GLY A 365 -30.15 20.20 -17.73
C GLY A 365 -31.27 21.15 -18.17
N PRO A 366 -31.81 21.95 -17.24
CA PRO A 366 -31.47 21.95 -15.83
C PRO A 366 -32.01 20.69 -15.17
N GLY A 367 -31.55 20.39 -13.96
CA GLY A 367 -31.89 19.12 -13.30
C GLY A 367 -31.41 17.95 -14.14
N LEU A 368 -32.28 16.96 -14.34
CA LEU A 368 -31.97 15.82 -15.20
C LEU A 368 -32.40 16.02 -16.64
N GLY A 369 -32.95 17.20 -16.95
CA GLY A 369 -33.41 17.46 -18.30
C GLY A 369 -34.67 16.67 -18.62
N LEU A 370 -35.51 16.45 -17.62
CA LEU A 370 -36.72 15.67 -17.81
C LEU A 370 -37.93 16.57 -17.55
N ALA A 371 -38.58 17.01 -18.61
CA ALA A 371 -39.84 17.75 -18.51
C ALA A 371 -40.77 17.08 -19.49
N TRP A 372 -42.04 17.01 -19.16
CA TRP A 372 -42.97 16.23 -19.96
C TRP A 372 -43.56 17.03 -21.13
N ASN A 373 -43.61 16.37 -22.29
CA ASN A 373 -44.47 16.80 -23.38
C ASN A 373 -45.89 16.36 -23.01
N GLU A 374 -46.64 17.25 -22.36
CA GLU A 374 -47.96 16.90 -21.84
C GLU A 374 -48.97 16.39 -22.89
N SER A 375 -48.93 16.93 -24.10
CA SER A 375 -49.88 16.46 -25.10
C SER A 375 -49.60 14.98 -25.40
N ALA A 376 -48.34 14.61 -25.42
CA ALA A 376 -47.98 13.22 -25.64
C ALA A 376 -48.33 12.34 -24.42
N VAL A 377 -48.07 12.86 -23.22
CA VAL A 377 -48.47 12.14 -22.01
C VAL A 377 -49.97 11.85 -22.04
N ALA A 378 -50.78 12.86 -22.36
CA ALA A 378 -52.21 12.66 -22.49
C ALA A 378 -52.54 11.55 -23.48
N LYS A 379 -51.85 11.55 -24.62
CA LYS A 379 -52.08 10.55 -25.65
C LYS A 379 -51.79 9.13 -25.17
N TYR A 380 -50.70 8.96 -24.41
CA TYR A 380 -50.23 7.61 -24.03
C TYR A 380 -50.54 7.18 -22.60
N GLN A 381 -51.15 8.06 -21.81
CA GLN A 381 -51.49 7.71 -20.44
C GLN A 381 -52.47 6.55 -20.38
N VAL A 382 -52.25 5.66 -19.41
CA VAL A 382 -53.19 4.59 -19.12
C VAL A 382 -53.60 4.70 -17.67
N THR A 383 -54.83 4.35 -17.37
CA THR A 383 -55.31 4.48 -16.00
C THR A 383 -56.11 3.27 -15.57
N THR B 25 -22.69 30.80 -16.68
CA THR B 25 -21.69 29.72 -16.91
C THR B 25 -20.86 29.44 -15.65
N THR B 26 -19.94 28.49 -15.75
CA THR B 26 -19.19 28.03 -14.59
C THR B 26 -17.99 28.94 -14.28
N ALA B 27 -17.75 29.18 -12.99
CA ALA B 27 -16.60 29.95 -12.55
C ALA B 27 -15.30 29.33 -13.05
N ALA B 28 -14.29 30.16 -13.26
CA ALA B 28 -12.98 29.69 -13.66
C ALA B 28 -11.98 30.13 -12.60
N ILE B 29 -10.95 29.32 -12.42
CA ILE B 29 -9.89 29.66 -11.48
C ILE B 29 -9.01 30.74 -12.10
N THR B 30 -8.64 31.75 -11.32
CA THR B 30 -7.80 32.83 -11.84
C THR B 30 -6.43 32.84 -11.17
N GLY B 31 -6.34 32.23 -10.00
CA GLY B 31 -5.05 32.19 -9.32
C GLY B 31 -5.10 31.38 -8.06
N VAL B 32 -3.93 31.03 -7.57
CA VAL B 32 -3.81 30.26 -6.33
C VAL B 32 -2.66 30.81 -5.52
N THR B 33 -2.91 31.04 -4.24
CA THR B 33 -1.83 31.41 -3.34
C THR B 33 -1.85 30.55 -2.09
N ALA B 34 -0.69 30.39 -1.46
CA ALA B 34 -0.62 29.61 -0.24
C ALA B 34 0.28 30.38 0.70
N ARG B 35 -0.08 30.39 1.98
CA ARG B 35 0.75 31.03 3.01
C ARG B 35 0.96 30.08 4.17
N ALA B 36 2.16 30.11 4.74
CA ALA B 36 2.45 29.27 5.89
C ALA B 36 2.29 30.04 7.20
N VAL B 37 1.68 29.40 8.20
CA VAL B 37 1.63 29.95 9.55
C VAL B 37 2.01 28.91 10.57
N ILE B 38 2.44 29.37 11.75
CA ILE B 38 2.67 28.48 12.86
C ILE B 38 1.88 29.04 14.02
N THR B 39 0.76 28.40 14.33
CA THR B 39 -0.12 28.87 15.39
C THR B 39 0.28 28.31 16.75
N PRO B 40 -0.10 28.99 17.85
CA PRO B 40 0.22 28.43 19.15
C PRO B 40 -0.83 27.41 19.59
N MET B 41 -0.44 26.53 20.51
CA MET B 41 -1.38 25.60 21.12
C MET B 41 -1.24 25.70 22.63
N LYS B 42 -2.35 25.71 23.33
N LYS B 42 -2.34 25.69 23.34
CA LYS B 42 -2.28 25.64 24.75
CA LYS B 42 -2.30 25.91 24.77
C LYS B 42 -1.90 24.21 25.10
C LYS B 42 -1.48 24.92 25.56
N ARG B 43 -2.62 23.23 24.57
N ARG B 43 -1.57 23.66 25.20
CA ARG B 43 -2.25 21.89 24.98
CA ARG B 43 -0.81 22.64 25.88
C ARG B 43 -1.24 21.28 24.05
C ARG B 43 -0.11 21.74 24.85
N PRO B 44 0.00 21.20 24.52
N PRO B 44 1.08 21.28 25.20
CA PRO B 44 1.13 20.56 23.83
CA PRO B 44 1.85 20.43 24.29
C PRO B 44 0.76 19.14 23.80
C PRO B 44 1.08 19.15 24.04
N LEU B 45 0.92 18.50 22.67
N LEU B 45 1.27 18.54 22.90
CA LEU B 45 0.43 17.17 22.56
CA LEU B 45 0.51 17.34 22.60
C LEU B 45 1.55 16.20 22.39
C LEU B 45 1.54 16.25 22.41
N ARG B 46 1.83 15.51 23.45
CA ARG B 46 2.90 14.53 23.40
C ARG B 46 2.35 13.24 22.78
N ASN B 47 3.14 12.62 21.91
CA ASN B 47 2.75 11.35 21.30
C ASN B 47 3.96 10.44 21.37
N ALA B 48 3.82 9.20 20.89
CA ALA B 48 4.91 8.24 21.05
C ALA B 48 6.19 8.62 20.32
N PHE B 49 6.09 9.51 19.33
CA PHE B 49 7.28 9.90 18.53
C PHE B 49 7.87 11.28 18.89
N GLY B 50 7.24 12.00 19.80
CA GLY B 50 7.72 13.32 20.15
C GLY B 50 6.56 14.20 20.53
N VAL B 51 6.68 15.49 20.32
CA VAL B 51 5.65 16.40 20.80
C VAL B 51 5.24 17.39 19.72
N ILE B 52 3.94 17.63 19.58
CA ILE B 52 3.49 18.68 18.69
C ILE B 52 3.09 19.83 19.58
N ASP B 53 3.84 20.93 19.56
CA ASP B 53 3.50 22.02 20.49
C ASP B 53 3.13 23.31 19.79
N SER B 54 2.90 23.22 18.48
CA SER B 54 2.45 24.36 17.72
C SER B 54 1.73 23.84 16.50
N GLY B 55 1.02 24.72 15.82
CA GLY B 55 0.28 24.28 14.66
C GLY B 55 0.86 24.83 13.40
N PRO B 56 1.74 24.06 12.73
CA PRO B 56 2.19 24.52 11.42
C PRO B 56 1.16 24.25 10.35
N LEU B 57 0.66 25.31 9.72
CA LEU B 57 -0.44 25.19 8.77
C LEU B 57 -0.09 25.83 7.44
N VAL B 58 -0.74 25.37 6.39
CA VAL B 58 -0.67 26.03 5.11
C VAL B 58 -2.05 26.49 4.71
N LEU B 59 -2.18 27.79 4.45
CA LEU B 59 -3.49 28.35 4.15
C LEU B 59 -3.62 28.59 2.66
N ILE B 60 -4.66 28.03 2.06
CA ILE B 60 -4.76 27.99 0.62
C ILE B 60 -5.92 28.87 0.14
N ASP B 61 -5.64 29.70 -0.86
CA ASP B 61 -6.64 30.55 -1.49
C ASP B 61 -6.72 30.29 -2.99
N VAL B 62 -7.91 29.95 -3.45
CA VAL B 62 -8.14 29.78 -4.87
C VAL B 62 -9.08 30.90 -5.35
N THR B 63 -8.51 31.86 -6.08
CA THR B 63 -9.32 32.96 -6.61
C THR B 63 -10.09 32.55 -7.87
N THR B 64 -11.31 33.07 -8.00
CA THR B 64 -12.13 32.77 -9.17
C THR B 64 -12.45 34.06 -9.93
N ASP B 65 -13.05 33.92 -11.11
CA ASP B 65 -13.50 35.07 -11.89
C ASP B 65 -14.97 35.44 -11.55
N GLN B 66 -15.46 34.98 -10.40
CA GLN B 66 -16.86 35.27 -10.03
C GLN B 66 -17.00 35.84 -8.62
N GLY B 67 -15.98 36.55 -8.17
CA GLY B 67 -16.06 37.33 -6.93
C GLY B 67 -15.97 36.51 -5.66
N VAL B 68 -15.40 35.32 -5.79
CA VAL B 68 -15.28 34.42 -4.65
C VAL B 68 -13.87 33.86 -4.66
N THR B 69 -13.32 33.68 -3.47
CA THR B 69 -12.04 33.02 -3.30
C THR B 69 -12.24 31.81 -2.39
N GLY B 70 -11.97 30.61 -2.89
CA GLY B 70 -12.13 29.41 -2.06
C GLY B 70 -10.98 29.29 -1.10
N HIS B 71 -11.25 28.75 0.10
CA HIS B 71 -10.24 28.62 1.14
C HIS B 71 -10.18 27.18 1.69
N SER B 72 -8.97 26.73 2.04
CA SER B 72 -8.82 25.53 2.86
C SER B 72 -7.49 25.62 3.57
N TYR B 73 -7.25 24.74 4.53
CA TYR B 73 -5.94 24.69 5.15
C TYR B 73 -5.47 23.25 5.31
N LEU B 74 -4.14 23.10 5.36
CA LEU B 74 -3.50 21.84 5.69
C LEU B 74 -2.79 21.98 7.02
N PHE B 75 -2.88 20.93 7.84
CA PHE B 75 -1.99 20.79 8.98
C PHE B 75 -0.74 20.08 8.48
N ALA B 76 0.43 20.69 8.66
CA ALA B 76 1.66 20.23 8.00
C ALA B 76 2.55 19.36 8.88
N TYR B 77 2.11 19.12 10.14
CA TYR B 77 2.84 18.27 11.08
C TYR B 77 4.12 18.87 11.61
N THR B 78 4.97 19.34 10.72
CA THR B 78 6.29 19.82 11.09
C THR B 78 6.66 21.03 10.25
N ARG B 79 7.41 21.96 10.84
CA ARG B 79 7.81 23.20 10.17
C ARG B 79 8.54 22.91 8.86
N LEU B 80 9.22 21.78 8.82
CA LEU B 80 10.03 21.42 7.68
C LEU B 80 9.18 21.25 6.41
N ALA B 81 7.91 20.89 6.60
CA ALA B 81 7.01 20.66 5.46
C ALA B 81 6.45 21.94 4.87
N LEU B 82 6.53 23.05 5.61
CA LEU B 82 5.84 24.28 5.16
C LEU B 82 6.33 24.85 3.82
N LYS B 83 7.62 25.09 3.71
CA LYS B 83 8.14 25.65 2.45
C LYS B 83 7.85 24.76 1.24
N PRO B 84 8.15 23.46 1.34
CA PRO B 84 7.81 22.57 0.22
C PRO B 84 6.31 22.59 -0.15
N LEU B 85 5.43 22.59 0.86
CA LEU B 85 4.00 22.54 0.59
C LEU B 85 3.53 23.82 -0.06
N VAL B 86 4.10 24.94 0.35
CA VAL B 86 3.72 26.19 -0.30
C VAL B 86 4.15 26.24 -1.76
N HIS B 87 5.37 25.77 -2.07
CA HIS B 87 5.85 25.71 -3.44
C HIS B 87 4.88 24.87 -4.24
N LEU B 88 4.55 23.70 -3.72
CA LEU B 88 3.68 22.77 -4.43
C LEU B 88 2.31 23.35 -4.70
N VAL B 89 1.68 23.88 -3.68
CA VAL B 89 0.35 24.43 -3.87
C VAL B 89 0.37 25.53 -4.94
N GLU B 90 1.35 26.42 -4.85
CA GLU B 90 1.40 27.52 -5.80
C GLU B 90 1.79 27.11 -7.21
N ASP B 91 2.70 26.13 -7.32
CA ASP B 91 3.13 25.67 -8.65
C ASP B 91 2.07 24.84 -9.34
N ILE B 92 1.44 23.92 -8.59
CA ILE B 92 0.29 23.20 -9.14
C ILE B 92 -0.82 24.20 -9.49
N GLY B 93 -1.05 25.12 -8.56
CA GLY B 93 -2.14 26.08 -8.71
C GLY B 93 -1.99 26.96 -9.94
N ARG B 94 -0.77 27.43 -10.18
CA ARG B 94 -0.51 28.31 -11.32
C ARG B 94 -1.00 27.73 -12.63
N GLU B 95 -0.80 26.42 -12.80
CA GLU B 95 -1.21 25.73 -14.01
C GLU B 95 -2.72 25.58 -14.16
N LEU B 96 -3.45 25.91 -13.11
CA LEU B 96 -4.91 25.80 -13.11
C LEU B 96 -5.63 27.07 -13.59
N ALA B 97 -4.88 28.16 -13.76
CA ALA B 97 -5.48 29.41 -14.17
C ALA B 97 -6.26 29.23 -15.47
N GLY B 98 -7.50 29.70 -15.49
CA GLY B 98 -8.32 29.60 -16.69
C GLY B 98 -9.19 28.36 -16.71
N LYS B 99 -8.88 27.38 -15.85
CA LYS B 99 -9.65 26.13 -15.84
C LYS B 99 -11.00 26.26 -15.14
N ALA B 100 -12.01 25.58 -15.67
CA ALA B 100 -13.31 25.55 -15.06
C ALA B 100 -13.27 24.97 -13.63
N LEU B 101 -14.03 25.57 -12.73
CA LEU B 101 -14.07 25.14 -11.33
C LEU B 101 -14.92 23.89 -11.20
N VAL B 102 -14.33 22.73 -11.50
CA VAL B 102 -15.09 21.49 -11.54
C VAL B 102 -14.25 20.44 -10.79
N PRO B 103 -14.55 20.21 -9.50
CA PRO B 103 -13.60 19.46 -8.65
C PRO B 103 -13.28 18.07 -9.18
N VAL B 104 -14.28 17.35 -9.67
CA VAL B 104 -14.05 15.97 -10.15
C VAL B 104 -13.07 15.96 -11.33
N ASP B 105 -13.24 16.90 -12.26
CA ASP B 105 -12.40 16.98 -13.45
C ASP B 105 -11.01 17.46 -13.07
N LEU B 106 -10.93 18.40 -12.15
CA LEU B 106 -9.64 18.88 -11.70
C LEU B 106 -8.86 17.78 -10.98
N MET B 107 -9.56 16.95 -10.23
CA MET B 107 -8.91 15.82 -9.50
C MET B 107 -8.33 14.82 -10.49
N LYS B 108 -9.10 14.51 -11.52
CA LYS B 108 -8.65 13.62 -12.57
C LYS B 108 -7.39 14.17 -13.25
N ALA B 109 -7.35 15.48 -13.47
CA ALA B 109 -6.20 16.10 -14.11
C ALA B 109 -4.96 16.05 -13.24
N MET B 110 -5.13 16.27 -11.94
CA MET B 110 -4.02 16.18 -11.03
C MET B 110 -3.52 14.72 -10.95
N ASP B 111 -4.44 13.78 -10.98
CA ASP B 111 -4.07 12.37 -10.98
C ASP B 111 -3.11 12.07 -12.15
N ALA B 112 -3.51 12.49 -13.35
CA ALA B 112 -2.66 12.28 -14.52
C ALA B 112 -1.35 13.04 -14.40
N LYS B 113 -1.39 14.27 -13.89
CA LYS B 113 -0.18 15.07 -13.82
C LYS B 113 0.90 14.41 -12.95
N PHE B 114 0.49 13.80 -11.85
CA PHE B 114 1.48 13.25 -10.92
C PHE B 114 1.57 11.74 -10.96
N ARG B 115 0.99 11.12 -11.97
CA ARG B 115 1.00 9.65 -12.05
C ARG B 115 2.38 9.01 -11.96
N LEU B 116 3.36 9.60 -12.65
CA LEU B 116 4.71 9.03 -12.68
C LEU B 116 5.52 9.42 -11.44
N LEU B 117 5.53 10.72 -11.10
CA LEU B 117 6.28 11.14 -9.94
C LEU B 117 5.74 10.50 -8.66
N GLY B 118 4.42 10.43 -8.55
CA GLY B 118 3.75 9.93 -7.34
C GLY B 118 2.97 11.05 -6.65
N TRP B 119 1.72 10.79 -6.27
CA TRP B 119 1.00 11.78 -5.50
C TRP B 119 0.82 11.41 -4.02
N GLN B 120 1.44 10.32 -3.57
CA GLN B 120 1.51 10.09 -2.11
C GLN B 120 2.42 11.17 -1.51
N GLY B 121 2.17 11.55 -0.25
CA GLY B 121 3.10 12.42 0.48
C GLY B 121 2.76 13.90 0.29
N LEU B 122 3.76 14.77 0.30
CA LEU B 122 3.47 16.22 0.18
C LEU B 122 2.64 16.60 -1.04
N VAL B 123 2.94 16.02 -2.20
CA VAL B 123 2.13 16.31 -3.39
C VAL B 123 0.63 16.04 -3.15
N GLY B 124 0.32 14.91 -2.51
CA GLY B 124 -1.09 14.55 -2.29
C GLY B 124 -1.79 15.49 -1.30
N MET B 125 -1.05 16.01 -0.34
CA MET B 125 -1.61 17.00 0.58
C MET B 125 -1.92 18.28 -0.19
N ALA B 126 -1.03 18.70 -1.07
CA ALA B 126 -1.31 19.88 -1.91
C ALA B 126 -2.55 19.64 -2.76
N VAL B 127 -2.62 18.47 -3.41
CA VAL B 127 -3.77 18.11 -4.23
C VAL B 127 -5.08 18.10 -3.41
N SER B 128 -5.03 17.51 -2.22
CA SER B 128 -6.25 17.43 -1.40
C SER B 128 -6.63 18.81 -0.90
N GLY B 129 -5.61 19.62 -0.58
CA GLY B 129 -5.86 20.99 -0.10
C GLY B 129 -6.60 21.78 -1.16
N LEU B 130 -6.10 21.69 -2.39
CA LEU B 130 -6.74 22.35 -3.53
C LEU B 130 -8.17 21.88 -3.73
N ASP B 131 -8.39 20.58 -3.65
CA ASP B 131 -9.75 20.06 -3.80
C ASP B 131 -10.73 20.69 -2.80
N MET B 132 -10.31 20.77 -1.54
CA MET B 132 -11.18 21.34 -0.52
C MET B 132 -11.51 22.81 -0.87
N ALA B 133 -10.51 23.54 -1.31
CA ALA B 133 -10.69 24.95 -1.70
C ALA B 133 -11.64 25.09 -2.88
N PHE B 134 -11.59 24.17 -3.85
CA PHE B 134 -12.52 24.22 -4.97
C PHE B 134 -13.97 24.06 -4.47
N TRP B 135 -14.21 23.09 -3.59
CA TRP B 135 -15.54 22.86 -3.05
C TRP B 135 -16.00 24.03 -2.15
N ASP B 136 -15.06 24.58 -1.40
CA ASP B 136 -15.39 25.72 -0.56
C ASP B 136 -15.85 26.85 -1.47
N ALA B 137 -15.11 27.08 -2.55
CA ALA B 137 -15.49 28.07 -3.56
C ALA B 137 -16.88 27.82 -4.15
N LEU B 138 -17.16 26.58 -4.53
CA LEU B 138 -18.49 26.25 -5.05
C LEU B 138 -19.57 26.57 -4.02
N GLY B 139 -19.31 26.24 -2.76
CA GLY B 139 -20.29 26.50 -1.70
C GLY B 139 -20.55 28.00 -1.58
N GLN B 140 -19.48 28.77 -1.53
CA GLN B 140 -19.57 30.22 -1.48
C GLN B 140 -20.36 30.80 -2.65
N LEU B 141 -20.08 30.33 -3.86
CA LEU B 141 -20.77 30.82 -5.05
C LEU B 141 -22.26 30.56 -4.94
N ALA B 142 -22.63 29.47 -4.28
CA ALA B 142 -24.04 29.15 -4.11
C ALA B 142 -24.68 29.73 -2.85
N GLY B 143 -23.89 30.36 -1.98
CA GLY B 143 -24.38 30.79 -0.67
C GLY B 143 -24.85 29.65 0.21
N LYS B 144 -24.25 28.48 0.05
CA LYS B 144 -24.65 27.32 0.86
C LYS B 144 -23.42 26.67 1.48
N PRO B 145 -23.61 25.97 2.59
CA PRO B 145 -22.52 25.14 3.13
C PRO B 145 -22.27 23.97 2.17
N VAL B 146 -21.04 23.48 2.12
CA VAL B 146 -20.72 22.32 1.27
C VAL B 146 -21.64 21.12 1.54
N VAL B 147 -21.95 20.85 2.79
CA VAL B 147 -22.83 19.72 3.09
C VAL B 147 -24.15 19.73 2.32
N GLU B 148 -24.72 20.91 2.08
CA GLU B 148 -25.96 20.98 1.28
C GLU B 148 -25.72 20.73 -0.18
N LEU B 149 -24.57 21.14 -0.70
CA LEU B 149 -24.25 20.86 -2.09
C LEU B 149 -24.20 19.34 -2.28
N LEU B 150 -23.72 18.63 -1.26
CA LEU B 150 -23.51 17.17 -1.33
C LEU B 150 -24.80 16.37 -1.10
N GLY B 151 -25.94 17.07 -1.00
CA GLY B 151 -27.22 16.38 -0.88
C GLY B 151 -27.62 16.04 0.54
N GLY B 152 -26.88 16.58 1.50
CA GLY B 152 -27.14 16.32 2.91
C GLY B 152 -27.56 17.57 3.66
N SER B 153 -27.52 17.51 4.99
CA SER B 153 -27.88 18.65 5.81
C SER B 153 -26.86 18.84 6.93
N ALA B 154 -26.70 20.09 7.35
CA ALA B 154 -25.76 20.42 8.42
C ALA B 154 -26.37 20.07 9.76
N ARG B 155 -25.97 18.93 10.33
CA ARG B 155 -26.49 18.50 11.61
C ARG B 155 -25.40 18.07 12.59
N PRO B 156 -25.77 18.01 13.89
CA PRO B 156 -24.76 17.74 14.90
C PRO B 156 -24.18 16.33 14.74
N ILE B 157 -22.86 16.26 14.64
CA ILE B 157 -22.14 14.99 14.55
C ILE B 157 -21.48 14.70 15.87
N PRO B 158 -21.64 13.48 16.38
CA PRO B 158 -20.94 13.14 17.64
C PRO B 158 -19.44 13.44 17.52
N ALA B 159 -18.85 14.03 18.56
CA ALA B 159 -17.44 14.41 18.50
C ALA B 159 -16.68 13.89 19.69
N TYR B 160 -15.36 13.75 19.54
CA TYR B 160 -14.53 13.46 20.68
C TYR B 160 -13.38 14.45 20.78
N ASP B 161 -12.91 14.60 22.00
CA ASP B 161 -11.89 15.60 22.30
C ASP B 161 -10.55 14.87 22.32
N SER B 162 -9.67 15.33 21.45
CA SER B 162 -8.43 14.61 21.14
C SER B 162 -7.20 15.23 21.81
N TYR B 163 -6.58 14.47 22.71
CA TYR B 163 -5.43 14.94 23.49
C TYR B 163 -4.13 14.20 23.19
N GLY B 164 -3.03 14.76 23.68
CA GLY B 164 -1.76 14.05 23.74
C GLY B 164 -1.82 13.09 24.91
N VAL B 165 -0.67 12.64 25.36
CA VAL B 165 -0.61 11.88 26.60
C VAL B 165 -1.28 12.65 27.75
N LEU B 166 -2.24 12.03 28.42
CA LEU B 166 -2.92 12.65 29.58
C LEU B 166 -2.45 12.08 30.92
N ASP B 167 -2.63 12.86 31.97
CA ASP B 167 -2.41 12.38 33.33
C ASP B 167 -3.65 12.78 34.11
N ALA B 168 -4.36 11.80 34.66
CA ALA B 168 -5.67 12.06 35.26
C ALA B 168 -5.63 13.12 36.38
N ARG B 169 -4.51 13.17 37.09
CA ARG B 169 -4.33 14.20 38.12
C ARG B 169 -4.09 15.59 37.52
N ASP B 170 -2.99 15.73 36.78
CA ASP B 170 -2.60 17.02 36.25
C ASP B 170 -3.65 17.59 35.32
N ASP B 171 -4.36 16.71 34.63
CA ASP B 171 -5.26 17.17 33.57
C ASP B 171 -6.74 17.15 33.96
N GLU B 172 -7.03 16.93 35.24
CA GLU B 172 -8.41 16.81 35.68
C GLU B 172 -9.27 18.03 35.34
N ARG B 173 -8.72 19.22 35.56
CA ARG B 173 -9.49 20.43 35.33
C ARG B 173 -9.85 20.54 33.85
N THR B 174 -8.87 20.34 32.99
CA THR B 174 -9.10 20.36 31.55
C THR B 174 -10.19 19.36 31.15
N LEU B 175 -10.11 18.14 31.68
CA LEU B 175 -11.05 17.11 31.29
C LEU B 175 -12.44 17.40 31.87
N ARG B 176 -12.50 17.90 33.10
CA ARG B 176 -13.78 18.37 33.64
C ARG B 176 -14.48 19.36 32.72
N THR B 177 -13.74 20.36 32.27
CA THR B 177 -14.28 21.39 31.40
C THR B 177 -14.78 20.79 30.08
N ALA B 178 -14.06 19.79 29.58
CA ALA B 178 -14.44 19.15 28.32
C ALA B 178 -15.80 18.47 28.43
N CYS B 179 -15.97 17.69 29.50
CA CYS B 179 -17.14 16.84 29.65
C CYS B 179 -18.35 17.58 30.22
N ASP B 180 -18.07 18.45 31.19
CA ASP B 180 -19.15 19.19 31.86
C ASP B 180 -19.59 20.39 31.02
N GLU B 181 -18.67 21.31 30.76
CA GLU B 181 -18.98 22.50 29.99
C GLU B 181 -19.29 22.24 28.51
N HIS B 182 -18.32 21.69 27.77
CA HIS B 182 -18.49 21.47 26.34
C HIS B 182 -19.31 20.22 25.98
N GLY B 183 -19.57 19.37 26.95
CA GLY B 183 -20.48 18.26 26.75
C GLY B 183 -19.88 17.03 26.07
N PHE B 184 -18.55 17.00 25.97
CA PHE B 184 -17.92 15.81 25.35
C PHE B 184 -18.30 14.53 26.10
N ARG B 185 -18.66 13.49 25.37
CA ARG B 185 -18.88 12.18 25.97
C ARG B 185 -17.84 11.16 25.48
N ALA B 186 -16.71 11.66 24.96
CA ALA B 186 -15.67 10.80 24.37
C ALA B 186 -14.37 11.57 24.39
N ILE B 187 -13.31 10.91 24.82
CA ILE B 187 -11.98 11.48 24.97
C ILE B 187 -10.98 10.52 24.37
N LYS B 188 -10.00 11.05 23.63
CA LYS B 188 -8.90 10.19 23.15
C LYS B 188 -7.59 10.67 23.73
N SER B 189 -6.73 9.72 24.13
CA SER B 189 -5.39 10.05 24.56
C SER B 189 -4.36 9.18 23.82
N LYS B 190 -3.09 9.30 24.20
CA LYS B 190 -2.01 8.66 23.45
C LYS B 190 -1.23 7.72 24.32
N GLY B 191 -0.69 6.67 23.72
CA GLY B 191 0.17 5.73 24.43
C GLY B 191 1.31 5.24 23.55
N GLY B 192 2.09 4.30 24.07
CA GLY B 192 3.28 3.78 23.40
C GLY B 192 4.53 4.62 23.60
N HIS B 193 4.42 5.68 24.37
CA HIS B 193 5.59 6.52 24.65
C HIS B 193 6.56 5.81 25.60
N GLY B 194 6.04 4.85 26.36
CA GLY B 194 6.88 4.10 27.30
C GLY B 194 6.54 2.63 27.24
N ASP B 195 6.55 1.97 28.40
CA ASP B 195 6.18 0.56 28.46
C ASP B 195 4.68 0.35 28.68
N LEU B 196 4.25 -0.92 28.71
CA LEU B 196 2.84 -1.22 28.92
C LEU B 196 2.33 -0.67 30.27
N ALA B 197 3.13 -0.84 31.32
CA ALA B 197 2.71 -0.35 32.64
C ALA B 197 2.35 1.13 32.61
N THR B 198 3.07 1.89 31.81
CA THR B 198 2.81 3.32 31.68
C THR B 198 1.45 3.56 31.01
N ASP B 199 1.19 2.81 29.93
CA ASP B 199 -0.10 2.92 29.24
C ASP B 199 -1.24 2.52 30.17
N GLU B 200 -1.06 1.40 30.85
CA GLU B 200 -2.11 0.90 31.74
C GLU B 200 -2.42 1.87 32.89
N ALA B 201 -1.38 2.40 33.51
CA ALA B 201 -1.55 3.37 34.58
C ALA B 201 -2.32 4.60 34.08
N MET B 202 -1.96 5.10 32.89
CA MET B 202 -2.67 6.26 32.34
C MET B 202 -4.14 5.94 32.09
N ILE B 203 -4.39 4.81 31.44
CA ILE B 203 -5.78 4.48 31.11
C ILE B 203 -6.58 4.18 32.37
N LYS B 204 -5.96 3.49 33.33
CA LYS B 204 -6.69 3.16 34.55
C LYS B 204 -7.10 4.47 35.26
N GLY B 205 -6.18 5.42 35.33
CA GLY B 205 -6.45 6.74 35.93
C GLY B 205 -7.58 7.45 35.25
N LEU B 206 -7.54 7.45 33.92
CA LEU B 206 -8.56 8.15 33.14
C LEU B 206 -9.94 7.54 33.34
N ARG B 207 -9.99 6.21 33.39
CA ARG B 207 -11.26 5.53 33.45
C ARG B 207 -11.85 5.80 34.83
N ALA B 208 -11.01 5.79 35.86
CA ALA B 208 -11.43 6.10 37.22
C ALA B 208 -11.93 7.52 37.35
N LEU B 209 -11.23 8.48 36.74
CA LEU B 209 -11.61 9.88 36.82
C LEU B 209 -12.90 10.19 36.04
N LEU B 210 -13.06 9.60 34.87
CA LEU B 210 -14.18 9.95 33.99
C LEU B 210 -15.41 9.08 34.22
N GLY B 211 -15.21 7.92 34.83
CA GLY B 211 -16.30 7.01 35.09
C GLY B 211 -16.67 6.20 33.87
N PRO B 212 -17.69 5.35 34.00
CA PRO B 212 -18.04 4.37 32.96
C PRO B 212 -18.78 4.94 31.76
N ASP B 213 -19.24 6.18 31.83
CA ASP B 213 -20.15 6.68 30.80
C ASP B 213 -19.52 7.64 29.79
N ILE B 214 -18.19 7.73 29.83
CA ILE B 214 -17.44 8.54 28.87
C ILE B 214 -16.61 7.57 28.03
N ALA B 215 -16.67 7.69 26.72
CA ALA B 215 -15.90 6.80 25.85
C ALA B 215 -14.45 7.22 25.92
N LEU B 216 -13.56 6.23 25.86
CA LEU B 216 -12.13 6.47 25.89
CA LEU B 216 -12.13 6.48 25.89
C LEU B 216 -11.50 5.74 24.71
N MET B 217 -10.70 6.47 23.94
CA MET B 217 -9.97 5.91 22.81
C MET B 217 -8.48 6.04 23.11
N LEU B 218 -7.68 5.08 22.65
CA LEU B 218 -6.24 5.16 22.85
C LEU B 218 -5.52 5.12 21.49
N ASP B 219 -4.61 6.07 21.27
CA ASP B 219 -3.84 6.20 20.00
C ASP B 219 -2.36 5.91 20.25
N PHE B 220 -1.86 4.81 19.66
CA PHE B 220 -0.45 4.42 19.71
C PHE B 220 0.45 5.12 18.70
N ASN B 221 -0.15 5.87 17.76
CA ASN B 221 0.61 6.63 16.76
C ASN B 221 1.73 5.78 16.14
N GLN B 222 1.38 4.54 15.79
CA GLN B 222 2.22 3.66 14.96
C GLN B 222 3.44 3.14 15.70
N SER B 223 3.40 3.21 17.03
CA SER B 223 4.64 3.04 17.78
C SER B 223 5.00 1.60 18.14
N LEU B 224 4.13 0.63 17.89
CA LEU B 224 4.41 -0.76 18.33
C LEU B 224 4.61 -1.67 17.10
N ASP B 225 5.11 -2.89 17.32
CA ASP B 225 5.01 -3.89 16.25
C ASP B 225 3.80 -4.77 16.51
N PRO B 226 3.42 -5.60 15.54
CA PRO B 226 2.19 -6.37 15.75
C PRO B 226 2.18 -7.24 17.01
N ALA B 227 3.26 -7.95 17.31
CA ALA B 227 3.25 -8.79 18.51
C ALA B 227 3.06 -7.93 19.78
N GLU B 228 3.81 -6.84 19.87
CA GLU B 228 3.69 -6.00 21.05
C GLU B 228 2.30 -5.34 21.13
N ALA B 229 1.74 -4.94 19.98
CA ALA B 229 0.38 -4.38 20.02
C ALA B 229 -0.60 -5.42 20.55
N THR B 230 -0.52 -6.65 20.04
CA THR B 230 -1.42 -7.70 20.51
C THR B 230 -1.29 -7.89 22.01
N ARG B 231 -0.07 -7.84 22.50
CA ARG B 231 0.19 -8.08 23.89
C ARG B 231 -0.41 -6.95 24.75
N ARG B 232 -0.15 -5.69 24.35
CA ARG B 232 -0.67 -4.55 25.14
C ARG B 232 -2.19 -4.49 25.08
N ILE B 233 -2.74 -4.69 23.89
CA ILE B 233 -4.18 -4.59 23.73
C ILE B 233 -4.93 -5.54 24.65
N ALA B 234 -4.47 -6.79 24.72
CA ALA B 234 -5.09 -7.79 25.57
C ALA B 234 -5.08 -7.36 27.04
N ARG B 235 -4.04 -6.65 27.43
CA ARG B 235 -3.89 -6.23 28.83
C ARG B 235 -4.71 -4.97 29.14
N LEU B 236 -5.20 -4.29 28.10
CA LEU B 236 -6.01 -3.07 28.28
C LEU B 236 -7.49 -3.36 28.07
N ALA B 237 -7.84 -4.62 27.89
CA ALA B 237 -9.18 -4.94 27.44
C ALA B 237 -10.23 -4.63 28.51
N ASP B 238 -9.82 -4.63 29.77
CA ASP B 238 -10.75 -4.42 30.89
C ASP B 238 -11.11 -2.97 31.19
N TYR B 239 -10.70 -2.02 30.35
CA TYR B 239 -11.00 -0.61 30.59
C TYR B 239 -12.08 -0.06 29.69
N ASP B 240 -12.74 -0.97 28.96
CA ASP B 240 -13.86 -0.62 28.08
C ASP B 240 -13.50 0.46 27.08
N LEU B 241 -12.37 0.30 26.38
CA LEU B 241 -11.96 1.25 25.35
C LEU B 241 -12.80 1.13 24.09
N THR B 242 -13.03 2.25 23.42
CA THR B 242 -13.86 2.29 22.22
C THR B 242 -13.04 1.82 21.00
N TRP B 243 -11.77 2.22 20.98
CA TRP B 243 -10.86 1.74 19.91
C TRP B 243 -9.41 1.92 20.25
N ILE B 244 -8.56 1.16 19.53
CA ILE B 244 -7.12 1.30 19.59
C ILE B 244 -6.68 1.82 18.22
N GLU B 245 -5.99 2.96 18.18
CA GLU B 245 -5.77 3.66 16.91
C GLU B 245 -4.30 3.49 16.48
N GLU B 246 -4.12 3.19 15.20
CA GLU B 246 -2.77 2.99 14.61
C GLU B 246 -1.82 2.25 15.53
N PRO B 247 -2.12 0.98 15.85
CA PRO B 247 -1.22 0.27 16.74
C PRO B 247 0.19 0.07 16.13
N VAL B 248 0.27 -0.02 14.81
CA VAL B 248 1.57 -0.24 14.17
C VAL B 248 1.74 0.72 12.99
N PRO B 249 2.91 0.70 12.30
CA PRO B 249 3.07 1.63 11.18
C PRO B 249 1.93 1.60 10.17
N GLN B 250 1.53 2.78 9.70
CA GLN B 250 0.41 2.92 8.81
C GLN B 250 0.57 2.15 7.50
N GLU B 251 1.81 2.02 7.03
CA GLU B 251 2.06 1.31 5.77
C GLU B 251 1.96 -0.18 5.97
N ASN B 252 1.98 -0.63 7.24
CA ASN B 252 1.95 -2.05 7.53
C ASN B 252 0.50 -2.55 7.64
N LEU B 253 -0.13 -2.74 6.48
CA LEU B 253 -1.52 -3.18 6.40
C LEU B 253 -1.66 -4.62 6.88
N SER B 254 -0.72 -5.47 6.49
CA SER B 254 -0.74 -6.87 6.94
C SER B 254 -0.56 -6.98 8.45
N GLY B 255 0.30 -6.13 9.01
CA GLY B 255 0.52 -6.13 10.45
C GLY B 255 -0.74 -5.62 11.17
N HIS B 256 -1.37 -4.56 10.66
CA HIS B 256 -2.67 -4.13 11.22
C HIS B 256 -3.66 -5.28 11.18
N ALA B 257 -3.73 -5.98 10.05
CA ALA B 257 -4.74 -7.05 9.93
C ALA B 257 -4.46 -8.15 10.96
N ALA B 258 -3.18 -8.43 11.21
CA ALA B 258 -2.84 -9.47 12.19
C ALA B 258 -3.27 -9.05 13.60
N VAL B 259 -3.03 -7.79 13.95
CA VAL B 259 -3.45 -7.27 15.24
C VAL B 259 -4.99 -7.31 15.34
N ARG B 260 -5.65 -6.86 14.29
CA ARG B 260 -7.11 -6.87 14.25
C ARG B 260 -7.69 -8.27 14.50
N GLU B 261 -7.10 -9.28 13.86
CA GLU B 261 -7.57 -10.65 13.98
CA GLU B 261 -7.63 -10.61 13.98
C GLU B 261 -7.56 -11.13 15.43
N ARG B 262 -6.56 -10.69 16.19
CA ARG B 262 -6.41 -11.17 17.56
C ARG B 262 -6.98 -10.22 18.62
N SER B 263 -7.38 -9.04 18.20
CA SER B 263 -7.81 -7.99 19.14
C SER B 263 -9.27 -8.13 19.57
N GLU B 264 -9.51 -8.02 20.87
CA GLU B 264 -10.89 -7.87 21.37
C GLU B 264 -11.36 -6.41 21.39
N ILE B 265 -10.49 -5.46 21.05
CA ILE B 265 -10.88 -4.05 20.97
C ILE B 265 -10.84 -3.62 19.50
N PRO B 266 -11.86 -2.89 19.03
CA PRO B 266 -11.81 -2.48 17.63
C PRO B 266 -10.52 -1.74 17.29
N ILE B 267 -9.99 -2.02 16.10
CA ILE B 267 -8.81 -1.35 15.57
C ILE B 267 -9.22 -0.21 14.64
N GLN B 268 -8.67 0.97 14.91
CA GLN B 268 -8.94 2.19 14.16
C GLN B 268 -7.66 2.57 13.44
N ALA B 269 -7.80 3.00 12.18
CA ALA B 269 -6.64 3.43 11.41
C ALA B 269 -7.09 4.26 10.21
N GLY B 270 -6.16 4.74 9.41
CA GLY B 270 -6.56 5.37 8.17
C GLY B 270 -6.11 6.82 8.00
N GLU B 271 -5.69 7.44 9.08
CA GLU B 271 -5.46 8.89 8.99
C GLU B 271 -4.25 9.19 8.12
N ASN B 272 -3.45 8.16 7.82
CA ASN B 272 -2.25 8.35 7.04
C ASN B 272 -2.23 7.63 5.69
N TRP B 273 -3.37 7.04 5.30
CA TRP B 273 -3.47 6.35 4.02
C TRP B 273 -3.80 7.32 2.90
N TRP B 274 -3.34 6.98 1.68
CA TRP B 274 -3.34 7.90 0.54
C TRP B 274 -4.43 7.62 -0.48
N PHE B 275 -5.37 8.57 -0.62
CA PHE B 275 -6.38 8.52 -1.69
C PHE B 275 -7.32 7.31 -1.62
N PRO B 276 -8.36 7.31 -2.45
CA PRO B 276 -9.28 6.19 -2.36
C PRO B 276 -8.59 4.83 -2.60
N ARG B 277 -7.54 4.79 -3.42
CA ARG B 277 -6.90 3.47 -3.65
C ARG B 277 -6.19 2.95 -2.40
N GLY B 278 -5.61 3.86 -1.61
CA GLY B 278 -4.94 3.48 -0.37
C GLY B 278 -5.94 2.83 0.56
N PHE B 279 -7.16 3.36 0.58
CA PHE B 279 -8.24 2.77 1.40
C PHE B 279 -8.70 1.44 0.81
N ALA B 280 -8.78 1.35 -0.52
CA ALA B 280 -9.23 0.10 -1.13
C ALA B 280 -8.24 -1.03 -0.77
N GLU B 281 -6.94 -0.74 -0.77
CA GLU B 281 -5.97 -1.82 -0.46
C GLU B 281 -5.99 -2.15 1.03
N ALA B 282 -6.20 -1.15 1.89
CA ALA B 282 -6.32 -1.42 3.35
C ALA B 282 -7.54 -2.26 3.68
N ILE B 283 -8.66 -1.94 3.03
CA ILE B 283 -9.87 -2.70 3.22
C ILE B 283 -9.74 -4.12 2.64
N ALA B 284 -9.06 -4.25 1.50
CA ALA B 284 -8.85 -5.57 0.90
C ALA B 284 -8.00 -6.45 1.84
N ALA B 285 -7.05 -5.83 2.53
CA ALA B 285 -6.18 -6.51 3.48
C ALA B 285 -6.88 -6.79 4.80
N GLY B 286 -8.04 -6.16 5.02
CA GLY B 286 -8.71 -6.25 6.33
C GLY B 286 -7.91 -5.63 7.47
N ALA B 287 -7.30 -4.47 7.21
CA ALA B 287 -6.38 -3.83 8.17
C ALA B 287 -7.07 -3.38 9.46
N SER B 288 -8.34 -2.97 9.38
CA SER B 288 -8.99 -2.36 10.56
C SER B 288 -10.50 -2.57 10.64
N ASP B 289 -11.04 -2.39 11.84
CA ASP B 289 -12.50 -2.43 12.09
C ASP B 289 -13.20 -1.12 11.78
N PHE B 290 -12.51 -0.02 12.06
CA PHE B 290 -12.97 1.36 11.89
C PHE B 290 -11.96 2.07 10.96
N ILE B 291 -12.39 3.11 10.21
CA ILE B 291 -11.40 3.97 9.56
C ILE B 291 -11.65 5.41 9.90
N MET B 292 -10.60 6.22 9.74
CA MET B 292 -10.68 7.66 9.94
C MET B 292 -9.81 8.39 8.94
N PRO B 293 -10.32 8.56 7.69
CA PRO B 293 -9.53 9.27 6.70
C PRO B 293 -9.22 10.71 7.12
N ASP B 294 -8.09 11.23 6.66
CA ASP B 294 -7.74 12.62 6.83
C ASP B 294 -8.04 13.28 5.50
N LEU B 295 -8.85 14.35 5.50
CA LEU B 295 -9.15 15.04 4.24
C LEU B 295 -7.92 15.50 3.45
N MET B 296 -6.81 15.74 4.13
CA MET B 296 -5.56 16.15 3.45
C MET B 296 -4.89 14.99 2.70
N LYS B 297 -5.27 13.74 2.99
CA LYS B 297 -4.52 12.60 2.45
C LYS B 297 -5.43 11.69 1.63
N VAL B 298 -6.72 11.75 1.90
CA VAL B 298 -7.69 10.94 1.20
C VAL B 298 -8.09 11.55 -0.17
N GLY B 299 -7.61 12.75 -0.49
CA GLY B 299 -7.98 13.37 -1.78
C GLY B 299 -9.09 14.42 -1.61
N GLY B 300 -9.11 15.08 -0.46
CA GLY B 300 -10.08 16.15 -0.18
C GLY B 300 -11.51 15.63 -0.14
N ILE B 301 -12.46 16.52 -0.40
CA ILE B 301 -13.89 16.16 -0.37
C ILE B 301 -14.18 15.07 -1.41
N THR B 302 -13.61 15.23 -2.61
CA THR B 302 -13.89 14.34 -3.74
C THR B 302 -13.47 12.90 -3.37
N GLY B 303 -12.26 12.77 -2.84
CA GLY B 303 -11.71 11.46 -2.47
C GLY B 303 -12.46 10.90 -1.27
N TRP B 304 -12.79 11.76 -0.31
CA TRP B 304 -13.58 11.31 0.85
C TRP B 304 -14.87 10.61 0.41
N LEU B 305 -15.57 11.19 -0.56
CA LEU B 305 -16.88 10.66 -0.94
C LEU B 305 -16.74 9.25 -1.55
N ASN B 306 -15.67 9.06 -2.31
CA ASN B 306 -15.36 7.75 -2.87
CA ASN B 306 -15.38 7.75 -2.88
C ASN B 306 -15.20 6.75 -1.74
N VAL B 307 -14.39 7.10 -0.75
CA VAL B 307 -14.11 6.20 0.36
C VAL B 307 -15.34 5.94 1.23
N ALA B 308 -16.22 6.94 1.35
CA ALA B 308 -17.48 6.72 2.04
C ALA B 308 -18.28 5.56 1.39
N GLY B 309 -18.26 5.45 0.07
CA GLY B 309 -18.97 4.34 -0.57
C GLY B 309 -18.26 3.01 -0.27
N GLN B 310 -16.92 3.04 -0.22
CA GLN B 310 -16.13 1.83 0.15
C GLN B 310 -16.46 1.36 1.56
N ALA B 311 -16.54 2.31 2.49
CA ALA B 311 -16.72 1.99 3.90
C ALA B 311 -18.13 1.43 4.13
N ASP B 312 -19.08 1.96 3.37
CA ASP B 312 -20.47 1.46 3.46
C ASP B 312 -20.49 -0.01 3.02
N ALA B 313 -19.84 -0.30 1.89
CA ALA B 313 -19.80 -1.68 1.36
C ALA B 313 -19.14 -2.65 2.32
N ALA B 314 -18.07 -2.18 2.97
CA ALA B 314 -17.31 -3.01 3.92
C ALA B 314 -17.91 -3.00 5.31
N SER B 315 -18.95 -2.21 5.51
CA SER B 315 -19.56 -2.00 6.85
C SER B 315 -18.52 -1.57 7.88
N ILE B 316 -17.76 -0.56 7.52
CA ILE B 316 -16.73 -0.02 8.40
C ILE B 316 -17.15 1.40 8.87
N PRO B 317 -17.38 1.56 10.19
CA PRO B 317 -17.68 2.89 10.75
C PRO B 317 -16.56 3.89 10.42
N MET B 318 -16.94 5.06 9.91
CA MET B 318 -15.99 6.00 9.33
C MET B 318 -16.03 7.33 10.11
N SER B 319 -14.89 7.69 10.68
CA SER B 319 -14.68 8.92 11.43
C SER B 319 -13.74 9.82 10.66
N SER B 320 -13.46 10.99 11.20
CA SER B 320 -12.52 11.89 10.55
C SER B 320 -11.22 12.05 11.36
N HIS B 321 -10.15 12.45 10.67
CA HIS B 321 -8.91 12.83 11.33
C HIS B 321 -8.69 14.34 11.23
N ILE B 322 -8.66 15.01 12.39
CA ILE B 322 -8.54 16.48 12.47
C ILE B 322 -9.30 17.22 11.36
N LEU B 323 -8.85 18.41 10.97
CA LEU B 323 -9.63 19.23 10.01
C LEU B 323 -11.12 19.19 10.36
N PRO B 324 -11.44 19.54 11.60
CA PRO B 324 -12.81 19.33 12.04
C PRO B 324 -13.80 20.21 11.26
N GLU B 325 -13.39 21.40 10.84
CA GLU B 325 -14.33 22.29 10.17
C GLU B 325 -14.83 21.68 8.87
N ALA B 326 -13.90 21.22 8.04
CA ALA B 326 -14.30 20.61 6.78
C ALA B 326 -14.93 19.25 6.99
N SER B 327 -14.45 18.51 7.98
CA SER B 327 -14.93 17.15 8.22
C SER B 327 -16.41 17.17 8.56
N ALA B 328 -16.84 18.25 9.25
CA ALA B 328 -18.24 18.42 9.58
C ALA B 328 -19.20 18.47 8.39
N HIS B 329 -18.65 18.81 7.22
CA HIS B 329 -19.44 18.90 6.00
C HIS B 329 -19.58 17.57 5.29
N VAL B 330 -18.62 16.65 5.50
CA VAL B 330 -18.70 15.36 4.81
C VAL B 330 -19.25 14.21 5.64
N LEU B 331 -19.05 14.25 6.95
CA LEU B 331 -19.62 13.22 7.81
C LEU B 331 -21.16 13.07 7.68
N PRO B 332 -21.91 14.18 7.54
CA PRO B 332 -23.36 14.00 7.37
C PRO B 332 -23.80 13.28 6.10
N VAL B 333 -22.93 13.11 5.09
CA VAL B 333 -23.34 12.35 3.91
C VAL B 333 -22.53 11.03 3.82
N THR B 334 -21.96 10.64 4.92
CA THR B 334 -21.17 9.41 4.99
C THR B 334 -22.05 8.32 5.60
N PRO B 335 -22.42 7.28 4.82
CA PRO B 335 -23.39 6.30 5.31
C PRO B 335 -22.99 5.69 6.66
N THR B 336 -21.69 5.47 6.90
CA THR B 336 -21.28 4.85 8.17
C THR B 336 -20.63 5.85 9.13
N ALA B 337 -20.97 7.12 8.97
CA ALA B 337 -20.42 8.15 9.86
C ALA B 337 -20.39 7.72 11.30
N HIS B 338 -19.29 8.02 11.97
CA HIS B 338 -19.07 7.55 13.32
C HIS B 338 -18.73 8.75 14.22
N PHE B 339 -17.45 9.13 14.34
CA PHE B 339 -17.06 10.33 15.13
C PHE B 339 -16.35 11.39 14.32
N LEU B 340 -16.53 12.64 14.76
CA LEU B 340 -15.71 13.75 14.32
C LEU B 340 -14.63 14.01 15.40
N GLU B 341 -13.36 14.04 14.99
CA GLU B 341 -12.26 14.30 15.90
C GLU B 341 -12.09 15.80 16.11
N VAL B 342 -12.18 16.24 17.36
CA VAL B 342 -11.85 17.63 17.71
C VAL B 342 -10.44 17.83 18.19
N LEU B 343 -9.64 18.43 17.33
CA LEU B 343 -8.31 18.90 17.67
C LEU B 343 -8.20 20.18 16.86
N ASP B 344 -8.13 21.31 17.55
CA ASP B 344 -8.33 22.62 16.94
C ASP B 344 -7.01 23.36 16.70
N PHE B 345 -6.37 23.11 15.56
CA PHE B 345 -5.11 23.77 15.25
C PHE B 345 -5.36 25.14 14.62
N ALA B 346 -6.48 25.31 13.91
CA ALA B 346 -6.64 26.47 13.04
C ALA B 346 -7.47 27.64 13.64
N GLY B 347 -8.09 27.41 14.80
CA GLY B 347 -9.04 28.40 15.34
C GLY B 347 -8.44 29.79 15.39
N ALA B 348 -7.17 29.88 15.76
CA ALA B 348 -6.49 31.17 15.91
C ALA B 348 -6.42 32.01 14.62
N ILE B 349 -6.47 31.36 13.46
CA ILE B 349 -6.41 32.10 12.20
C ILE B 349 -7.73 32.10 11.42
N LEU B 350 -8.81 31.64 12.06
CA LEU B 350 -10.12 31.64 11.43
C LEU B 350 -11.02 32.78 11.93
N THR B 351 -11.81 33.36 11.03
CA THR B 351 -12.81 34.35 11.44
C THR B 351 -13.90 33.71 12.31
N GLU B 352 -14.25 32.46 12.00
CA GLU B 352 -15.24 31.72 12.78
CA GLU B 352 -15.24 31.72 12.78
C GLU B 352 -14.70 30.35 13.19
N PRO B 353 -14.03 30.30 14.35
CA PRO B 353 -13.44 29.07 14.88
C PRO B 353 -14.48 28.01 15.18
N LEU B 354 -14.03 26.76 15.22
CA LEU B 354 -14.92 25.63 15.51
C LEU B 354 -15.68 25.82 16.82
N ARG B 355 -16.95 25.45 16.82
CA ARG B 355 -17.72 25.42 18.06
C ARG B 355 -18.19 24.01 18.36
N VAL B 356 -18.00 23.57 19.60
CA VAL B 356 -18.57 22.31 20.07
C VAL B 356 -19.71 22.57 21.02
N ILE B 357 -20.86 22.00 20.72
CA ILE B 357 -22.04 22.14 21.57
C ILE B 357 -22.61 20.80 21.97
N ASP B 358 -22.65 20.53 23.27
CA ASP B 358 -23.19 19.27 23.78
CA ASP B 358 -23.18 19.27 23.79
C ASP B 358 -22.41 18.08 23.20
N GLY B 359 -21.09 18.22 23.15
CA GLY B 359 -20.22 17.15 22.62
C GLY B 359 -20.42 16.86 21.14
N LYS B 360 -21.01 17.79 20.40
CA LYS B 360 -21.21 17.57 18.98
C LYS B 360 -20.81 18.76 18.15
N VAL B 361 -20.56 18.53 16.87
CA VAL B 361 -20.16 19.60 15.97
C VAL B 361 -21.10 19.69 14.77
N THR B 362 -21.46 20.91 14.40
CA THR B 362 -22.32 21.15 13.24
C THR B 362 -21.56 21.96 12.18
N ALA B 363 -21.69 21.53 10.92
CA ALA B 363 -21.07 22.21 9.80
C ALA B 363 -21.53 23.66 9.74
N LYS B 364 -20.60 24.55 9.36
CA LYS B 364 -20.90 25.96 9.16
C LYS B 364 -20.46 26.36 7.77
N GLY B 365 -21.30 27.16 7.12
CA GLY B 365 -21.05 27.66 5.77
C GLY B 365 -20.90 29.17 5.78
N PRO B 366 -20.94 29.80 4.60
CA PRO B 366 -21.09 29.16 3.30
C PRO B 366 -19.81 28.40 2.98
N GLY B 367 -19.83 27.52 1.99
CA GLY B 367 -18.64 26.73 1.67
C GLY B 367 -18.29 25.86 2.86
N LEU B 368 -17.01 25.85 3.22
CA LEU B 368 -16.52 25.07 4.37
C LEU B 368 -16.48 25.90 5.65
N GLY B 369 -16.81 27.19 5.54
CA GLY B 369 -16.80 28.06 6.71
C GLY B 369 -15.39 28.42 7.14
N LEU B 370 -14.51 28.51 6.15
CA LEU B 370 -13.13 28.84 6.38
C LEU B 370 -12.85 30.19 5.75
N ALA B 371 -12.64 31.18 6.58
CA ALA B 371 -12.29 32.52 6.14
C ALA B 371 -11.24 32.96 7.13
N TRP B 372 -10.22 33.65 6.66
CA TRP B 372 -9.08 33.93 7.50
C TRP B 372 -9.27 35.19 8.36
N ASN B 373 -8.80 35.09 9.60
CA ASN B 373 -8.58 36.25 10.44
C ASN B 373 -7.21 36.81 10.06
N GLU B 374 -7.20 37.79 9.16
CA GLU B 374 -5.97 38.26 8.52
C GLU B 374 -5.00 38.92 9.46
N SER B 375 -5.49 39.53 10.53
CA SER B 375 -4.56 40.15 11.46
C SER B 375 -3.79 39.05 12.17
N ALA B 376 -4.48 37.95 12.49
CA ALA B 376 -3.83 36.81 13.12
C ALA B 376 -2.88 36.08 12.15
N VAL B 377 -3.28 35.98 10.89
CA VAL B 377 -2.42 35.38 9.88
C VAL B 377 -1.10 36.17 9.83
N ALA B 378 -1.20 37.50 9.80
CA ALA B 378 -0.04 38.39 9.73
C ALA B 378 0.91 38.14 10.90
N LYS B 379 0.32 37.96 12.07
CA LYS B 379 1.06 37.69 13.30
C LYS B 379 1.81 36.35 13.27
N TYR B 380 1.16 35.31 12.74
CA TYR B 380 1.71 33.95 12.82
C TYR B 380 2.35 33.46 11.53
N GLN B 381 2.36 34.30 10.51
CA GLN B 381 2.88 33.90 9.22
C GLN B 381 4.38 33.66 9.28
N VAL B 382 4.89 32.70 8.49
CA VAL B 382 6.33 32.47 8.39
C VAL B 382 6.71 32.24 6.94
N THR B 383 7.98 32.51 6.59
CA THR B 383 8.43 32.46 5.20
C THR B 383 9.60 31.49 4.96
N THR C 25 37.98 5.02 13.90
CA THR C 25 36.91 5.93 14.39
C THR C 25 35.93 6.31 13.27
N THR C 26 34.64 6.36 13.60
CA THR C 26 33.60 6.53 12.59
C THR C 26 33.42 7.99 12.20
N ALA C 27 33.31 8.25 10.91
CA ALA C 27 33.05 9.59 10.42
C ALA C 27 31.70 10.11 10.94
N ALA C 28 31.57 11.43 10.94
CA ALA C 28 30.34 12.10 11.29
C ALA C 28 29.95 12.99 10.12
N ILE C 29 28.66 13.22 9.97
CA ILE C 29 28.12 14.14 8.95
C ILE C 29 28.33 15.57 9.44
N THR C 30 28.79 16.48 8.58
CA THR C 30 29.02 17.87 9.00
C THR C 30 28.07 18.83 8.30
N GLY C 31 27.53 18.40 7.17
CA GLY C 31 26.54 19.21 6.49
C GLY C 31 26.02 18.51 5.25
N VAL C 32 24.96 19.07 4.70
CA VAL C 32 24.35 18.55 3.49
C VAL C 32 23.92 19.71 2.60
N THR C 33 24.26 19.63 1.32
CA THR C 33 23.78 20.57 0.34
C THR C 33 23.13 19.81 -0.82
N ALA C 34 22.17 20.43 -1.46
CA ALA C 34 21.51 19.87 -2.63
C ALA C 34 21.39 20.95 -3.69
N ARG C 35 21.65 20.58 -4.95
CA ARG C 35 21.54 21.50 -6.07
C ARG C 35 20.67 20.88 -7.14
N ALA C 36 19.88 21.70 -7.80
CA ALA C 36 19.00 21.26 -8.87
C ALA C 36 19.61 21.57 -10.23
N VAL C 37 19.54 20.60 -11.16
CA VAL C 37 19.99 20.82 -12.53
C VAL C 37 18.93 20.29 -13.47
N ILE C 38 18.93 20.79 -14.71
CA ILE C 38 18.09 20.19 -15.74
C ILE C 38 19.00 19.88 -16.92
N THR C 39 19.33 18.59 -17.09
CA THR C 39 20.27 18.14 -18.12
C THR C 39 19.59 17.90 -19.46
N PRO C 40 20.34 18.06 -20.56
CA PRO C 40 19.69 17.83 -21.85
C PRO C 40 19.57 16.32 -22.14
N MET C 41 18.57 15.94 -22.90
CA MET C 41 18.42 14.57 -23.35
CA MET C 41 18.48 14.56 -23.35
C MET C 41 18.51 14.51 -24.87
N LYS C 42 19.43 13.69 -25.38
CA LYS C 42 19.57 13.53 -26.83
C LYS C 42 18.24 13.16 -27.48
N ARG C 43 17.53 12.24 -26.86
CA ARG C 43 16.28 11.75 -27.37
C ARG C 43 15.12 11.87 -26.41
N PRO C 44 14.02 12.44 -26.85
CA PRO C 44 12.85 12.51 -25.98
C PRO C 44 12.26 11.14 -25.72
N LEU C 45 11.67 10.99 -24.54
CA LEU C 45 11.06 9.74 -24.17
C LEU C 45 9.57 9.97 -23.99
N ARG C 46 8.79 9.69 -25.03
CA ARG C 46 7.35 9.82 -24.88
CA ARG C 46 7.35 9.81 -24.93
C ARG C 46 6.83 8.60 -24.14
N ASN C 47 5.91 8.83 -23.21
CA ASN C 47 5.28 7.75 -22.45
C ASN C 47 3.80 8.04 -22.49
N ALA C 48 3.00 7.16 -21.91
CA ALA C 48 1.55 7.28 -22.00
C ALA C 48 1.02 8.59 -21.40
N PHE C 49 1.75 9.19 -20.48
CA PHE C 49 1.24 10.35 -19.74
C PHE C 49 1.84 11.69 -20.17
N GLY C 50 2.79 11.66 -21.08
CA GLY C 50 3.48 12.90 -21.45
C GLY C 50 4.84 12.62 -22.04
N VAL C 51 5.73 13.60 -21.99
CA VAL C 51 7.03 13.42 -22.59
C VAL C 51 8.11 13.88 -21.62
N ILE C 52 9.16 13.08 -21.50
CA ILE C 52 10.33 13.49 -20.74
C ILE C 52 11.40 13.82 -21.76
N ASP C 53 11.76 15.09 -21.85
CA ASP C 53 12.73 15.51 -22.86
C ASP C 53 13.90 16.24 -22.21
N SER C 54 14.00 16.13 -20.90
CA SER C 54 15.09 16.75 -20.15
C SER C 54 15.32 15.92 -18.89
N GLY C 55 16.41 16.17 -18.18
CA GLY C 55 16.68 15.45 -16.95
C GLY C 55 16.74 16.37 -15.74
N PRO C 56 15.59 16.58 -15.10
CA PRO C 56 15.63 17.35 -13.87
C PRO C 56 16.14 16.46 -12.74
N LEU C 57 17.32 16.82 -12.23
CA LEU C 57 18.00 16.04 -11.22
C LEU C 57 18.26 16.88 -9.96
N VAL C 58 18.40 16.19 -8.84
CA VAL C 58 18.87 16.79 -7.60
C VAL C 58 20.20 16.14 -7.23
N LEU C 59 21.26 16.95 -7.12
CA LEU C 59 22.58 16.45 -6.80
C LEU C 59 22.84 16.69 -5.32
N ILE C 60 23.17 15.61 -4.62
CA ILE C 60 23.26 15.63 -3.16
C ILE C 60 24.68 15.46 -2.73
N ASP C 61 25.14 16.37 -1.86
CA ASP C 61 26.47 16.29 -1.27
C ASP C 61 26.36 16.19 0.26
N VAL C 62 26.95 15.16 0.85
CA VAL C 62 26.98 15.00 2.31
C VAL C 62 28.41 15.12 2.79
N THR C 63 28.75 16.26 3.40
CA THR C 63 30.12 16.42 3.88
C THR C 63 30.36 15.68 5.18
N THR C 64 31.59 15.19 5.37
CA THR C 64 31.93 14.47 6.59
C THR C 64 33.14 15.14 7.21
N ASP C 65 33.48 14.72 8.42
CA ASP C 65 34.65 15.27 9.11
C ASP C 65 35.92 14.48 8.80
N GLN C 66 35.89 13.68 7.74
CA GLN C 66 37.04 12.83 7.42
C GLN C 66 37.56 13.01 6.01
N GLY C 67 37.37 14.22 5.45
CA GLY C 67 37.94 14.57 4.13
C GLY C 67 37.22 14.01 2.93
N VAL C 68 35.99 13.54 3.14
CA VAL C 68 35.20 12.93 2.08
C VAL C 68 33.82 13.57 2.03
N THR C 69 33.32 13.81 0.84
CA THR C 69 31.95 14.25 0.62
C THR C 69 31.23 13.13 -0.15
N GLY C 70 30.16 12.60 0.43
CA GLY C 70 29.33 11.58 -0.26
C GLY C 70 28.44 12.22 -1.28
N HIS C 71 28.20 11.50 -2.39
CA HIS C 71 27.39 12.03 -3.47
C HIS C 71 26.29 11.03 -3.87
N SER C 72 25.13 11.57 -4.25
CA SER C 72 24.09 10.80 -4.93
C SER C 72 23.27 11.76 -5.76
N TYR C 73 22.42 11.24 -6.64
CA TYR C 73 21.49 12.10 -7.32
C TYR C 73 20.10 11.47 -7.38
N LEU C 74 19.10 12.34 -7.46
CA LEU C 74 17.73 11.93 -7.69
C LEU C 74 17.34 12.39 -9.07
N PHE C 75 16.57 11.56 -9.78
CA PHE C 75 15.81 12.00 -10.94
C PHE C 75 14.47 12.49 -10.42
N ALA C 76 14.12 13.75 -10.68
CA ALA C 76 12.97 14.35 -10.05
C ALA C 76 11.67 14.30 -10.87
N TYR C 77 11.72 13.70 -12.07
CA TYR C 77 10.56 13.57 -12.97
C TYR C 77 10.10 14.87 -13.64
N THR C 78 9.94 15.91 -12.85
CA THR C 78 9.36 17.17 -13.35
C THR C 78 10.07 18.33 -12.68
N ARG C 79 10.22 19.46 -13.39
CA ARG C 79 10.94 20.57 -12.77
C ARG C 79 10.24 21.07 -11.49
N LEU C 80 8.94 20.83 -11.41
CA LEU C 80 8.13 21.29 -10.30
C LEU C 80 8.60 20.69 -8.97
N ALA C 81 9.21 19.51 -9.03
CA ALA C 81 9.65 18.83 -7.82
C ALA C 81 11.00 19.30 -7.34
N LEU C 82 11.73 20.06 -8.16
CA LEU C 82 13.12 20.38 -7.82
C LEU C 82 13.26 21.26 -6.57
N LYS C 83 12.54 22.36 -6.51
CA LYS C 83 12.72 23.24 -5.35
C LYS C 83 12.29 22.58 -4.04
N PRO C 84 11.10 21.96 -4.01
CA PRO C 84 10.73 21.21 -2.79
C PRO C 84 11.73 20.13 -2.41
N LEU C 85 12.28 19.40 -3.40
CA LEU C 85 13.23 18.34 -3.05
C LEU C 85 14.53 18.93 -2.52
N VAL C 86 15.00 20.03 -3.11
CA VAL C 86 16.23 20.63 -2.57
C VAL C 86 15.99 21.09 -1.12
N HIS C 87 14.82 21.72 -0.87
CA HIS C 87 14.44 22.09 0.51
C HIS C 87 14.46 20.88 1.43
N LEU C 88 13.78 19.81 1.03
CA LEU C 88 13.75 18.63 1.90
C LEU C 88 15.10 18.03 2.16
N VAL C 89 15.94 17.86 1.13
CA VAL C 89 17.23 17.25 1.37
C VAL C 89 18.06 18.10 2.33
N GLU C 90 18.05 19.41 2.12
CA GLU C 90 18.87 20.26 2.98
C GLU C 90 18.33 20.35 4.41
N ASP C 91 17.01 20.42 4.55
CA ASP C 91 16.38 20.51 5.87
C ASP C 91 16.50 19.21 6.67
N ILE C 92 16.30 18.05 6.03
CA ILE C 92 16.60 16.79 6.71
C ILE C 92 18.08 16.67 7.05
N GLY C 93 18.95 16.97 6.08
CA GLY C 93 20.39 16.88 6.32
C GLY C 93 20.86 17.76 7.47
N ARG C 94 20.30 18.95 7.59
CA ARG C 94 20.68 19.86 8.67
C ARG C 94 20.48 19.16 10.04
N GLU C 95 19.42 18.38 10.16
CA GLU C 95 19.09 17.71 11.42
C GLU C 95 19.94 16.48 11.69
N LEU C 96 20.67 16.04 10.68
CA LEU C 96 21.54 14.88 10.84
C LEU C 96 22.98 15.32 11.13
N ALA C 97 23.27 16.62 11.00
CA ALA C 97 24.62 17.11 11.23
C ALA C 97 25.07 16.71 12.63
N GLY C 98 26.30 16.20 12.75
CA GLY C 98 26.81 15.69 14.03
C GLY C 98 26.57 14.21 14.30
N LYS C 99 25.72 13.56 13.51
CA LYS C 99 25.50 12.11 13.72
C LYS C 99 26.56 11.28 13.03
N ALA C 100 26.83 10.10 13.59
CA ALA C 100 27.74 9.14 13.02
C ALA C 100 27.24 8.63 11.66
N LEU C 101 28.19 8.42 10.75
CA LEU C 101 27.90 8.03 9.36
C LEU C 101 27.64 6.54 9.39
N VAL C 102 26.42 6.17 9.77
CA VAL C 102 26.05 4.77 9.98
C VAL C 102 24.69 4.61 9.31
N PRO C 103 24.68 4.12 8.07
CA PRO C 103 23.44 4.21 7.29
C PRO C 103 22.22 3.52 7.92
N VAL C 104 22.41 2.34 8.51
CA VAL C 104 21.26 1.62 9.12
C VAL C 104 20.65 2.45 10.27
N ASP C 105 21.51 3.05 11.10
CA ASP C 105 21.05 3.88 12.21
C ASP C 105 20.43 5.19 11.72
N LEU C 106 21.02 5.78 10.69
CA LEU C 106 20.48 7.02 10.15
C LEU C 106 19.09 6.77 9.52
N MET C 107 18.93 5.62 8.86
CA MET C 107 17.65 5.30 8.27
C MET C 107 16.59 5.15 9.39
N LYS C 108 16.96 4.49 10.48
CA LYS C 108 16.02 4.38 11.62
C LYS C 108 15.63 5.77 12.14
N ALA C 109 16.62 6.65 12.25
CA ALA C 109 16.38 8.04 12.64
C ALA C 109 15.40 8.76 11.71
N MET C 110 15.58 8.60 10.39
CA MET C 110 14.72 9.30 9.44
C MET C 110 13.31 8.70 9.48
N ASP C 111 13.22 7.39 9.68
CA ASP C 111 11.92 6.73 9.80
C ASP C 111 11.10 7.36 10.95
N ALA C 112 11.74 7.51 12.10
CA ALA C 112 11.05 8.02 13.30
C ALA C 112 10.70 9.49 13.08
N LYS C 113 11.57 10.23 12.40
CA LYS C 113 11.33 11.66 12.17
C LYS C 113 10.09 11.88 11.33
N PHE C 114 9.84 10.99 10.37
CA PHE C 114 8.74 11.22 9.43
C PHE C 114 7.59 10.24 9.62
N ARG C 115 7.59 9.53 10.74
CA ARG C 115 6.56 8.51 10.96
C ARG C 115 5.16 9.11 10.86
N LEU C 116 4.94 10.27 11.47
CA LEU C 116 3.60 10.86 11.46
C LEU C 116 3.22 11.60 10.15
N LEU C 117 4.11 12.49 9.69
CA LEU C 117 3.89 13.22 8.45
C LEU C 117 3.72 12.28 7.26
N GLY C 118 4.56 11.25 7.25
CA GLY C 118 4.62 10.28 6.14
C GLY C 118 5.90 10.43 5.38
N TRP C 119 6.55 9.32 5.05
CA TRP C 119 7.73 9.41 4.18
C TRP C 119 7.51 8.90 2.75
N GLN C 120 6.29 8.55 2.39
CA GLN C 120 6.00 8.36 0.96
C GLN C 120 6.12 9.68 0.21
N GLY C 121 6.56 9.60 -1.05
CA GLY C 121 6.58 10.77 -1.92
C GLY C 121 7.88 11.54 -1.84
N LEU C 122 7.81 12.87 -1.95
CA LEU C 122 9.06 13.65 -2.02
C LEU C 122 9.96 13.43 -0.81
N VAL C 123 9.38 13.37 0.38
CA VAL C 123 10.18 13.10 1.54
C VAL C 123 10.97 11.80 1.40
N GLY C 124 10.32 10.76 0.90
CA GLY C 124 10.99 9.46 0.77
C GLY C 124 12.11 9.50 -0.26
N MET C 125 11.97 10.32 -1.29
CA MET C 125 13.05 10.44 -2.25
C MET C 125 14.26 11.14 -1.61
N ALA C 126 14.00 12.16 -0.80
CA ALA C 126 15.09 12.82 -0.07
C ALA C 126 15.80 11.86 0.87
N VAL C 127 15.01 11.10 1.65
CA VAL C 127 15.56 10.09 2.54
C VAL C 127 16.45 9.08 1.78
N SER C 128 15.95 8.58 0.66
CA SER C 128 16.71 7.56 -0.08
C SER C 128 17.96 8.19 -0.72
N GLY C 129 17.83 9.43 -1.16
CA GLY C 129 18.97 10.16 -1.75
C GLY C 129 20.07 10.30 -0.70
N LEU C 130 19.67 10.66 0.52
CA LEU C 130 20.63 10.75 1.58
C LEU C 130 21.29 9.41 1.88
N ASP C 131 20.51 8.34 1.91
CA ASP C 131 21.05 7.03 2.18
C ASP C 131 22.12 6.66 1.16
N MET C 132 21.85 6.92 -0.12
CA MET C 132 22.84 6.56 -1.17
C MET C 132 24.14 7.35 -0.94
N ALA C 133 24.01 8.63 -0.61
CA ALA C 133 25.19 9.46 -0.33
C ALA C 133 25.99 8.98 0.88
N PHE C 134 25.32 8.49 1.94
CA PHE C 134 26.02 7.92 3.07
C PHE C 134 26.87 6.73 2.65
N TRP C 135 26.27 5.80 1.90
CA TRP C 135 27.03 4.64 1.46
C TRP C 135 28.17 5.06 0.49
N ASP C 136 27.89 6.05 -0.35
CA ASP C 136 28.93 6.54 -1.26
C ASP C 136 30.11 7.09 -0.46
N ALA C 137 29.82 7.89 0.56
CA ALA C 137 30.89 8.36 1.47
C ALA C 137 31.64 7.21 2.14
N LEU C 138 30.92 6.21 2.65
CA LEU C 138 31.62 5.05 3.21
C LEU C 138 32.60 4.40 2.22
N GLY C 139 32.16 4.22 0.98
CA GLY C 139 33.00 3.60 -0.04
C GLY C 139 34.24 4.45 -0.29
N GLN C 140 34.03 5.76 -0.42
CA GLN C 140 35.18 6.66 -0.64
C GLN C 140 36.15 6.59 0.54
N LEU C 141 35.62 6.57 1.75
CA LEU C 141 36.48 6.48 2.94
C LEU C 141 37.30 5.20 2.93
N ALA C 142 36.71 4.12 2.44
CA ALA C 142 37.43 2.86 2.40
C ALA C 142 38.31 2.71 1.15
N GLY C 143 38.13 3.57 0.17
CA GLY C 143 38.79 3.44 -1.12
C GLY C 143 38.27 2.24 -1.91
N LYS C 144 36.99 1.92 -1.72
CA LYS C 144 36.37 0.75 -2.36
C LYS C 144 35.03 1.12 -3.01
N PRO C 145 34.66 0.38 -4.07
CA PRO C 145 33.30 0.55 -4.59
C PRO C 145 32.31 0.02 -3.55
N VAL C 146 31.14 0.63 -3.47
CA VAL C 146 30.09 0.19 -2.51
C VAL C 146 29.82 -1.31 -2.63
N VAL C 147 29.79 -1.83 -3.86
CA VAL C 147 29.54 -3.26 -4.02
C VAL C 147 30.50 -4.13 -3.20
N GLU C 148 31.77 -3.74 -3.09
CA GLU C 148 32.70 -4.57 -2.28
C GLU C 148 32.45 -4.44 -0.79
N LEU C 149 32.03 -3.25 -0.36
CA LEU C 149 31.62 -3.06 1.03
C LEU C 149 30.47 -4.02 1.39
N LEU C 150 29.59 -4.26 0.41
CA LEU C 150 28.40 -5.09 0.62
C LEU C 150 28.69 -6.58 0.51
N GLY C 151 29.97 -6.92 0.40
CA GLY C 151 30.40 -8.31 0.37
C GLY C 151 30.35 -8.94 -1.01
N GLY C 152 30.15 -8.12 -2.04
CA GLY C 152 30.05 -8.58 -3.43
C GLY C 152 31.27 -8.16 -4.25
N SER C 153 31.17 -8.33 -5.57
CA SER C 153 32.23 -7.92 -6.50
C SER C 153 31.65 -7.10 -7.67
N ALA C 154 32.45 -6.19 -8.21
CA ALA C 154 32.03 -5.39 -9.36
C ALA C 154 32.15 -6.22 -10.60
N ARG C 155 31.03 -6.67 -11.10
CA ARG C 155 31.02 -7.55 -12.23
C ARG C 155 29.84 -7.22 -13.11
N PRO C 156 29.93 -7.64 -14.36
CA PRO C 156 29.02 -7.17 -15.39
C PRO C 156 27.61 -7.69 -15.15
N ILE C 157 26.64 -6.78 -15.14
CA ILE C 157 25.24 -7.13 -14.98
C ILE C 157 24.51 -6.95 -16.33
N PRO C 158 23.68 -7.94 -16.73
CA PRO C 158 22.98 -7.77 -17.98
C PRO C 158 22.13 -6.51 -17.94
N ALA C 159 22.14 -5.78 -19.05
CA ALA C 159 21.43 -4.51 -19.14
C ALA C 159 20.47 -4.48 -20.32
N TYR C 160 19.45 -3.62 -20.21
CA TYR C 160 18.62 -3.30 -21.38
C TYR C 160 18.56 -1.82 -21.63
N ASP C 161 18.36 -1.47 -22.88
CA ASP C 161 18.34 -0.08 -23.29
C ASP C 161 16.89 0.41 -23.28
N SER C 162 16.65 1.47 -22.52
CA SER C 162 15.30 1.87 -22.17
C SER C 162 14.85 3.10 -22.98
N TYR C 163 13.83 2.91 -23.82
CA TYR C 163 13.37 3.97 -24.74
C TYR C 163 11.97 4.44 -24.44
N GLY C 164 11.60 5.54 -25.08
CA GLY C 164 10.23 5.97 -25.12
C GLY C 164 9.51 5.12 -26.17
N VAL C 165 8.43 5.68 -26.70
CA VAL C 165 7.75 5.11 -27.86
C VAL C 165 8.75 4.96 -29.01
N LEU C 166 8.85 3.75 -29.55
CA LEU C 166 9.74 3.48 -30.69
C LEU C 166 8.95 3.24 -31.96
N ASP C 167 9.59 3.47 -33.10
CA ASP C 167 9.04 3.05 -34.38
C ASP C 167 10.15 2.32 -35.12
N ALA C 168 9.91 1.08 -35.53
CA ALA C 168 10.98 0.29 -36.10
C ALA C 168 11.57 0.96 -37.34
N ARG C 169 10.73 1.65 -38.10
CA ARG C 169 11.23 2.33 -39.29
CA ARG C 169 11.23 2.34 -39.28
C ARG C 169 12.09 3.54 -38.90
N ASP C 170 11.50 4.49 -38.20
CA ASP C 170 12.21 5.71 -37.84
C ASP C 170 13.46 5.49 -36.99
N ASP C 171 13.45 4.47 -36.16
CA ASP C 171 14.51 4.31 -35.17
C ASP C 171 15.46 3.17 -35.49
N GLU C 172 15.44 2.69 -36.73
CA GLU C 172 16.30 1.55 -37.07
C GLU C 172 17.76 1.80 -36.74
N ARG C 173 18.24 3.01 -37.08
CA ARG C 173 19.64 3.36 -36.92
C ARG C 173 20.06 3.38 -35.44
N THR C 174 19.24 4.03 -34.62
CA THR C 174 19.48 4.08 -33.18
C THR C 174 19.56 2.68 -32.57
N LEU C 175 18.62 1.82 -32.94
CA LEU C 175 18.56 0.47 -32.39
C LEU C 175 19.75 -0.36 -32.86
N ARG C 176 20.11 -0.22 -34.13
CA ARG C 176 21.31 -0.88 -34.66
CA ARG C 176 21.29 -0.94 -34.61
C ARG C 176 22.56 -0.46 -33.89
N THR C 177 22.67 0.84 -33.61
CA THR C 177 23.79 1.34 -32.83
C THR C 177 23.79 0.75 -31.42
N ALA C 178 22.62 0.76 -30.79
CA ALA C 178 22.50 0.17 -29.47
C ALA C 178 22.96 -1.29 -29.46
N CYS C 179 22.53 -2.07 -30.44
CA CYS C 179 22.89 -3.49 -30.46
C CYS C 179 24.35 -3.71 -30.88
N ASP C 180 24.82 -2.96 -31.88
CA ASP C 180 26.17 -3.22 -32.43
C ASP C 180 27.28 -2.51 -31.67
N GLU C 181 27.07 -1.24 -31.35
CA GLU C 181 28.08 -0.49 -30.61
C GLU C 181 28.13 -0.94 -29.16
N HIS C 182 26.97 -1.03 -28.52
CA HIS C 182 26.97 -1.25 -27.07
C HIS C 182 26.69 -2.68 -26.65
N GLY C 183 26.27 -3.50 -27.59
CA GLY C 183 26.06 -4.92 -27.35
C GLY C 183 24.77 -5.27 -26.62
N PHE C 184 23.82 -4.34 -26.57
CA PHE C 184 22.50 -4.66 -25.97
C PHE C 184 21.80 -5.84 -26.64
N ARG C 185 21.28 -6.74 -25.85
CA ARG C 185 20.45 -7.81 -26.33
CA ARG C 185 20.46 -7.87 -26.33
C ARG C 185 19.01 -7.72 -25.82
N ALA C 186 18.65 -6.55 -25.35
CA ALA C 186 17.32 -6.34 -24.77
C ALA C 186 16.98 -4.86 -24.88
N ILE C 187 15.73 -4.56 -25.24
CA ILE C 187 15.26 -3.20 -25.50
C ILE C 187 13.87 -3.04 -24.89
N LYS C 188 13.62 -1.90 -24.23
CA LYS C 188 12.29 -1.64 -23.75
C LYS C 188 11.73 -0.39 -24.41
N SER C 189 10.44 -0.44 -24.74
CA SER C 189 9.74 0.71 -25.28
CA SER C 189 9.74 0.72 -25.27
C SER C 189 8.44 0.92 -24.51
N LYS C 190 7.70 1.96 -24.87
CA LYS C 190 6.50 2.36 -24.11
C LYS C 190 5.26 2.13 -24.91
N GLY C 191 4.15 1.88 -24.21
CA GLY C 191 2.87 1.82 -24.86
C GLY C 191 1.77 2.45 -24.04
N GLY C 192 0.53 2.33 -24.51
CA GLY C 192 -0.62 2.81 -23.76
C GLY C 192 -0.93 4.28 -24.04
N HIS C 193 -0.14 4.90 -24.91
CA HIS C 193 -0.41 6.29 -25.29
C HIS C 193 -1.70 6.38 -26.12
N GLY C 194 -1.91 5.39 -26.99
CA GLY C 194 -3.10 5.33 -27.85
C GLY C 194 -3.90 4.06 -27.66
N ASP C 195 -4.38 3.51 -28.76
CA ASP C 195 -5.22 2.33 -28.68
C ASP C 195 -4.37 1.07 -28.83
N LEU C 196 -5.01 -0.08 -28.71
CA LEU C 196 -4.26 -1.34 -28.80
C LEU C 196 -3.60 -1.49 -30.18
N ALA C 197 -4.30 -1.10 -31.23
CA ALA C 197 -3.70 -1.25 -32.56
C ALA C 197 -2.35 -0.55 -32.63
N THR C 198 -2.26 0.62 -32.02
CA THR C 198 -1.00 1.32 -32.00
C THR C 198 0.10 0.54 -31.27
N ASP C 199 -0.22 -0.01 -30.10
CA ASP C 199 0.76 -0.80 -29.37
C ASP C 199 1.18 -2.00 -30.21
N GLU C 200 0.20 -2.69 -30.77
CA GLU C 200 0.50 -3.91 -31.53
C GLU C 200 1.37 -3.60 -32.74
N ALA C 201 1.07 -2.51 -33.43
CA ALA C 201 1.85 -2.20 -34.62
C ALA C 201 3.30 -1.92 -34.24
N MET C 202 3.49 -1.21 -33.12
CA MET C 202 4.84 -0.89 -32.66
C MET C 202 5.63 -2.16 -32.35
N ILE C 203 5.01 -3.02 -31.54
CA ILE C 203 5.70 -4.24 -31.11
C ILE C 203 5.92 -5.19 -32.30
N LYS C 204 4.93 -5.30 -33.16
CA LYS C 204 5.07 -6.14 -34.34
CA LYS C 204 5.06 -6.14 -34.35
C LYS C 204 6.28 -5.70 -35.18
N GLY C 205 6.41 -4.38 -35.37
CA GLY C 205 7.49 -3.83 -36.20
C GLY C 205 8.84 -4.04 -35.56
N LEU C 206 8.89 -3.89 -34.24
CA LEU C 206 10.14 -4.09 -33.53
C LEU C 206 10.57 -5.55 -33.55
N ARG C 207 9.62 -6.47 -33.40
CA ARG C 207 9.97 -7.89 -33.38
C ARG C 207 10.45 -8.30 -34.77
N ALA C 208 9.82 -7.74 -35.80
CA ALA C 208 10.21 -8.04 -37.18
C ALA C 208 11.62 -7.52 -37.46
N LEU C 209 11.87 -6.28 -37.04
CA LEU C 209 13.20 -5.67 -37.20
C LEU C 209 14.30 -6.40 -36.43
N LEU C 210 14.08 -6.66 -35.14
CA LEU C 210 15.15 -7.14 -34.27
C LEU C 210 15.34 -8.64 -34.30
N GLY C 211 14.34 -9.37 -34.76
CA GLY C 211 14.40 -10.82 -34.78
C GLY C 211 14.10 -11.44 -33.42
N PRO C 212 14.16 -12.79 -33.34
CA PRO C 212 13.67 -13.45 -32.12
C PRO C 212 14.64 -13.46 -30.95
N ASP C 213 15.89 -13.07 -31.18
CA ASP C 213 16.92 -13.22 -30.16
C ASP C 213 17.27 -11.90 -29.46
N ILE C 214 16.43 -10.89 -29.62
CA ILE C 214 16.62 -9.66 -28.84
C ILE C 214 15.41 -9.61 -27.90
N ALA C 215 15.65 -9.43 -26.60
CA ALA C 215 14.54 -9.35 -25.67
C ALA C 215 13.82 -8.03 -25.86
N LEU C 216 12.49 -8.07 -25.81
CA LEU C 216 11.66 -6.87 -25.88
C LEU C 216 10.77 -6.74 -24.63
N MET C 217 10.76 -5.55 -24.04
CA MET C 217 9.91 -5.28 -22.87
C MET C 217 8.99 -4.12 -23.24
N LEU C 218 7.78 -4.13 -22.68
CA LEU C 218 6.82 -3.08 -23.02
C LEU C 218 6.34 -2.45 -21.71
N ASP C 219 6.44 -1.13 -21.60
CA ASP C 219 6.09 -0.40 -20.37
C ASP C 219 4.84 0.45 -20.65
N PHE C 220 3.76 0.16 -19.92
CA PHE C 220 2.50 0.91 -20.08
C PHE C 220 2.42 2.16 -19.19
N ASN C 221 3.43 2.33 -18.34
CA ASN C 221 3.47 3.48 -17.42
C ASN C 221 2.13 3.75 -16.75
N GLN C 222 1.48 2.69 -16.25
CA GLN C 222 0.29 2.83 -15.40
C GLN C 222 -0.96 3.31 -16.13
N SER C 223 -0.95 3.25 -17.46
CA SER C 223 -2.01 3.90 -18.25
C SER C 223 -3.29 3.13 -18.47
N LEU C 224 -3.34 1.86 -18.10
CA LEU C 224 -4.53 1.05 -18.35
C LEU C 224 -5.28 0.74 -17.06
N ASP C 225 -6.54 0.28 -17.17
CA ASP C 225 -7.16 -0.37 -16.01
C ASP C 225 -7.00 -1.90 -16.16
N PRO C 226 -7.35 -2.67 -15.11
CA PRO C 226 -7.04 -4.11 -15.18
C PRO C 226 -7.71 -4.84 -16.35
N ALA C 227 -9.00 -4.57 -16.59
CA ALA C 227 -9.67 -5.20 -17.71
C ALA C 227 -8.98 -4.89 -19.03
N GLU C 228 -8.62 -3.63 -19.25
CA GLU C 228 -8.00 -3.25 -20.51
C GLU C 228 -6.59 -3.80 -20.62
N ALA C 229 -5.84 -3.83 -19.50
CA ALA C 229 -4.50 -4.44 -19.54
C ALA C 229 -4.64 -5.91 -19.93
N THR C 230 -5.58 -6.61 -19.32
CA THR C 230 -5.75 -8.04 -19.65
C THR C 230 -6.04 -8.22 -21.13
N ARG C 231 -6.92 -7.38 -21.67
CA ARG C 231 -7.25 -7.46 -23.11
C ARG C 231 -6.04 -7.21 -24.02
N ARG C 232 -5.29 -6.16 -23.72
CA ARG C 232 -4.13 -5.84 -24.56
C ARG C 232 -3.03 -6.88 -24.45
N ILE C 233 -2.76 -7.34 -23.23
CA ILE C 233 -1.71 -8.33 -23.04
C ILE C 233 -2.01 -9.62 -23.80
N ALA C 234 -3.26 -10.03 -23.79
CA ALA C 234 -3.61 -11.27 -24.48
C ALA C 234 -3.32 -11.11 -25.97
N ARG C 235 -3.52 -9.90 -26.48
CA ARG C 235 -3.33 -9.67 -27.91
C ARG C 235 -1.87 -9.53 -28.31
N LEU C 236 -1.02 -9.25 -27.32
CA LEU C 236 0.38 -9.05 -27.55
C LEU C 236 1.19 -10.31 -27.23
N ALA C 237 0.50 -11.35 -26.80
CA ALA C 237 1.19 -12.52 -26.25
C ALA C 237 2.06 -13.22 -27.30
N ASP C 238 1.69 -13.11 -28.56
CA ASP C 238 2.42 -13.80 -29.62
C ASP C 238 3.75 -13.18 -30.01
N TYR C 239 4.11 -12.03 -29.43
CA TYR C 239 5.35 -11.36 -29.79
C TYR C 239 6.53 -11.70 -28.91
N ASP C 240 6.33 -12.65 -28.02
CA ASP C 240 7.38 -13.13 -27.14
C ASP C 240 8.02 -12.02 -26.31
N LEU C 241 7.19 -11.24 -25.64
CA LEU C 241 7.72 -10.18 -24.76
C LEU C 241 8.29 -10.74 -23.46
N THR C 242 9.34 -10.10 -22.97
CA THR C 242 9.99 -10.51 -21.73
C THR C 242 9.14 -10.10 -20.50
N TRP C 243 8.56 -8.91 -20.57
CA TRP C 243 7.64 -8.50 -19.53
C TRP C 243 6.74 -7.37 -19.95
N ILE C 244 5.66 -7.19 -19.19
CA ILE C 244 4.78 -6.02 -19.33
C ILE C 244 4.93 -5.25 -18.03
N GLU C 245 5.26 -3.97 -18.16
CA GLU C 245 5.65 -3.18 -16.99
C GLU C 245 4.56 -2.14 -16.61
N GLU C 246 4.24 -2.09 -15.31
CA GLU C 246 3.18 -1.22 -14.75
C GLU C 246 1.98 -1.08 -15.65
N PRO C 247 1.25 -2.19 -15.85
CA PRO C 247 0.07 -2.14 -16.72
C PRO C 247 -1.01 -1.17 -16.17
N VAL C 248 -1.11 -1.07 -14.84
CA VAL C 248 -2.12 -0.20 -14.21
C VAL C 248 -1.45 0.68 -13.15
N PRO C 249 -2.22 1.57 -12.47
CA PRO C 249 -1.61 2.47 -11.49
C PRO C 249 -0.85 1.71 -10.41
N GLN C 250 0.28 2.27 -10.02
CA GLN C 250 1.23 1.62 -9.12
C GLN C 250 0.60 1.34 -7.78
N GLU C 251 -0.35 2.18 -7.36
CA GLU C 251 -0.94 2.01 -6.05
C GLU C 251 -1.93 0.87 -6.07
N ASN C 252 -2.35 0.48 -7.27
CA ASN C 252 -3.40 -0.51 -7.41
C ASN C 252 -2.79 -1.91 -7.39
N LEU C 253 -2.46 -2.36 -6.18
CA LEU C 253 -1.82 -3.66 -6.02
C LEU C 253 -2.78 -4.79 -6.37
N SER C 254 -4.05 -4.70 -5.96
CA SER C 254 -5.00 -5.77 -6.21
CA SER C 254 -4.96 -5.80 -6.21
C SER C 254 -5.28 -5.87 -7.70
N GLY C 255 -5.32 -4.70 -8.34
CA GLY C 255 -5.44 -4.64 -9.81
C GLY C 255 -4.27 -5.28 -10.55
N HIS C 256 -3.05 -4.97 -10.12
CA HIS C 256 -1.87 -5.64 -10.70
C HIS C 256 -2.02 -7.14 -10.53
N ALA C 257 -2.43 -7.56 -9.35
CA ALA C 257 -2.52 -8.99 -9.11
C ALA C 257 -3.55 -9.69 -10.00
N ALA C 258 -4.66 -9.00 -10.23
CA ALA C 258 -5.73 -9.53 -11.09
C ALA C 258 -5.19 -9.67 -12.53
N VAL C 259 -4.40 -8.71 -12.96
CA VAL C 259 -3.78 -8.76 -14.30
C VAL C 259 -2.79 -9.92 -14.35
N ARG C 260 -1.95 -10.02 -13.32
CA ARG C 260 -0.94 -11.06 -13.27
C ARG C 260 -1.58 -12.46 -13.33
N GLU C 261 -2.67 -12.66 -12.61
N GLU C 261 -2.70 -12.63 -12.65
CA GLU C 261 -3.32 -13.97 -12.60
CA GLU C 261 -3.36 -13.94 -12.58
C GLU C 261 -3.73 -14.38 -14.01
C GLU C 261 -3.97 -14.38 -13.91
N ARG C 262 -4.26 -13.42 -14.79
CA ARG C 262 -4.77 -13.74 -16.13
CA ARG C 262 -4.78 -13.70 -16.13
C ARG C 262 -3.70 -13.65 -17.22
N SER C 263 -2.56 -13.06 -16.92
CA SER C 263 -1.56 -12.78 -17.96
C SER C 263 -0.67 -13.97 -18.31
N GLU C 264 -0.47 -14.19 -19.61
CA GLU C 264 0.52 -15.15 -20.09
C GLU C 264 1.91 -14.53 -20.25
N ILE C 265 2.03 -13.25 -19.96
CA ILE C 265 3.31 -12.57 -20.01
C ILE C 265 3.69 -12.09 -18.60
N PRO C 266 4.95 -12.26 -18.20
CA PRO C 266 5.29 -11.81 -16.86
C PRO C 266 4.99 -10.34 -16.63
N ILE C 267 4.46 -10.05 -15.44
CA ILE C 267 4.16 -8.66 -15.04
C ILE C 267 5.27 -8.11 -14.19
N GLN C 268 5.76 -6.95 -14.59
CA GLN C 268 6.85 -6.26 -13.92
C GLN C 268 6.30 -4.95 -13.31
N ALA C 269 6.75 -4.65 -12.10
CA ALA C 269 6.31 -3.43 -11.43
C ALA C 269 7.27 -3.10 -10.32
N GLY C 270 7.00 -2.01 -9.60
CA GLY C 270 7.82 -1.75 -8.42
C GLY C 270 8.57 -0.43 -8.41
N GLU C 271 8.69 0.21 -9.57
CA GLU C 271 9.59 1.38 -9.63
C GLU C 271 8.97 2.53 -8.86
N ASN C 272 7.69 2.40 -8.52
CA ASN C 272 7.00 3.51 -7.83
C ASN C 272 6.54 3.17 -6.41
N TRP C 273 6.91 1.99 -5.94
CA TRP C 273 6.54 1.57 -4.58
C TRP C 273 7.53 2.12 -3.53
N TRP C 274 7.03 2.29 -2.30
CA TRP C 274 7.75 3.05 -1.28
C TRP C 274 8.31 2.14 -0.20
N PHE C 275 9.65 2.02 -0.13
CA PHE C 275 10.35 1.42 0.99
C PHE C 275 10.10 -0.09 1.11
N PRO C 276 10.83 -0.75 2.01
CA PRO C 276 10.62 -2.18 2.06
C PRO C 276 9.19 -2.59 2.41
N ARG C 277 8.47 -1.79 3.18
CA ARG C 277 7.09 -2.18 3.50
C ARG C 277 6.19 -2.12 2.27
N GLY C 278 6.44 -1.16 1.38
CA GLY C 278 5.68 -1.04 0.17
C GLY C 278 5.86 -2.31 -0.65
N PHE C 279 7.09 -2.83 -0.70
CA PHE C 279 7.29 -4.11 -1.39
C PHE C 279 6.68 -5.30 -0.66
N ALA C 280 6.75 -5.29 0.66
CA ALA C 280 6.18 -6.40 1.42
C ALA C 280 4.67 -6.49 1.14
N GLU C 281 3.98 -5.35 1.09
CA GLU C 281 2.54 -5.36 0.84
C GLU C 281 2.23 -5.76 -0.61
N ALA C 282 3.08 -5.33 -1.52
CA ALA C 282 2.87 -5.71 -2.93
C ALA C 282 3.09 -7.22 -3.10
N ILE C 283 4.14 -7.74 -2.49
CA ILE C 283 4.42 -9.18 -2.58
C ILE C 283 3.31 -9.97 -1.88
N ALA C 284 2.82 -9.46 -0.75
CA ALA C 284 1.73 -10.16 -0.04
C ALA C 284 0.47 -10.23 -0.91
N ALA C 285 0.25 -9.20 -1.70
CA ALA C 285 -0.92 -9.17 -2.60
C ALA C 285 -0.72 -9.95 -3.89
N GLY C 286 0.52 -10.40 -4.13
CA GLY C 286 0.87 -11.09 -5.38
C GLY C 286 0.74 -10.15 -6.59
N ALA C 287 1.18 -8.91 -6.44
CA ALA C 287 1.01 -7.91 -7.52
C ALA C 287 1.75 -8.23 -8.83
N SER C 288 2.93 -8.86 -8.74
CA SER C 288 3.78 -8.96 -9.95
C SER C 288 4.62 -10.23 -9.95
N ASP C 289 5.08 -10.63 -11.13
CA ASP C 289 6.02 -11.74 -11.29
C ASP C 289 7.46 -11.31 -11.09
N PHE C 290 7.76 -10.10 -11.55
CA PHE C 290 9.09 -9.51 -11.44
C PHE C 290 8.95 -8.23 -10.64
N ILE C 291 10.06 -7.75 -10.07
CA ILE C 291 10.05 -6.39 -9.48
C ILE C 291 11.25 -5.57 -9.93
N MET C 292 11.11 -4.24 -9.91
CA MET C 292 12.23 -3.37 -10.24
C MET C 292 12.17 -2.08 -9.37
N PRO C 293 12.65 -2.19 -8.13
CA PRO C 293 12.65 -1.02 -7.24
C PRO C 293 13.50 0.07 -7.83
N ASP C 294 13.19 1.31 -7.44
CA ASP C 294 13.98 2.48 -7.76
C ASP C 294 14.72 2.80 -6.47
N LEU C 295 16.03 2.93 -6.55
CA LEU C 295 16.80 3.33 -5.36
C LEU C 295 16.28 4.61 -4.70
N MET C 296 15.64 5.51 -5.46
CA MET C 296 15.09 6.74 -4.87
C MET C 296 13.83 6.52 -4.03
N LYS C 297 13.17 5.38 -4.19
CA LYS C 297 11.85 5.19 -3.57
C LYS C 297 11.82 3.99 -2.62
N VAL C 298 12.76 3.07 -2.80
CA VAL C 298 12.85 1.86 -1.97
C VAL C 298 13.62 2.12 -0.67
N GLY C 299 14.21 3.30 -0.51
CA GLY C 299 14.96 3.57 0.75
C GLY C 299 16.46 3.49 0.56
N GLY C 300 16.90 3.85 -0.65
CA GLY C 300 18.33 3.75 -1.03
C GLY C 300 18.92 2.36 -0.99
N ILE C 301 20.23 2.31 -0.77
CA ILE C 301 20.96 1.04 -0.68
C ILE C 301 20.42 0.22 0.48
N THR C 302 20.21 0.89 1.61
CA THR C 302 19.79 0.22 2.82
C THR C 302 18.43 -0.47 2.61
N GLY C 303 17.49 0.26 2.00
CA GLY C 303 16.16 -0.29 1.69
C GLY C 303 16.21 -1.41 0.64
N TRP C 304 16.99 -1.17 -0.42
CA TRP C 304 17.18 -2.17 -1.49
C TRP C 304 17.58 -3.52 -0.90
N LEU C 305 18.56 -3.51 -0.01
CA LEU C 305 19.09 -4.77 0.52
C LEU C 305 18.01 -5.55 1.28
N ASN C 306 17.17 -4.84 2.00
CA ASN C 306 16.04 -5.49 2.67
C ASN C 306 15.10 -6.14 1.64
N VAL C 307 14.78 -5.40 0.58
CA VAL C 307 13.88 -5.93 -0.47
C VAL C 307 14.52 -7.11 -1.22
N ALA C 308 15.85 -7.08 -1.36
CA ALA C 308 16.55 -8.20 -2.02
C ALA C 308 16.30 -9.50 -1.27
N GLY C 309 16.21 -9.42 0.05
CA GLY C 309 15.93 -10.60 0.84
C GLY C 309 14.48 -11.02 0.63
N GLN C 310 13.57 -10.04 0.55
CA GLN C 310 12.14 -10.36 0.28
C GLN C 310 11.97 -11.05 -1.09
N ALA C 311 12.67 -10.54 -2.10
CA ALA C 311 12.46 -11.03 -3.46
C ALA C 311 13.03 -12.45 -3.55
N ASP C 312 14.11 -12.69 -2.83
CA ASP C 312 14.66 -14.05 -2.77
C ASP C 312 13.64 -15.02 -2.16
N ALA C 313 13.08 -14.65 -1.01
CA ALA C 313 12.06 -15.51 -0.38
C ALA C 313 10.86 -15.76 -1.31
N ALA C 314 10.46 -14.76 -2.08
CA ALA C 314 9.30 -14.86 -2.96
C ALA C 314 9.64 -15.44 -4.33
N SER C 315 10.91 -15.73 -4.59
CA SER C 315 11.43 -16.11 -5.93
C SER C 315 10.98 -15.14 -7.01
N ILE C 316 11.20 -13.84 -6.76
CA ILE C 316 10.85 -12.82 -7.74
C ILE C 316 12.13 -12.23 -8.32
N PRO C 317 12.33 -12.40 -9.64
CA PRO C 317 13.47 -11.77 -10.28
C PRO C 317 13.44 -10.24 -10.09
N MET C 318 14.60 -9.68 -9.73
CA MET C 318 14.67 -8.26 -9.29
C MET C 318 15.62 -7.46 -10.16
N SER C 319 15.07 -6.44 -10.82
CA SER C 319 15.81 -5.55 -11.70
C SER C 319 15.83 -4.17 -11.06
N SER C 320 16.46 -3.23 -11.74
CA SER C 320 16.52 -1.87 -11.21
C SER C 320 15.71 -0.91 -12.06
N HIS C 321 15.22 0.17 -11.45
CA HIS C 321 14.65 1.29 -12.20
C HIS C 321 15.64 2.46 -12.25
N ILE C 322 16.12 2.79 -13.46
CA ILE C 322 17.05 3.94 -13.69
C ILE C 322 18.15 4.01 -12.64
N LEU C 323 18.73 5.19 -12.38
CA LEU C 323 19.90 5.29 -11.48
C LEU C 323 20.87 4.14 -11.74
N PRO C 324 21.31 4.01 -13.01
CA PRO C 324 22.14 2.81 -13.36
C PRO C 324 23.49 2.76 -12.64
N GLU C 325 24.08 3.92 -12.37
CA GLU C 325 25.36 3.93 -11.69
C GLU C 325 25.28 3.30 -10.30
N ALA C 326 24.29 3.72 -9.50
CA ALA C 326 24.18 3.14 -8.16
C ALA C 326 23.62 1.71 -8.21
N SER C 327 22.72 1.47 -9.16
CA SER C 327 22.09 0.16 -9.27
C SER C 327 23.14 -0.90 -9.55
N ALA C 328 24.17 -0.53 -10.30
CA ALA C 328 25.26 -1.48 -10.59
C ALA C 328 25.98 -2.01 -9.35
N HIS C 329 25.89 -1.26 -8.24
CA HIS C 329 26.53 -1.67 -7.01
C HIS C 329 25.68 -2.59 -6.17
N VAL C 330 24.36 -2.59 -6.38
CA VAL C 330 23.52 -3.46 -5.55
C VAL C 330 23.06 -4.75 -6.25
N LEU C 331 22.89 -4.70 -7.57
CA LEU C 331 22.49 -5.91 -8.29
C LEU C 331 23.45 -7.08 -8.07
N PRO C 332 24.77 -6.83 -7.93
CA PRO C 332 25.63 -8.00 -7.74
C PRO C 332 25.48 -8.70 -6.40
N VAL C 333 24.80 -8.08 -5.43
CA VAL C 333 24.53 -8.78 -4.16
C VAL C 333 23.04 -9.10 -3.95
N THR C 334 22.28 -9.04 -5.04
CA THR C 334 20.83 -9.33 -5.01
C THR C 334 20.65 -10.77 -5.52
N PRO C 335 20.19 -11.69 -4.64
CA PRO C 335 20.11 -13.11 -4.99
C PRO C 335 19.35 -13.36 -6.28
N THR C 336 18.29 -12.59 -6.53
CA THR C 336 17.49 -12.77 -7.75
C THR C 336 17.72 -11.72 -8.82
N ALA C 337 18.92 -11.13 -8.81
CA ALA C 337 19.25 -10.08 -9.80
C ALA C 337 18.84 -10.49 -11.20
N HIS C 338 18.25 -9.56 -11.92
CA HIS C 338 17.72 -9.86 -13.24
C HIS C 338 18.37 -8.88 -14.23
N PHE C 339 17.76 -7.72 -14.47
CA PHE C 339 18.32 -6.71 -15.39
C PHE C 339 18.66 -5.38 -14.71
N LEU C 340 19.65 -4.70 -15.26
CA LEU C 340 19.91 -3.28 -14.95
C LEU C 340 19.31 -2.41 -16.08
N GLU C 341 18.44 -1.46 -15.74
CA GLU C 341 17.88 -0.56 -16.74
C GLU C 341 18.84 0.56 -17.10
N VAL C 342 19.17 0.68 -18.39
CA VAL C 342 20.01 1.80 -18.83
C VAL C 342 19.18 2.94 -19.40
N LEU C 343 19.10 4.01 -18.64
CA LEU C 343 18.51 5.24 -19.08
C LEU C 343 19.40 6.29 -18.45
N ASP C 344 20.21 6.95 -19.26
CA ASP C 344 21.26 7.86 -18.79
C ASP C 344 20.90 9.34 -18.63
N PHE C 345 20.21 9.70 -17.57
CA PHE C 345 19.90 11.08 -17.27
C PHE C 345 21.08 11.93 -16.80
N ALA C 346 21.97 11.33 -16.06
CA ALA C 346 23.01 12.05 -15.33
C ALA C 346 24.39 12.18 -16.00
N GLY C 347 24.62 11.50 -17.12
CA GLY C 347 25.97 11.44 -17.68
C GLY C 347 26.59 12.82 -17.89
N ALA C 348 25.75 13.77 -18.26
CA ALA C 348 26.16 15.15 -18.55
C ALA C 348 26.84 15.84 -17.37
N ILE C 349 26.44 15.49 -16.15
CA ILE C 349 27.00 16.12 -14.96
C ILE C 349 27.91 15.22 -14.13
N LEU C 350 28.27 14.05 -14.66
CA LEU C 350 29.18 13.16 -13.96
C LEU C 350 30.61 13.24 -14.48
N THR C 351 31.59 13.13 -13.59
CA THR C 351 32.99 13.03 -14.03
C THR C 351 33.25 11.73 -14.80
N GLU C 352 32.58 10.65 -14.39
CA GLU C 352 32.71 9.37 -15.09
C GLU C 352 31.36 8.80 -15.48
N PRO C 353 30.79 9.23 -16.62
CA PRO C 353 29.49 8.74 -17.05
C PRO C 353 29.44 7.23 -17.25
N LEU C 354 28.22 6.70 -17.20
CA LEU C 354 27.99 5.27 -17.38
C LEU C 354 28.57 4.71 -18.67
N ARG C 355 29.18 3.53 -18.60
CA ARG C 355 29.60 2.80 -19.79
C ARG C 355 28.92 1.44 -19.91
N VAL C 356 28.42 1.13 -21.10
CA VAL C 356 27.83 -0.19 -21.38
C VAL C 356 28.74 -0.95 -22.32
N ILE C 357 29.15 -2.15 -21.92
CA ILE C 357 30.05 -2.95 -22.74
C ILE C 357 29.47 -4.34 -22.91
N ASP C 358 29.30 -4.76 -24.17
CA ASP C 358 28.74 -6.08 -24.48
C ASP C 358 27.38 -6.23 -23.78
N GLY C 359 26.62 -5.16 -23.78
CA GLY C 359 25.24 -5.19 -23.24
C GLY C 359 25.19 -5.38 -21.73
N LYS C 360 26.30 -5.10 -21.05
CA LYS C 360 26.35 -5.20 -19.58
C LYS C 360 26.96 -3.98 -18.92
N VAL C 361 26.62 -3.78 -17.64
CA VAL C 361 27.14 -2.65 -16.89
C VAL C 361 27.89 -3.16 -15.67
N THR C 362 29.09 -2.61 -15.44
CA THR C 362 29.91 -2.97 -14.28
C THR C 362 29.99 -1.77 -13.34
N ALA C 363 29.82 -2.02 -12.04
CA ALA C 363 29.89 -0.95 -11.05
C ALA C 363 31.27 -0.28 -11.05
N LYS C 364 31.27 1.04 -10.87
CA LYS C 364 32.51 1.82 -10.78
C LYS C 364 32.60 2.48 -9.41
N GLY C 365 33.80 2.47 -8.81
CA GLY C 365 34.04 3.13 -7.53
C GLY C 365 35.08 4.24 -7.69
N PRO C 366 35.60 4.77 -6.58
CA PRO C 366 35.25 4.34 -5.23
C PRO C 366 33.86 4.85 -4.85
N GLY C 367 33.31 4.35 -3.74
CA GLY C 367 31.94 4.67 -3.41
C GLY C 367 30.99 4.22 -4.52
N LEU C 368 30.05 5.09 -4.88
CA LEU C 368 29.11 4.81 -5.99
C LEU C 368 29.64 5.24 -7.38
N GLY C 369 30.82 5.85 -7.41
CA GLY C 369 31.38 6.34 -8.68
C GLY C 369 30.68 7.57 -9.20
N LEU C 370 30.12 8.37 -8.29
CA LEU C 370 29.41 9.57 -8.67
C LEU C 370 30.24 10.73 -8.15
N ALA C 371 30.76 11.52 -9.06
CA ALA C 371 31.51 12.74 -8.73
C ALA C 371 31.05 13.71 -9.79
N TRP C 372 30.93 15.00 -9.46
CA TRP C 372 30.31 15.94 -10.39
C TRP C 372 31.34 16.58 -11.32
N ASN C 373 30.91 16.74 -12.57
CA ASN C 373 31.57 17.59 -13.54
C ASN C 373 31.08 19.01 -13.23
N GLU C 374 31.84 19.76 -12.41
CA GLU C 374 31.34 21.03 -11.87
C GLU C 374 31.08 22.08 -12.93
N SER C 375 31.85 22.08 -14.02
CA SER C 375 31.55 23.02 -15.10
C SER C 375 30.18 22.75 -15.74
N ALA C 376 29.87 21.48 -15.98
CA ALA C 376 28.53 21.11 -16.44
C ALA C 376 27.41 21.42 -15.42
N VAL C 377 27.66 21.13 -14.14
CA VAL C 377 26.69 21.50 -13.13
C VAL C 377 26.39 22.99 -13.21
N ALA C 378 27.43 23.82 -13.25
CA ALA C 378 27.21 25.27 -13.31
C ALA C 378 26.37 25.62 -14.53
N LYS C 379 26.63 24.95 -15.65
CA LYS C 379 25.86 25.21 -16.87
C LYS C 379 24.38 24.84 -16.75
N TYR C 380 24.10 23.69 -16.14
CA TYR C 380 22.72 23.18 -16.13
C TYR C 380 21.93 23.48 -14.84
N GLN C 381 22.57 24.15 -13.88
CA GLN C 381 21.92 24.41 -12.58
C GLN C 381 20.76 25.33 -12.76
N VAL C 382 19.70 25.07 -12.01
CA VAL C 382 18.52 25.93 -12.04
C VAL C 382 18.20 26.32 -10.63
N THR C 383 17.72 27.55 -10.47
CA THR C 383 17.41 28.09 -9.15
C THR C 383 16.15 28.94 -9.20
N THR D 25 43.57 -5.74 -5.52
CA THR D 25 43.94 -5.58 -4.09
C THR D 25 42.95 -6.27 -3.13
N THR D 26 42.00 -7.07 -3.67
CA THR D 26 41.13 -7.86 -2.80
C THR D 26 41.89 -9.09 -2.31
N ALA D 27 41.82 -9.37 -1.01
CA ALA D 27 42.50 -10.53 -0.47
C ALA D 27 42.04 -11.82 -1.16
N ALA D 28 42.95 -12.77 -1.27
CA ALA D 28 42.60 -14.10 -1.71
C ALA D 28 42.78 -15.09 -0.58
N ILE D 29 41.99 -16.17 -0.61
CA ILE D 29 42.13 -17.23 0.36
C ILE D 29 43.33 -18.07 -0.01
N THR D 30 44.13 -18.46 0.99
CA THR D 30 45.31 -19.30 0.77
C THR D 30 45.16 -20.69 1.36
N GLY D 31 44.25 -20.85 2.31
CA GLY D 31 44.08 -22.14 2.95
C GLY D 31 43.02 -22.09 4.04
N VAL D 32 42.55 -23.25 4.46
CA VAL D 32 41.58 -23.37 5.53
C VAL D 32 41.94 -24.55 6.41
N THR D 33 41.90 -24.35 7.72
CA THR D 33 42.07 -25.44 8.63
C THR D 33 40.96 -25.39 9.67
N ALA D 34 40.68 -26.54 10.25
CA ALA D 34 39.65 -26.63 11.29
C ALA D 34 40.15 -27.55 12.38
N ARG D 35 39.89 -27.18 13.63
CA ARG D 35 40.25 -28.00 14.78
C ARG D 35 39.03 -28.27 15.65
N ALA D 36 38.94 -29.47 16.20
CA ALA D 36 37.87 -29.80 17.12
C ALA D 36 38.33 -29.67 18.57
N VAL D 37 37.50 -29.04 19.39
CA VAL D 37 37.74 -29.02 20.83
C VAL D 37 36.47 -29.40 21.57
N ILE D 38 36.62 -29.80 22.84
CA ILE D 38 35.48 -30.03 23.70
C ILE D 38 35.72 -29.23 24.95
N THR D 39 34.99 -28.13 25.09
CA THR D 39 35.17 -27.24 26.23
C THR D 39 34.33 -27.68 27.42
N PRO D 40 34.80 -27.38 28.63
CA PRO D 40 34.07 -27.73 29.83
C PRO D 40 32.95 -26.73 30.08
N MET D 41 31.88 -27.18 30.72
CA MET D 41 30.81 -26.27 31.06
CA MET D 41 30.72 -26.35 31.04
C MET D 41 30.50 -26.29 32.55
N LYS D 42 30.27 -25.10 33.08
CA LYS D 42 30.03 -24.91 34.51
C LYS D 42 29.01 -25.91 35.02
N ARG D 43 27.82 -25.85 34.44
CA ARG D 43 26.74 -26.74 34.84
C ARG D 43 26.08 -27.36 33.62
N PRO D 44 25.69 -28.65 33.75
CA PRO D 44 25.00 -29.33 32.67
C PRO D 44 23.77 -28.55 32.23
N LEU D 45 23.41 -28.71 30.97
CA LEU D 45 22.20 -28.14 30.43
C LEU D 45 21.30 -29.32 30.09
N ARG D 46 20.35 -29.63 30.96
CA ARG D 46 19.48 -30.76 30.67
C ARG D 46 18.35 -30.25 29.79
N ASN D 47 18.03 -31.04 28.76
CA ASN D 47 16.93 -30.70 27.88
C ASN D 47 16.04 -31.93 27.69
N ALA D 48 14.95 -31.80 26.94
CA ALA D 48 13.98 -32.89 26.83
C ALA D 48 14.59 -34.13 26.14
N PHE D 49 15.66 -33.95 25.38
CA PHE D 49 16.25 -35.09 24.65
C PHE D 49 17.54 -35.64 25.22
N GLY D 50 18.04 -35.02 26.29
CA GLY D 50 19.30 -35.45 26.86
C GLY D 50 19.98 -34.36 27.66
N VAL D 51 21.29 -34.46 27.79
CA VAL D 51 22.00 -33.47 28.58
C VAL D 51 23.20 -33.03 27.77
N ILE D 52 23.38 -31.72 27.65
CA ILE D 52 24.60 -31.18 27.10
C ILE D 52 25.45 -30.76 28.30
N ASP D 53 26.57 -31.44 28.52
CA ASP D 53 27.43 -31.10 29.65
C ASP D 53 28.85 -30.74 29.22
N SER D 54 29.01 -30.42 27.95
CA SER D 54 30.31 -30.02 27.42
C SER D 54 30.06 -29.25 26.14
N GLY D 55 31.11 -28.64 25.59
CA GLY D 55 30.97 -27.81 24.41
C GLY D 55 31.84 -28.32 23.28
N PRO D 56 31.30 -29.24 22.45
CA PRO D 56 32.05 -29.70 21.29
C PRO D 56 31.99 -28.63 20.22
N LEU D 57 33.14 -28.05 19.87
CA LEU D 57 33.22 -26.93 18.93
C LEU D 57 34.17 -27.26 17.79
N VAL D 58 33.96 -26.64 16.65
CA VAL D 58 34.90 -26.71 15.54
C VAL D 58 35.41 -25.31 15.34
N LEU D 59 36.73 -25.14 15.45
CA LEU D 59 37.33 -23.82 15.31
C LEU D 59 37.92 -23.70 13.91
N ILE D 60 37.49 -22.66 13.20
CA ILE D 60 37.77 -22.54 11.78
C ILE D 60 38.69 -21.36 11.53
N ASP D 61 39.74 -21.61 10.73
CA ASP D 61 40.72 -20.60 10.33
C ASP D 61 40.84 -20.49 8.80
N VAL D 62 40.57 -19.31 8.27
CA VAL D 62 40.74 -19.04 6.85
C VAL D 62 41.92 -18.10 6.64
N THR D 63 43.04 -18.64 6.17
CA THR D 63 44.21 -17.79 5.95
C THR D 63 44.10 -17.07 4.63
N THR D 64 44.57 -15.82 4.58
CA THR D 64 44.57 -15.07 3.35
C THR D 64 45.98 -14.64 2.96
N ASP D 65 46.10 -14.01 1.80
CA ASP D 65 47.39 -13.50 1.34
C ASP D 65 47.67 -12.07 1.82
N GLN D 66 46.87 -11.55 2.75
CA GLN D 66 47.10 -10.18 3.24
C GLN D 66 47.35 -10.11 4.75
N GLY D 67 47.93 -11.19 5.29
CA GLY D 67 48.41 -11.21 6.67
C GLY D 67 47.29 -11.26 7.70
N VAL D 68 46.11 -11.70 7.26
CA VAL D 68 44.98 -11.86 8.17
C VAL D 68 44.46 -13.30 8.06
N THR D 69 44.07 -13.88 9.19
CA THR D 69 43.42 -15.18 9.19
C THR D 69 42.02 -14.99 9.78
N GLY D 70 40.99 -15.29 9.01
CA GLY D 70 39.61 -15.17 9.51
C GLY D 70 39.30 -16.32 10.42
N HIS D 71 38.48 -16.06 11.45
CA HIS D 71 38.13 -17.05 12.43
C HIS D 71 36.60 -17.12 12.59
N SER D 72 36.10 -18.33 12.84
CA SER D 72 34.73 -18.53 13.36
C SER D 72 34.70 -19.85 14.10
N TYR D 73 33.62 -20.13 14.82
CA TYR D 73 33.44 -21.46 15.37
C TYR D 73 32.00 -21.96 15.18
N LEU D 74 31.88 -23.28 15.15
CA LEU D 74 30.61 -23.99 15.21
C LEU D 74 30.45 -24.68 16.54
N PHE D 75 29.22 -24.65 17.06
CA PHE D 75 28.85 -25.56 18.12
C PHE D 75 28.34 -26.83 17.45
N ALA D 76 28.91 -27.98 17.81
CA ALA D 76 28.69 -29.21 17.01
C ALA D 76 27.62 -30.13 17.60
N TYR D 77 27.07 -29.71 18.74
CA TYR D 77 26.06 -30.48 19.47
C TYR D 77 26.53 -31.75 20.16
N THR D 78 27.22 -32.60 19.41
CA THR D 78 27.63 -33.91 19.89
C THR D 78 29.03 -34.20 19.35
N ARG D 79 29.86 -34.88 20.14
CA ARG D 79 31.21 -35.23 19.65
C ARG D 79 31.20 -35.99 18.32
N LEU D 80 30.13 -36.73 18.06
CA LEU D 80 30.05 -37.52 16.85
CA LEU D 80 30.02 -37.52 16.83
C LEU D 80 30.16 -36.67 15.56
N ALA D 81 29.74 -35.41 15.64
CA ALA D 81 29.77 -34.52 14.48
C ALA D 81 31.13 -33.84 14.28
N LEU D 82 32.03 -33.95 15.26
CA LEU D 82 33.29 -33.19 15.17
C LEU D 82 34.20 -33.62 14.02
N LYS D 83 34.48 -34.92 13.91
CA LYS D 83 35.34 -35.35 12.82
C LYS D 83 34.80 -35.02 11.43
N PRO D 84 33.53 -35.39 11.17
CA PRO D 84 32.93 -35.06 9.86
C PRO D 84 32.95 -33.56 9.55
N LEU D 85 32.66 -32.70 10.53
CA LEU D 85 32.67 -31.25 10.30
C LEU D 85 34.07 -30.75 9.98
N VAL D 86 35.07 -31.20 10.74
CA VAL D 86 36.46 -30.85 10.42
C VAL D 86 36.80 -31.27 8.99
N HIS D 87 36.46 -32.51 8.63
CA HIS D 87 36.67 -33.00 7.27
C HIS D 87 36.02 -32.10 6.25
N LEU D 88 34.75 -31.75 6.47
CA LEU D 88 34.03 -30.99 5.48
C LEU D 88 34.58 -29.59 5.35
N VAL D 89 34.89 -28.95 6.47
CA VAL D 89 35.43 -27.59 6.43
C VAL D 89 36.75 -27.59 5.65
N GLU D 90 37.62 -28.55 5.96
CA GLU D 90 38.92 -28.59 5.28
C GLU D 90 38.80 -28.97 3.81
N ASP D 91 37.92 -29.91 3.48
CA ASP D 91 37.77 -30.29 2.06
C ASP D 91 37.18 -29.14 1.24
N ILE D 92 36.16 -28.48 1.77
CA ILE D 92 35.58 -27.34 1.05
C ILE D 92 36.58 -26.22 0.93
N GLY D 93 37.28 -25.95 2.04
CA GLY D 93 38.29 -24.90 2.10
C GLY D 93 39.39 -25.11 1.09
N ARG D 94 39.82 -26.35 0.92
CA ARG D 94 40.86 -26.66 -0.04
C ARG D 94 40.48 -26.22 -1.45
N GLU D 95 39.19 -26.33 -1.79
CA GLU D 95 38.75 -25.94 -3.13
C GLU D 95 38.60 -24.44 -3.29
N LEU D 96 38.68 -23.70 -2.18
CA LEU D 96 38.59 -22.24 -2.24
C LEU D 96 39.94 -21.58 -2.36
N ALA D 97 41.02 -22.37 -2.24
CA ALA D 97 42.37 -21.81 -2.44
C ALA D 97 42.44 -20.94 -3.69
N GLY D 98 43.03 -19.76 -3.56
CA GLY D 98 43.18 -18.83 -4.68
C GLY D 98 41.97 -17.98 -5.01
N LYS D 99 40.82 -18.28 -4.41
CA LYS D 99 39.61 -17.47 -4.64
C LYS D 99 39.64 -16.13 -3.89
N ALA D 100 39.06 -15.12 -4.53
CA ALA D 100 38.93 -13.80 -3.93
C ALA D 100 38.01 -13.84 -2.72
N LEU D 101 38.35 -13.10 -1.68
CA LEU D 101 37.60 -13.11 -0.42
C LEU D 101 36.36 -12.25 -0.60
N VAL D 102 35.30 -12.85 -1.17
CA VAL D 102 34.08 -12.09 -1.50
C VAL D 102 32.93 -12.99 -1.01
N PRO D 103 32.36 -12.67 0.17
CA PRO D 103 31.46 -13.65 0.80
C PRO D 103 30.22 -13.99 -0.04
N VAL D 104 29.62 -12.99 -0.66
CA VAL D 104 28.43 -13.23 -1.45
C VAL D 104 28.73 -14.17 -2.62
N ASP D 105 29.86 -13.95 -3.27
CA ASP D 105 30.24 -14.80 -4.40
C ASP D 105 30.63 -16.20 -3.96
N LEU D 106 31.35 -16.30 -2.84
CA LEU D 106 31.74 -17.62 -2.29
C LEU D 106 30.51 -18.40 -1.87
N MET D 107 29.49 -17.71 -1.36
CA MET D 107 28.28 -18.44 -0.93
C MET D 107 27.57 -19.02 -2.16
N LYS D 108 27.51 -18.23 -3.23
CA LYS D 108 26.83 -18.70 -4.42
CA LYS D 108 26.88 -18.65 -4.47
C LYS D 108 27.60 -19.90 -4.99
N ALA D 109 28.94 -19.90 -4.87
CA ALA D 109 29.72 -21.01 -5.35
C ALA D 109 29.49 -22.29 -4.53
N MET D 110 29.38 -22.13 -3.20
CA MET D 110 29.13 -23.25 -2.31
C MET D 110 27.73 -23.80 -2.59
N ASP D 111 26.79 -22.91 -2.85
CA ASP D 111 25.42 -23.32 -3.19
C ASP D 111 25.45 -24.24 -4.43
N ALA D 112 26.15 -23.82 -5.47
CA ALA D 112 26.19 -24.62 -6.70
C ALA D 112 26.90 -25.94 -6.45
N LYS D 113 27.97 -25.90 -5.67
CA LYS D 113 28.76 -27.09 -5.39
C LYS D 113 27.96 -28.18 -4.70
N PHE D 114 27.08 -27.77 -3.77
CA PHE D 114 26.33 -28.79 -3.04
C PHE D 114 24.87 -28.94 -3.47
N ARG D 115 24.50 -28.40 -4.62
CA ARG D 115 23.10 -28.36 -4.97
C ARG D 115 22.51 -29.75 -5.03
N LEU D 116 23.24 -30.66 -5.66
CA LEU D 116 22.73 -32.04 -5.81
C LEU D 116 22.80 -32.86 -4.54
N LEU D 117 23.97 -32.92 -3.92
CA LEU D 117 24.12 -33.67 -2.70
C LEU D 117 23.18 -33.16 -1.60
N GLY D 118 23.09 -31.84 -1.48
CA GLY D 118 22.26 -31.21 -0.41
C GLY D 118 23.17 -30.46 0.54
N TRP D 119 22.80 -29.25 0.94
CA TRP D 119 23.59 -28.51 1.94
C TRP D 119 22.86 -28.33 3.27
N GLN D 120 21.69 -28.97 3.41
CA GLN D 120 21.15 -29.11 4.76
C GLN D 120 22.05 -30.01 5.59
N GLY D 121 22.15 -29.73 6.88
CA GLY D 121 22.82 -30.65 7.81
C GLY D 121 24.30 -30.29 7.98
N LEU D 122 25.15 -31.31 8.14
CA LEU D 122 26.57 -31.01 8.45
C LEU D 122 27.21 -30.13 7.35
N VAL D 123 26.90 -30.39 6.09
CA VAL D 123 27.46 -29.58 5.02
C VAL D 123 27.10 -28.12 5.23
N GLY D 124 25.86 -27.85 5.59
CA GLY D 124 25.41 -26.46 5.76
C GLY D 124 26.11 -25.75 6.90
N MET D 125 26.45 -26.49 7.94
CA MET D 125 27.13 -25.89 9.08
C MET D 125 28.54 -25.50 8.64
N ALA D 126 29.18 -26.36 7.88
CA ALA D 126 30.53 -26.05 7.36
C ALA D 126 30.49 -24.82 6.47
N VAL D 127 29.53 -24.78 5.56
CA VAL D 127 29.30 -23.61 4.71
C VAL D 127 29.07 -22.32 5.53
N SER D 128 28.22 -22.38 6.55
CA SER D 128 27.91 -21.19 7.32
C SER D 128 29.12 -20.79 8.15
N GLY D 129 29.86 -21.79 8.62
CA GLY D 129 31.09 -21.54 9.43
C GLY D 129 32.12 -20.81 8.56
N LEU D 130 32.26 -21.27 7.33
CA LEU D 130 33.15 -20.58 6.38
C LEU D 130 32.74 -19.14 6.11
N ASP D 131 31.45 -18.93 5.88
CA ASP D 131 30.96 -17.58 5.61
C ASP D 131 31.34 -16.65 6.77
N MET D 132 31.10 -17.09 8.01
CA MET D 132 31.41 -16.27 9.16
C MET D 132 32.89 -15.90 9.20
N ALA D 133 33.74 -16.88 8.92
CA ALA D 133 35.19 -16.63 8.89
C ALA D 133 35.59 -15.62 7.79
N PHE D 134 34.95 -15.70 6.62
CA PHE D 134 35.21 -14.74 5.55
C PHE D 134 34.88 -13.32 6.01
N TRP D 135 33.71 -13.15 6.63
CA TRP D 135 33.35 -11.83 7.11
C TRP D 135 34.31 -11.35 8.22
N ASP D 136 34.69 -12.26 9.10
CA ASP D 136 35.60 -11.90 10.15
C ASP D 136 36.94 -11.41 9.52
N ALA D 137 37.43 -12.14 8.52
CA ALA D 137 38.67 -11.72 7.82
C ALA D 137 38.51 -10.34 7.23
N LEU D 138 37.39 -10.05 6.55
CA LEU D 138 37.18 -8.73 5.99
C LEU D 138 37.19 -7.62 7.06
N GLY D 139 36.55 -7.88 8.20
CA GLY D 139 36.54 -6.91 9.28
C GLY D 139 37.96 -6.70 9.80
N GLN D 140 38.69 -7.78 9.96
CA GLN D 140 40.09 -7.67 10.42
C GLN D 140 40.94 -6.88 9.42
N LEU D 141 40.73 -7.12 8.13
CA LEU D 141 41.47 -6.39 7.10
C LEU D 141 41.13 -4.90 7.12
N ALA D 142 39.90 -4.56 7.46
CA ALA D 142 39.51 -3.16 7.57
C ALA D 142 39.83 -2.53 8.94
N GLY D 143 40.21 -3.34 9.90
CA GLY D 143 40.40 -2.86 11.27
C GLY D 143 39.10 -2.41 11.89
N LYS D 144 38.00 -3.10 11.56
CA LYS D 144 36.67 -2.73 12.07
CA LYS D 144 36.67 -2.73 12.07
C LYS D 144 35.88 -3.96 12.50
N PRO D 145 34.92 -3.76 13.43
CA PRO D 145 34.03 -4.88 13.75
C PRO D 145 33.12 -5.13 12.55
N VAL D 146 32.73 -6.38 12.35
CA VAL D 146 31.82 -6.71 11.24
C VAL D 146 30.55 -5.84 11.27
N VAL D 147 29.99 -5.57 12.44
CA VAL D 147 28.75 -4.76 12.47
C VAL D 147 28.94 -3.43 11.74
N GLU D 148 30.13 -2.82 11.84
CA GLU D 148 30.38 -1.57 11.14
C GLU D 148 30.51 -1.75 9.62
N LEU D 149 31.09 -2.85 9.18
CA LEU D 149 31.10 -3.15 7.75
C LEU D 149 29.67 -3.25 7.22
N LEU D 150 28.77 -3.76 8.06
CA LEU D 150 27.39 -4.01 7.64
C LEU D 150 26.53 -2.75 7.70
N GLY D 151 27.14 -1.60 8.01
CA GLY D 151 26.40 -0.33 8.00
C GLY D 151 25.68 -0.01 9.30
N GLY D 152 26.02 -0.75 10.35
CA GLY D 152 25.44 -0.52 11.66
C GLY D 152 26.48 -0.07 12.68
N SER D 153 26.08 -0.06 13.95
CA SER D 153 27.01 0.32 15.02
C SER D 153 27.01 -0.73 16.11
N ALA D 154 28.14 -0.87 16.78
CA ALA D 154 28.24 -1.77 17.94
C ALA D 154 27.56 -1.14 19.13
N ARG D 155 26.40 -1.65 19.46
CA ARG D 155 25.63 -1.15 20.60
C ARG D 155 25.01 -2.31 21.37
N PRO D 156 24.63 -2.04 22.62
CA PRO D 156 24.15 -3.10 23.48
C PRO D 156 22.83 -3.67 22.96
N ILE D 157 22.75 -4.99 22.92
CA ILE D 157 21.54 -5.68 22.50
C ILE D 157 21.00 -6.39 23.75
N PRO D 158 19.68 -6.25 24.01
CA PRO D 158 19.08 -6.97 25.15
C PRO D 158 19.35 -8.45 25.03
N ALA D 159 19.75 -9.08 26.14
CA ALA D 159 20.14 -10.48 26.12
C ALA D 159 19.32 -11.25 27.15
N TYR D 160 19.19 -12.55 26.94
CA TYR D 160 18.67 -13.40 28.00
C TYR D 160 19.64 -14.49 28.34
N ASP D 161 19.55 -14.95 29.58
CA ASP D 161 20.46 -15.97 30.04
C ASP D 161 19.80 -17.33 29.84
N SER D 162 20.47 -18.20 29.11
CA SER D 162 19.86 -19.45 28.61
C SER D 162 20.32 -20.68 29.40
N TYR D 163 19.35 -21.33 30.07
CA TYR D 163 19.62 -22.48 30.95
C TYR D 163 18.97 -23.78 30.46
N GLY D 164 19.39 -24.90 31.05
CA GLY D 164 18.70 -26.16 30.91
C GLY D 164 17.53 -26.14 31.87
N VAL D 165 17.03 -27.32 32.21
CA VAL D 165 15.95 -27.41 33.20
C VAL D 165 16.45 -26.70 34.48
N LEU D 166 15.63 -25.80 35.04
CA LEU D 166 15.97 -25.09 36.29
C LEU D 166 15.09 -25.56 37.42
N ASP D 167 15.59 -25.44 38.66
CA ASP D 167 14.82 -25.65 39.88
C ASP D 167 14.99 -24.38 40.69
N ALA D 168 13.88 -23.74 41.06
CA ALA D 168 13.95 -22.44 41.71
C ALA D 168 14.65 -22.55 43.07
N ARG D 169 14.56 -23.72 43.69
CA ARG D 169 15.27 -23.95 44.94
C ARG D 169 16.77 -24.17 44.71
N ASP D 170 17.13 -25.25 44.02
CA ASP D 170 18.54 -25.62 43.80
C ASP D 170 19.33 -24.56 43.04
N ASP D 171 18.68 -23.86 42.12
CA ASP D 171 19.38 -22.92 41.25
C ASP D 171 19.22 -21.45 41.67
N GLU D 172 18.71 -21.22 42.87
CA GLU D 172 18.44 -19.87 43.34
C GLU D 172 19.67 -18.97 43.28
N ARG D 173 20.80 -19.48 43.76
CA ARG D 173 21.99 -18.66 43.83
C ARG D 173 22.46 -18.24 42.42
N THR D 174 22.54 -19.22 41.52
CA THR D 174 22.91 -18.97 40.12
C THR D 174 22.03 -17.91 39.46
N LEU D 175 20.73 -18.02 39.71
CA LEU D 175 19.77 -17.08 39.09
C LEU D 175 19.82 -15.70 39.74
N ARG D 176 20.07 -15.64 41.03
CA ARG D 176 20.23 -14.33 41.69
C ARG D 176 21.45 -13.58 41.17
N THR D 177 22.57 -14.30 41.00
CA THR D 177 23.76 -13.72 40.39
C THR D 177 23.42 -13.21 38.99
N ALA D 178 22.74 -14.04 38.20
CA ALA D 178 22.39 -13.63 36.84
C ALA D 178 21.62 -12.32 36.83
N CYS D 179 20.64 -12.18 37.71
CA CYS D 179 19.78 -11.01 37.65
C CYS D 179 20.36 -9.78 38.37
N ASP D 180 21.11 -10.04 39.44
CA ASP D 180 21.65 -8.98 40.29
C ASP D 180 23.04 -8.51 39.82
N GLU D 181 23.98 -9.44 39.72
CA GLU D 181 25.33 -9.13 39.28
C GLU D 181 25.42 -8.80 37.77
N HIS D 182 24.87 -9.66 36.92
CA HIS D 182 25.04 -9.47 35.48
C HIS D 182 23.93 -8.64 34.84
N GLY D 183 22.86 -8.40 35.59
CA GLY D 183 21.80 -7.50 35.17
C GLY D 183 20.84 -8.09 34.15
N PHE D 184 20.86 -9.40 33.96
CA PHE D 184 19.84 -10.02 33.09
C PHE D 184 18.42 -9.70 33.53
N ARG D 185 17.58 -9.33 32.56
CA ARG D 185 16.16 -9.09 32.80
C ARG D 185 15.26 -10.16 32.13
N ALA D 186 15.88 -11.26 31.70
CA ALA D 186 15.20 -12.31 30.94
C ALA D 186 15.97 -13.60 31.14
N ILE D 187 15.24 -14.70 31.37
CA ILE D 187 15.83 -16.01 31.64
C ILE D 187 15.06 -17.05 30.84
N LYS D 188 15.77 -17.99 30.24
CA LYS D 188 15.08 -19.11 29.56
C LYS D 188 15.40 -20.45 30.18
N SER D 189 14.40 -21.33 30.29
CA SER D 189 14.62 -22.66 30.79
C SER D 189 13.99 -23.67 29.85
N LYS D 190 14.17 -24.95 30.16
CA LYS D 190 13.73 -26.02 29.27
C LYS D 190 12.57 -26.79 29.88
N GLY D 191 11.72 -27.33 29.03
CA GLY D 191 10.59 -28.14 29.48
C GLY D 191 10.42 -29.33 28.58
N GLY D 192 9.47 -30.19 28.91
CA GLY D 192 9.16 -31.31 28.04
C GLY D 192 9.90 -32.57 28.46
N HIS D 193 10.72 -32.46 29.51
CA HIS D 193 11.49 -33.62 30.00
C HIS D 193 10.61 -34.62 30.78
N GLY D 194 9.46 -34.17 31.27
CA GLY D 194 8.51 -35.04 31.95
C GLY D 194 7.10 -34.67 31.56
N ASP D 195 6.17 -34.72 32.51
CA ASP D 195 4.79 -34.40 32.20
C ASP D 195 4.48 -32.93 32.36
N LEU D 196 3.24 -32.55 32.10
CA LEU D 196 2.86 -31.15 32.22
C LEU D 196 3.02 -30.64 33.66
N ALA D 197 2.61 -31.45 34.65
CA ALA D 197 2.77 -30.98 36.05
C ALA D 197 4.20 -30.55 36.37
N THR D 198 5.16 -31.29 35.86
CA THR D 198 6.58 -30.93 36.04
C THR D 198 6.92 -29.59 35.42
N ASP D 199 6.51 -29.36 34.18
CA ASP D 199 6.78 -28.05 33.56
C ASP D 199 6.11 -26.95 34.35
N GLU D 200 4.87 -27.17 34.75
CA GLU D 200 4.13 -26.13 35.44
C GLU D 200 4.77 -25.81 36.80
N ALA D 201 5.16 -26.85 37.52
CA ALA D 201 5.75 -26.64 38.84
C ALA D 201 7.04 -25.87 38.71
N MET D 202 7.81 -26.21 37.69
CA MET D 202 9.05 -25.50 37.44
C MET D 202 8.82 -24.03 37.12
N ILE D 203 7.93 -23.75 36.18
CA ILE D 203 7.64 -22.36 35.80
C ILE D 203 7.07 -21.56 36.98
N LYS D 204 6.16 -22.19 37.71
CA LYS D 204 5.53 -21.54 38.86
C LYS D 204 6.60 -21.10 39.86
N GLY D 205 7.52 -22.01 40.15
CA GLY D 205 8.61 -21.76 41.09
C GLY D 205 9.52 -20.64 40.61
N LEU D 206 9.79 -20.61 39.31
CA LEU D 206 10.69 -19.61 38.75
C LEU D 206 10.04 -18.25 38.79
N ARG D 207 8.76 -18.21 38.45
CA ARG D 207 8.04 -16.96 38.45
C ARG D 207 7.96 -16.41 39.90
N ALA D 208 7.81 -17.31 40.87
CA ALA D 208 7.72 -16.87 42.27
C ALA D 208 9.07 -16.34 42.76
N LEU D 209 10.15 -16.99 42.36
CA LEU D 209 11.49 -16.55 42.75
C LEU D 209 11.90 -15.24 42.09
N LEU D 210 11.66 -15.14 40.79
CA LEU D 210 12.15 -14.02 40.00
C LEU D 210 11.25 -12.79 40.05
N GLY D 211 10.00 -12.99 40.43
CA GLY D 211 9.04 -11.90 40.46
C GLY D 211 8.54 -11.54 39.07
N PRO D 212 7.67 -10.53 39.00
CA PRO D 212 6.94 -10.17 37.77
C PRO D 212 7.77 -9.46 36.70
N ASP D 213 8.92 -8.91 37.06
CA ASP D 213 9.62 -8.00 36.16
C ASP D 213 10.84 -8.65 35.52
N ILE D 214 10.93 -9.97 35.59
CA ILE D 214 11.95 -10.68 34.84
C ILE D 214 11.20 -11.48 33.78
N ALA D 215 11.63 -11.34 32.51
CA ALA D 215 11.02 -12.15 31.45
C ALA D 215 11.39 -13.62 31.59
N LEU D 216 10.46 -14.50 31.24
CA LEU D 216 10.71 -15.92 31.31
CA LEU D 216 10.72 -15.91 31.31
C LEU D 216 10.33 -16.56 29.98
N MET D 217 11.23 -17.35 29.44
CA MET D 217 10.98 -18.11 28.22
CA MET D 217 10.92 -18.11 28.24
C MET D 217 11.11 -19.60 28.48
N LEU D 218 10.33 -20.42 27.77
CA LEU D 218 10.35 -21.87 27.97
C LEU D 218 10.61 -22.56 26.63
N ASP D 219 11.61 -23.44 26.62
CA ASP D 219 12.07 -24.13 25.41
C ASP D 219 11.75 -25.61 25.55
N PHE D 220 10.83 -26.10 24.72
CA PHE D 220 10.48 -27.52 24.70
C PHE D 220 11.42 -28.40 23.85
N ASN D 221 12.35 -27.79 23.12
CA ASN D 221 13.30 -28.57 22.32
C ASN D 221 12.61 -29.66 21.50
N GLN D 222 11.50 -29.30 20.85
CA GLN D 222 10.87 -30.17 19.84
C GLN D 222 10.22 -31.40 20.43
N SER D 223 10.01 -31.44 21.74
CA SER D 223 9.70 -32.68 22.40
C SER D 223 8.20 -33.06 22.40
N LEU D 224 7.32 -32.16 21.95
CA LEU D 224 5.86 -32.42 22.01
C LEU D 224 5.31 -32.63 20.60
N ASP D 225 4.12 -33.21 20.49
CA ASP D 225 3.38 -33.11 19.21
C ASP D 225 2.44 -31.93 19.31
N PRO D 226 1.81 -31.52 18.18
CA PRO D 226 1.03 -30.30 18.22
C PRO D 226 -0.12 -30.33 19.20
N ALA D 227 -0.88 -31.41 19.30
CA ALA D 227 -1.99 -31.41 20.26
C ALA D 227 -1.48 -31.25 21.69
N GLU D 228 -0.40 -31.94 22.01
CA GLU D 228 0.12 -31.88 23.39
C GLU D 228 0.72 -30.51 23.67
N ALA D 229 1.37 -29.92 22.66
CA ALA D 229 1.87 -28.54 22.82
C ALA D 229 0.73 -27.60 23.14
N THR D 230 -0.34 -27.68 22.34
CA THR D 230 -1.49 -26.81 22.55
C THR D 230 -2.04 -26.99 23.97
N ARG D 231 -2.13 -28.23 24.41
CA ARG D 231 -2.68 -28.50 25.76
C ARG D 231 -1.78 -27.90 26.87
N ARG D 232 -0.47 -28.12 26.75
CA ARG D 232 0.47 -27.60 27.78
C ARG D 232 0.54 -26.08 27.77
N ILE D 233 0.61 -25.47 26.58
CA ILE D 233 0.75 -24.02 26.50
C ILE D 233 -0.44 -23.33 27.17
N ALA D 234 -1.63 -23.89 26.97
CA ALA D 234 -2.83 -23.27 27.54
C ALA D 234 -2.78 -23.29 29.06
N ARG D 235 -2.14 -24.31 29.59
CA ARG D 235 -2.02 -24.43 31.04
C ARG D 235 -0.92 -23.54 31.64
N LEU D 236 -0.08 -22.99 30.78
CA LEU D 236 1.04 -22.17 31.24
C LEU D 236 0.76 -20.69 31.01
N ALA D 237 -0.42 -20.42 30.50
CA ALA D 237 -0.86 -19.06 30.17
C ALA D 237 -0.75 -18.05 31.31
N ASP D 238 -0.92 -18.49 32.56
CA ASP D 238 -1.02 -17.55 33.66
C ASP D 238 0.31 -17.09 34.23
N TYR D 239 1.40 -17.62 33.69
CA TYR D 239 2.74 -17.31 34.19
C TYR D 239 3.46 -16.20 33.41
N ASP D 240 2.75 -15.55 32.49
CA ASP D 240 3.29 -14.38 31.75
C ASP D 240 4.61 -14.71 31.04
N LEU D 241 4.64 -15.81 30.28
CA LEU D 241 5.83 -16.19 29.54
C LEU D 241 6.00 -15.34 28.31
N THR D 242 7.26 -15.07 27.95
CA THR D 242 7.53 -14.25 26.78
C THR D 242 7.36 -15.07 25.49
N TRP D 243 7.80 -16.31 25.53
CA TRP D 243 7.62 -17.20 24.36
C TRP D 243 7.73 -18.66 24.72
N ILE D 244 7.16 -19.49 23.85
CA ILE D 244 7.30 -20.93 23.89
C ILE D 244 8.16 -21.31 22.68
N GLU D 245 9.29 -21.95 22.94
CA GLU D 245 10.27 -22.21 21.89
C GLU D 245 10.24 -23.69 21.40
N GLU D 246 10.24 -23.87 20.07
CA GLU D 246 10.21 -25.19 19.42
C GLU D 246 9.32 -26.20 20.14
N PRO D 247 8.03 -25.92 20.16
CA PRO D 247 7.11 -26.84 20.84
C PRO D 247 7.11 -28.26 20.21
N VAL D 248 7.32 -28.33 18.90
CA VAL D 248 7.28 -29.59 18.15
C VAL D 248 8.52 -29.74 17.24
N PRO D 249 8.66 -30.88 16.56
CA PRO D 249 9.86 -30.99 15.73
C PRO D 249 10.02 -29.83 14.73
N GLN D 250 11.28 -29.42 14.56
CA GLN D 250 11.61 -28.26 13.74
C GLN D 250 11.18 -28.42 12.29
N GLU D 251 11.21 -29.64 11.75
CA GLU D 251 10.80 -29.86 10.36
C GLU D 251 9.29 -29.78 10.17
N ASN D 252 8.55 -29.83 11.28
CA ASN D 252 7.10 -29.87 11.23
C ASN D 252 6.59 -28.44 11.21
N LEU D 253 6.68 -27.78 10.05
CA LEU D 253 6.24 -26.38 9.92
C LEU D 253 4.72 -26.29 10.07
N SER D 254 4.00 -27.23 9.45
CA SER D 254 2.56 -27.25 9.55
C SER D 254 2.07 -27.43 10.97
N GLY D 255 2.77 -28.29 11.70
CA GLY D 255 2.46 -28.52 13.11
C GLY D 255 2.75 -27.29 13.98
N HIS D 256 3.90 -26.64 13.75
CA HIS D 256 4.13 -25.36 14.40
C HIS D 256 3.03 -24.35 14.12
N ALA D 257 2.62 -24.23 12.85
CA ALA D 257 1.56 -23.26 12.50
C ALA D 257 0.26 -23.58 13.25
N ALA D 258 -0.07 -24.86 13.37
CA ALA D 258 -1.29 -25.24 14.06
C ALA D 258 -1.23 -24.84 15.55
N VAL D 259 -0.06 -25.04 16.16
CA VAL D 259 0.15 -24.65 17.58
C VAL D 259 0.04 -23.13 17.70
N ARG D 260 0.74 -22.44 16.82
CA ARG D 260 0.67 -21.00 16.78
C ARG D 260 -0.74 -20.44 16.71
N GLU D 261 -1.59 -21.00 15.84
CA GLU D 261 -2.92 -20.46 15.64
CA GLU D 261 -2.94 -20.46 15.65
C GLU D 261 -3.77 -20.59 16.92
N ARG D 262 -3.48 -21.61 17.72
CA ARG D 262 -4.26 -21.87 18.95
C ARG D 262 -3.63 -21.25 20.20
N SER D 263 -2.37 -20.83 20.08
CA SER D 263 -1.60 -20.43 21.26
C SER D 263 -1.88 -18.99 21.67
N GLU D 264 -2.03 -18.77 22.96
CA GLU D 264 -2.08 -17.41 23.50
C GLU D 264 -0.69 -16.90 23.89
N ILE D 265 0.33 -17.75 23.80
CA ILE D 265 1.72 -17.31 24.07
C ILE D 265 2.49 -17.33 22.72
N PRO D 266 3.32 -16.31 22.46
CA PRO D 266 4.06 -16.31 21.19
C PRO D 266 4.88 -17.57 21.01
N ILE D 267 4.86 -18.08 19.79
CA ILE D 267 5.64 -19.27 19.42
C ILE D 267 6.94 -18.81 18.78
N GLN D 268 8.04 -19.36 19.30
CA GLN D 268 9.39 -19.04 18.83
C GLN D 268 10.01 -20.30 18.22
N ALA D 269 10.78 -20.12 17.15
CA ALA D 269 11.37 -21.29 16.50
C ALA D 269 12.40 -20.79 15.49
N GLY D 270 13.09 -21.71 14.83
CA GLY D 270 13.98 -21.31 13.77
C GLY D 270 15.43 -21.66 13.94
N GLU D 271 15.80 -22.08 15.14
CA GLU D 271 17.20 -22.33 15.39
C GLU D 271 17.72 -23.53 14.57
N ASN D 272 16.80 -24.33 14.03
CA ASN D 272 17.18 -25.53 13.32
C ASN D 272 16.84 -25.52 11.82
N TRP D 273 16.34 -24.38 11.36
CA TRP D 273 15.99 -24.26 9.94
C TRP D 273 17.20 -23.88 9.10
N TRP D 274 17.16 -24.30 7.84
CA TRP D 274 18.33 -24.26 6.96
C TRP D 274 18.23 -23.19 5.90
N PHE D 275 19.12 -22.21 5.99
CA PHE D 275 19.31 -21.18 4.94
C PHE D 275 18.11 -20.26 4.70
N PRO D 276 18.30 -19.23 3.87
CA PRO D 276 17.20 -18.33 3.68
C PRO D 276 15.94 -19.04 3.16
N ARG D 277 16.12 -20.08 2.32
CA ARG D 277 14.91 -20.76 1.80
C ARG D 277 14.14 -21.47 2.89
N GLY D 278 14.86 -22.07 3.85
CA GLY D 278 14.21 -22.72 5.00
C GLY D 278 13.32 -21.75 5.75
N PHE D 279 13.83 -20.55 5.97
CA PHE D 279 13.00 -19.49 6.58
C PHE D 279 11.83 -19.06 5.70
N ALA D 280 12.06 -18.94 4.41
CA ALA D 280 11.00 -18.49 3.52
C ALA D 280 9.82 -19.50 3.56
N GLU D 281 10.11 -20.78 3.61
CA GLU D 281 9.04 -21.76 3.67
C GLU D 281 8.34 -21.75 5.03
N ALA D 282 9.11 -21.58 6.10
CA ALA D 282 8.50 -21.53 7.46
C ALA D 282 7.59 -20.30 7.56
N ILE D 283 8.06 -19.17 7.04
CA ILE D 283 7.27 -17.93 7.09
C ILE D 283 6.01 -18.08 6.20
N ALA D 284 6.16 -18.71 5.04
CA ALA D 284 5.02 -18.96 4.14
C ALA D 284 3.97 -19.85 4.81
N ALA D 285 4.43 -20.80 5.63
CA ALA D 285 3.53 -21.68 6.39
C ALA D 285 2.94 -21.05 7.64
N GLY D 286 3.48 -19.90 8.03
CA GLY D 286 3.06 -19.19 9.25
C GLY D 286 3.44 -20.00 10.49
N ALA D 287 4.63 -20.60 10.48
CA ALA D 287 5.07 -21.54 11.55
C ALA D 287 5.19 -20.87 12.94
N SER D 288 5.59 -19.60 12.98
CA SER D 288 5.91 -18.96 14.28
C SER D 288 5.62 -17.48 14.35
N ASP D 289 5.54 -16.95 15.58
CA ASP D 289 5.37 -15.53 15.80
C ASP D 289 6.70 -14.79 15.80
N PHE D 290 7.71 -15.46 16.35
CA PHE D 290 9.09 -14.93 16.49
C PHE D 290 9.98 -15.94 15.76
N ILE D 291 11.17 -15.51 15.30
CA ILE D 291 12.15 -16.50 14.89
C ILE D 291 13.49 -16.23 15.54
N MET D 292 14.36 -17.24 15.57
CA MET D 292 15.72 -17.09 16.10
C MET D 292 16.69 -17.97 15.31
N PRO D 293 17.12 -17.47 14.16
CA PRO D 293 18.05 -18.21 13.34
C PRO D 293 19.36 -18.52 14.09
N ASP D 294 19.99 -19.63 13.73
CA ASP D 294 21.31 -19.99 14.21
C ASP D 294 22.30 -19.63 13.07
N LEU D 295 23.28 -18.79 13.37
CA LEU D 295 24.24 -18.45 12.31
C LEU D 295 24.89 -19.65 11.61
N MET D 296 25.01 -20.77 12.32
CA MET D 296 25.55 -22.01 11.71
C MET D 296 24.61 -22.68 10.71
N LYS D 297 23.32 -22.35 10.75
CA LYS D 297 22.35 -23.06 9.92
C LYS D 297 21.64 -22.15 8.90
N VAL D 298 21.64 -20.86 9.17
CA VAL D 298 20.99 -19.88 8.29
C VAL D 298 21.86 -19.47 7.10
N GLY D 299 23.12 -19.90 7.08
CA GLY D 299 24.05 -19.53 5.98
C GLY D 299 25.01 -18.44 6.43
N GLY D 300 25.38 -18.48 7.71
CA GLY D 300 26.30 -17.45 8.27
C GLY D 300 25.75 -16.05 8.20
N ILE D 301 26.65 -15.08 8.14
CA ILE D 301 26.29 -13.67 8.09
C ILE D 301 25.50 -13.35 6.81
N THR D 302 26.01 -13.83 5.68
CA THR D 302 25.36 -13.58 4.41
C THR D 302 23.89 -14.06 4.45
N GLY D 303 23.66 -15.26 4.93
CA GLY D 303 22.28 -15.78 4.95
C GLY D 303 21.42 -15.06 5.99
N TRP D 304 22.02 -14.73 7.13
CA TRP D 304 21.31 -13.98 8.19
C TRP D 304 20.72 -12.69 7.60
N LEU D 305 21.51 -11.95 6.81
CA LEU D 305 21.08 -10.68 6.26
C LEU D 305 19.84 -10.83 5.35
N ASN D 306 19.82 -11.90 4.58
CA ASN D 306 18.68 -12.22 3.71
CA ASN D 306 18.66 -12.16 3.71
C ASN D 306 17.43 -12.41 4.60
N VAL D 307 17.60 -13.23 5.64
CA VAL D 307 16.46 -13.58 6.52
C VAL D 307 16.01 -12.36 7.30
N ALA D 308 16.94 -11.46 7.63
CA ALA D 308 16.52 -10.22 8.30
C ALA D 308 15.52 -9.42 7.44
N GLY D 309 15.76 -9.38 6.13
CA GLY D 309 14.83 -8.73 5.22
C GLY D 309 13.46 -9.42 5.24
N GLN D 310 13.48 -10.74 5.24
CA GLN D 310 12.23 -11.54 5.30
C GLN D 310 11.47 -11.26 6.60
N ALA D 311 12.18 -11.22 7.71
CA ALA D 311 11.48 -11.05 8.99
C ALA D 311 10.86 -9.65 9.11
N ASP D 312 11.53 -8.64 8.55
CA ASP D 312 11.01 -7.29 8.50
C ASP D 312 9.71 -7.31 7.72
N ALA D 313 9.72 -7.95 6.54
CA ALA D 313 8.53 -8.00 5.67
C ALA D 313 7.35 -8.71 6.40
N ALA D 314 7.67 -9.76 7.15
CA ALA D 314 6.64 -10.56 7.83
C ALA D 314 6.28 -9.98 9.19
N SER D 315 6.97 -8.92 9.61
CA SER D 315 6.85 -8.32 10.95
C SER D 315 7.08 -9.34 12.04
N ILE D 316 8.17 -10.09 11.91
CA ILE D 316 8.51 -11.14 12.85
C ILE D 316 9.74 -10.73 13.65
N PRO D 317 9.58 -10.54 14.98
CA PRO D 317 10.74 -10.25 15.84
C PRO D 317 11.80 -11.34 15.73
N MET D 318 13.06 -10.95 15.56
CA MET D 318 14.13 -11.88 15.20
C MET D 318 15.24 -11.86 16.23
N SER D 319 15.45 -12.98 16.89
CA SER D 319 16.47 -13.16 17.92
C SER D 319 17.55 -14.06 17.38
N SER D 320 18.58 -14.32 18.17
CA SER D 320 19.64 -15.23 17.72
C SER D 320 19.60 -16.53 18.52
N HIS D 321 20.15 -17.58 17.92
CA HIS D 321 20.42 -18.82 18.62
C HIS D 321 21.91 -19.01 18.88
N ILE D 322 22.29 -18.98 20.16
CA ILE D 322 23.69 -19.13 20.58
C ILE D 322 24.68 -18.34 19.69
N LEU D 323 25.93 -18.80 19.58
CA LEU D 323 26.97 -18.00 18.89
C LEU D 323 26.79 -16.53 19.23
N PRO D 324 26.78 -16.20 20.52
CA PRO D 324 26.50 -14.84 20.95
C PRO D 324 27.54 -13.83 20.44
N GLU D 325 28.79 -14.27 20.29
CA GLU D 325 29.82 -13.32 19.81
C GLU D 325 29.50 -12.78 18.42
N ALA D 326 29.22 -13.72 17.51
CA ALA D 326 28.94 -13.31 16.14
C ALA D 326 27.54 -12.71 16.02
N SER D 327 26.59 -13.20 16.82
CA SER D 327 25.21 -12.67 16.76
C SER D 327 25.16 -11.20 17.15
N ALA D 328 26.06 -10.80 18.04
CA ALA D 328 26.11 -9.41 18.46
C ALA D 328 26.45 -8.44 17.30
N HIS D 329 27.06 -8.97 16.24
CA HIS D 329 27.38 -8.15 15.07
C HIS D 329 26.26 -8.03 14.06
N VAL D 330 25.33 -9.00 14.04
CA VAL D 330 24.23 -8.90 13.05
C VAL D 330 22.89 -8.36 13.62
N LEU D 331 22.64 -8.57 14.90
CA LEU D 331 21.39 -8.05 15.46
C LEU D 331 21.26 -6.55 15.32
N PRO D 332 22.39 -5.79 15.40
CA PRO D 332 22.25 -4.36 15.22
C PRO D 332 21.82 -3.89 13.84
N VAL D 333 21.93 -4.75 12.82
CA VAL D 333 21.43 -4.36 11.49
C VAL D 333 20.18 -5.16 11.08
N THR D 334 19.53 -5.78 12.07
CA THR D 334 18.33 -6.58 11.82
C THR D 334 17.14 -5.68 12.18
N PRO D 335 16.30 -5.31 11.22
CA PRO D 335 15.21 -4.37 11.46
C PRO D 335 14.31 -4.79 12.62
N THR D 336 14.08 -6.09 12.79
CA THR D 336 13.18 -6.57 13.86
C THR D 336 13.94 -7.21 15.03
N ALA D 337 15.20 -6.79 15.22
CA ALA D 337 16.01 -7.35 16.29
C ALA D 337 15.24 -7.42 17.60
N HIS D 338 15.38 -8.54 18.28
CA HIS D 338 14.61 -8.81 19.49
C HIS D 338 15.64 -9.14 20.59
N PHE D 339 15.93 -10.42 20.85
CA PHE D 339 16.90 -10.80 21.90
C PHE D 339 18.17 -11.46 21.38
N LEU D 340 19.26 -11.29 22.12
CA LEU D 340 20.47 -12.08 21.90
C LEU D 340 20.52 -13.18 22.96
N GLU D 341 20.67 -14.44 22.53
CA GLU D 341 20.76 -15.54 23.47
C GLU D 341 22.14 -15.73 24.07
N VAL D 342 22.23 -15.65 25.40
CA VAL D 342 23.54 -15.95 26.04
C VAL D 342 23.61 -17.36 26.56
N LEU D 343 24.41 -18.14 25.85
CA LEU D 343 24.84 -19.47 26.24
C LEU D 343 26.30 -19.53 25.77
N ASP D 344 27.23 -19.59 26.72
CA ASP D 344 28.64 -19.35 26.42
C ASP D 344 29.45 -20.64 26.36
N PHE D 345 29.48 -21.28 25.19
CA PHE D 345 30.25 -22.51 24.99
C PHE D 345 31.73 -22.22 24.71
N ALA D 346 32.01 -21.06 24.12
CA ALA D 346 33.34 -20.85 23.52
C ALA D 346 34.28 -20.02 24.40
N GLY D 347 33.78 -19.46 25.49
CA GLY D 347 34.56 -18.49 26.26
C GLY D 347 35.94 -19.07 26.64
N ALA D 348 35.97 -20.37 26.91
CA ALA D 348 37.20 -21.04 27.36
C ALA D 348 38.31 -20.97 26.32
N ILE D 349 37.95 -20.90 25.05
CA ILE D 349 38.98 -20.90 24.00
C ILE D 349 39.13 -19.59 23.26
N LEU D 350 38.53 -18.53 23.79
CA LEU D 350 38.64 -17.24 23.14
C LEU D 350 39.64 -16.34 23.87
N THR D 351 40.38 -15.54 23.11
CA THR D 351 41.20 -14.48 23.69
C THR D 351 40.37 -13.45 24.47
N GLU D 352 39.22 -13.08 23.91
CA GLU D 352 38.33 -12.12 24.55
C GLU D 352 36.93 -12.72 24.68
N PRO D 353 36.64 -13.42 25.79
CA PRO D 353 35.34 -14.06 25.97
C PRO D 353 34.21 -13.05 26.00
N LEU D 354 33.00 -13.53 25.72
CA LEU D 354 31.82 -12.70 25.76
C LEU D 354 31.70 -11.97 27.09
N ARG D 355 31.24 -10.75 27.06
CA ARG D 355 30.92 -9.99 28.24
CA ARG D 355 30.94 -9.96 28.26
C ARG D 355 29.47 -9.53 28.26
N VAL D 356 28.79 -9.72 29.36
CA VAL D 356 27.46 -9.21 29.50
C VAL D 356 27.49 -8.04 30.50
N ILE D 357 26.89 -6.91 30.12
CA ILE D 357 26.82 -5.77 31.02
C ILE D 357 25.40 -5.27 31.14
N ASP D 358 24.89 -5.24 32.37
CA ASP D 358 23.55 -4.75 32.57
CA ASP D 358 23.54 -4.78 32.61
C ASP D 358 22.55 -5.53 31.69
N GLY D 359 22.76 -6.85 31.59
CA GLY D 359 21.85 -7.71 30.82
C GLY D 359 21.87 -7.49 29.31
N LYS D 360 22.95 -6.90 28.79
CA LYS D 360 23.05 -6.63 27.35
C LYS D 360 24.43 -7.00 26.84
N VAL D 361 24.49 -7.21 25.52
CA VAL D 361 25.73 -7.64 24.89
C VAL D 361 26.07 -6.70 23.76
N THR D 362 27.34 -6.28 23.72
CA THR D 362 27.79 -5.36 22.67
C THR D 362 28.83 -6.07 21.79
N ALA D 363 28.73 -5.90 20.48
CA ALA D 363 29.68 -6.53 19.53
C ALA D 363 31.09 -6.03 19.81
N LYS D 364 32.07 -6.90 19.69
CA LYS D 364 33.45 -6.45 19.78
CA LYS D 364 33.50 -6.55 19.83
C LYS D 364 34.20 -6.89 18.53
N GLY D 365 35.14 -6.05 18.11
CA GLY D 365 35.94 -6.34 16.93
C GLY D 365 37.42 -6.46 17.29
N PRO D 366 38.30 -6.39 16.30
CA PRO D 366 37.90 -6.26 14.89
C PRO D 366 37.37 -7.61 14.37
N GLY D 367 36.78 -7.60 13.18
CA GLY D 367 36.13 -8.80 12.66
C GLY D 367 34.97 -9.12 13.60
N LEU D 368 34.82 -10.41 13.92
CA LEU D 368 33.80 -10.90 14.85
C LEU D 368 34.30 -10.93 16.28
N GLY D 369 35.54 -10.51 16.49
CA GLY D 369 36.13 -10.55 17.82
C GLY D 369 36.43 -11.95 18.30
N LEU D 370 36.77 -12.83 17.36
CA LEU D 370 37.05 -14.21 17.66
C LEU D 370 38.54 -14.43 17.36
N ALA D 371 39.32 -14.62 18.40
CA ALA D 371 40.72 -14.98 18.27
C ALA D 371 40.91 -16.04 19.34
N TRP D 372 41.78 -16.99 19.09
CA TRP D 372 41.86 -18.14 19.97
C TRP D 372 42.88 -17.96 21.10
N ASN D 373 42.47 -18.40 22.29
CA ASN D 373 43.39 -18.65 23.39
CA ASN D 373 43.42 -18.64 23.38
C ASN D 373 44.08 -19.98 23.10
N GLU D 374 45.24 -19.91 22.44
CA GLU D 374 45.87 -21.12 21.93
C GLU D 374 46.28 -22.11 23.01
N SER D 375 46.65 -21.65 24.19
CA SER D 375 47.00 -22.60 25.25
C SER D 375 45.76 -23.38 25.67
N ALA D 376 44.60 -22.72 25.64
CA ALA D 376 43.35 -23.40 25.99
C ALA D 376 42.92 -24.38 24.88
N VAL D 377 43.08 -23.96 23.62
CA VAL D 377 42.74 -24.84 22.52
C VAL D 377 43.55 -26.11 22.64
N ALA D 378 44.84 -25.96 22.95
CA ALA D 378 45.70 -27.12 23.09
C ALA D 378 45.20 -28.05 24.18
N LYS D 379 44.74 -27.48 25.29
CA LYS D 379 44.22 -28.29 26.40
C LYS D 379 42.95 -29.06 26.03
N TYR D 380 42.11 -28.47 25.19
CA TYR D 380 40.78 -29.03 24.94
C TYR D 380 40.64 -29.66 23.56
N GLN D 381 41.72 -29.66 22.79
CA GLN D 381 41.67 -30.21 21.45
C GLN D 381 41.44 -31.71 21.48
N VAL D 382 40.61 -32.21 20.56
CA VAL D 382 40.50 -33.64 20.37
C VAL D 382 40.83 -33.93 18.92
N THR D 383 41.48 -35.06 18.68
CA THR D 383 41.92 -35.40 17.33
C THR D 383 41.49 -36.82 16.92
#